data_4F3U
# 
_entry.id   4F3U 
# 
_audit_conform.dict_name       mmcif_pdbx.dic 
_audit_conform.dict_version    5.379 
_audit_conform.dict_location   http://mmcif.pdb.org/dictionaries/ascii/mmcif_pdbx.dic 
# 
loop_
_database_2.database_id 
_database_2.database_code 
_database_2.pdbx_database_accession 
_database_2.pdbx_DOI 
PDB   4F3U         pdb_00004f3u 10.2210/pdb4f3u/pdb 
NDB   NA1788       ?            ?                   
RCSB  RCSB072420   ?            ?                   
WWPDB D_1000072420 ?            ?                   
# 
_pdbx_database_related.db_name        PDB 
_pdbx_database_related.db_id          436D 
_pdbx_database_related.details        . 
_pdbx_database_related.content_type   unspecified 
# 
_pdbx_database_status.status_code                     REL 
_pdbx_database_status.entry_id                        4F3U 
_pdbx_database_status.recvd_initial_deposition_date   2012-05-09 
_pdbx_database_status.deposit_site                    RCSB 
_pdbx_database_status.process_site                    RCSB 
_pdbx_database_status.status_code_sf                  REL 
_pdbx_database_status.status_code_mr                  ? 
_pdbx_database_status.SG_entry                        ? 
_pdbx_database_status.status_code_cs                  ? 
_pdbx_database_status.methods_development_category    ? 
_pdbx_database_status.pdb_format_compatible           Y 
_pdbx_database_status.status_code_nmr_data            ? 
# 
loop_
_audit_author.name 
_audit_author.pdbx_ordinal 
'Szulik, M.W.'   1 
'Nocek, B.'      2 
'Joachimiak, A.' 3 
'Stone, M.P.'    4 
# 
_citation.id                        primary 
_citation.title                     
;Crystal structure of 5-hydroxy-2'-deoxycytidine base paired with 2'-deoxyguanosine in Dickerson Drew Dodecamer
;
_citation.journal_abbrev            'TO BE PUBLISHED' 
_citation.journal_volume            ? 
_citation.page_first                ? 
_citation.page_last                 ? 
_citation.year                      ? 
_citation.journal_id_ASTM           ? 
_citation.country                   ? 
_citation.journal_id_ISSN           ? 
_citation.journal_id_CSD            0353 
_citation.book_publisher            ? 
_citation.pdbx_database_id_PubMed   ? 
_citation.pdbx_database_id_DOI      ? 
# 
loop_
_citation_author.citation_id 
_citation_author.name 
_citation_author.ordinal 
_citation_author.identifier_ORCID 
primary 'Szulik, M.W.'   1 ? 
primary 'Nocek, B.'      2 ? 
primary 'Joachimiak, A.' 3 ? 
primary 'Stone, M.P.'    4 ? 
# 
_cell.entry_id           4F3U 
_cell.length_a           25.287 
_cell.length_b           40.217 
_cell.length_c           65.471 
_cell.angle_alpha        90.00 
_cell.angle_beta         90.00 
_cell.angle_gamma        90.00 
_cell.Z_PDB              8 
_cell.pdbx_unique_axis   ? 
_cell.length_a_esd       ? 
_cell.length_b_esd       ? 
_cell.length_c_esd       ? 
_cell.angle_alpha_esd    ? 
_cell.angle_beta_esd     ? 
_cell.angle_gamma_esd    ? 
# 
_symmetry.entry_id                         4F3U 
_symmetry.space_group_name_H-M             'P 21 21 21' 
_symmetry.pdbx_full_space_group_name_H-M   ? 
_symmetry.cell_setting                     ? 
_symmetry.Int_Tables_number                19 
_symmetry.space_group_name_Hall            ? 
# 
loop_
_entity.id 
_entity.type 
_entity.src_method 
_entity.pdbx_description 
_entity.formula_weight 
_entity.pdbx_number_of_molecules 
_entity.pdbx_ec 
_entity.pdbx_mutation 
_entity.pdbx_fragment 
_entity.details 
1 polymer     syn 
;DNA (5'-D(*CP*GP*CP*GP*AP*AP*TP*TP*(5OC)P*GP*CP*G)-3')
;
3679.392 2  ? ? ? ? 
2 non-polymer syn 'MAGNESIUM ION'                                          24.305   1  ? ? ? ? 
3 water       nat water                                                    18.015   94 ? ? ? ? 
# 
_entity_poly.entity_id                      1 
_entity_poly.type                           polydeoxyribonucleotide 
_entity_poly.nstd_linkage                   no 
_entity_poly.nstd_monomer                   yes 
_entity_poly.pdbx_seq_one_letter_code       '(DC)(DG)(DC)(DG)(DA)(DA)(DT)(DT)(5OC)(DG)(DC)(DG)' 
_entity_poly.pdbx_seq_one_letter_code_can   CGCGAATTXGCG 
_entity_poly.pdbx_strand_id                 A,B 
_entity_poly.pdbx_target_identifier         ? 
# 
loop_
_entity_poly_seq.entity_id 
_entity_poly_seq.num 
_entity_poly_seq.mon_id 
_entity_poly_seq.hetero 
1 1  DC  n 
1 2  DG  n 
1 3  DC  n 
1 4  DG  n 
1 5  DA  n 
1 6  DA  n 
1 7  DT  n 
1 8  DT  n 
1 9  5OC n 
1 10 DG  n 
1 11 DC  n 
1 12 DG  n 
# 
_pdbx_entity_src_syn.entity_id              1 
_pdbx_entity_src_syn.pdbx_src_id            1 
_pdbx_entity_src_syn.pdbx_alt_source_flag   sample 
_pdbx_entity_src_syn.pdbx_beg_seq_num       ? 
_pdbx_entity_src_syn.pdbx_end_seq_num       ? 
_pdbx_entity_src_syn.organism_scientific    synthetic 
_pdbx_entity_src_syn.organism_common_name   ? 
_pdbx_entity_src_syn.ncbi_taxonomy_id       32630 
_pdbx_entity_src_syn.details                ? 
# 
_struct_ref.id                         1 
_struct_ref.db_name                    PDB 
_struct_ref.db_code                    4F3U 
_struct_ref.pdbx_db_accession          4F3U 
_struct_ref.entity_id                  1 
_struct_ref.pdbx_align_begin           ? 
_struct_ref.pdbx_seq_one_letter_code   ? 
_struct_ref.pdbx_db_isoform            ? 
# 
loop_
_struct_ref_seq.align_id 
_struct_ref_seq.ref_id 
_struct_ref_seq.pdbx_PDB_id_code 
_struct_ref_seq.pdbx_strand_id 
_struct_ref_seq.seq_align_beg 
_struct_ref_seq.pdbx_seq_align_beg_ins_code 
_struct_ref_seq.seq_align_end 
_struct_ref_seq.pdbx_seq_align_end_ins_code 
_struct_ref_seq.pdbx_db_accession 
_struct_ref_seq.db_align_beg 
_struct_ref_seq.pdbx_db_align_beg_ins_code 
_struct_ref_seq.db_align_end 
_struct_ref_seq.pdbx_db_align_end_ins_code 
_struct_ref_seq.pdbx_auth_seq_align_beg 
_struct_ref_seq.pdbx_auth_seq_align_end 
1 1 4F3U A 1 ? 12 ? 4F3U 1  ? 12 ? 1  12 
2 1 4F3U B 1 ? 12 ? 4F3U 13 ? 24 ? 13 24 
# 
loop_
_chem_comp.id 
_chem_comp.type 
_chem_comp.mon_nstd_flag 
_chem_comp.name 
_chem_comp.pdbx_synonyms 
_chem_comp.formula 
_chem_comp.formula_weight 
5OC 'DNA linking' . 
;2'-deoxy-5-hydroxycytidine 5'-(dihydrogen phosphate)
;
? 'C9 H14 N3 O8 P'  323.197 
DA  'DNA linking' y "2'-DEOXYADENOSINE-5'-MONOPHOSPHATE"                   ? 'C10 H14 N5 O6 P' 331.222 
DC  'DNA linking' y "2'-DEOXYCYTIDINE-5'-MONOPHOSPHATE"                    ? 'C9 H14 N3 O7 P'  307.197 
DG  'DNA linking' y "2'-DEOXYGUANOSINE-5'-MONOPHOSPHATE"                   ? 'C10 H14 N5 O7 P' 347.221 
DT  'DNA linking' y "THYMIDINE-5'-MONOPHOSPHATE"                           ? 'C10 H15 N2 O8 P' 322.208 
HOH non-polymer   . WATER                                                  ? 'H2 O'            18.015  
MG  non-polymer   . 'MAGNESIUM ION'                                        ? 'Mg 2'            24.305  
# 
_exptl.entry_id          4F3U 
_exptl.method            'X-RAY DIFFRACTION' 
_exptl.crystals_number   1 
# 
_exptl_crystal.id                    1 
_exptl_crystal.density_meas          ? 
_exptl_crystal.density_Matthews      2.26 
_exptl_crystal.density_percent_sol   45.62 
_exptl_crystal.description           ? 
_exptl_crystal.F_000                 ? 
_exptl_crystal.preparation           ? 
# 
_exptl_crystal_grow.crystal_id      1 
_exptl_crystal_grow.method          'VAPOR DIFFUSION, HANGING DROP' 
_exptl_crystal_grow.temp            291 
_exptl_crystal_grow.temp_details    ? 
_exptl_crystal_grow.pH              7.0 
_exptl_crystal_grow.pdbx_details    
;10% MPD, 40mM sodium cacodylate, 12 mM spermine-tetra-HCl, 80mM sodium chloride, 20mM magnesium chloride., pH 7.0, VAPOR DIFFUSION, HANGING DROP, temperature 291K
;
_exptl_crystal_grow.pdbx_pH_range   ? 
# 
_diffrn.id                     1 
_diffrn.ambient_temp           100 
_diffrn.ambient_temp_details   ? 
_diffrn.crystal_id             1 
# 
_diffrn_detector.diffrn_id              1 
_diffrn_detector.detector               CCD 
_diffrn_detector.type                   'ADSC QUANTUM 315r' 
_diffrn_detector.pdbx_collection_date   2012-02-05 
_diffrn_detector.details                mirrors 
# 
_diffrn_radiation.diffrn_id                        1 
_diffrn_radiation.wavelength_id                    1 
_diffrn_radiation.pdbx_monochromatic_or_laue_m_l   M 
_diffrn_radiation.monochromator                    'double crystal' 
_diffrn_radiation.pdbx_diffrn_protocol             'SINGLE WAVELENGTH' 
_diffrn_radiation.pdbx_scattering_type             x-ray 
# 
_diffrn_radiation_wavelength.id           1 
_diffrn_radiation_wavelength.wavelength   0.9794 
_diffrn_radiation_wavelength.wt           1.0 
# 
_diffrn_source.diffrn_id                   1 
_diffrn_source.source                      SYNCHROTRON 
_diffrn_source.type                        'APS BEAMLINE 19-ID' 
_diffrn_source.pdbx_synchrotron_site       APS 
_diffrn_source.pdbx_synchrotron_beamline   19-ID 
_diffrn_source.pdbx_wavelength             ? 
_diffrn_source.pdbx_wavelength_list        0.9794 
# 
_reflns.entry_id                     4F3U 
_reflns.observed_criterion_sigma_I   ? 
_reflns.observed_criterion_sigma_F   2.0 
_reflns.d_resolution_low             25.0 
_reflns.d_resolution_high            1.40 
_reflns.number_obs                   13485 
_reflns.number_all                   13718 
_reflns.percent_possible_obs         98.3 
_reflns.pdbx_Rmerge_I_obs            0.051 
_reflns.pdbx_Rsym_value              ? 
_reflns.pdbx_netI_over_sigmaI        35.1 
_reflns.B_iso_Wilson_estimate        ? 
_reflns.pdbx_redundancy              6.7 
_reflns.R_free_details               ? 
_reflns.limit_h_max                  ? 
_reflns.limit_h_min                  ? 
_reflns.limit_k_max                  ? 
_reflns.limit_k_min                  ? 
_reflns.limit_l_max                  ? 
_reflns.limit_l_min                  ? 
_reflns.observed_criterion_F_max     ? 
_reflns.observed_criterion_F_min     ? 
_reflns.pdbx_chi_squared             ? 
_reflns.pdbx_scaling_rejects         ? 
_reflns.pdbx_ordinal                 1 
_reflns.pdbx_diffrn_id               1 
# 
_reflns_shell.d_res_high             1.40 
_reflns_shell.d_res_low              1.42 
_reflns_shell.percent_possible_all   95.4 
_reflns_shell.Rmerge_I_obs           ? 
_reflns_shell.pdbx_Rsym_value        ? 
_reflns_shell.meanI_over_sigI_obs    ? 
_reflns_shell.pdbx_redundancy        ? 
_reflns_shell.percent_possible_obs   ? 
_reflns_shell.number_unique_all      ? 
_reflns_shell.number_measured_all    ? 
_reflns_shell.number_measured_obs    ? 
_reflns_shell.number_unique_obs      ? 
_reflns_shell.pdbx_chi_squared       ? 
_reflns_shell.pdbx_ordinal           1 
_reflns_shell.pdbx_diffrn_id         1 
# 
_refine.entry_id                                 4F3U 
_refine.ls_number_reflns_obs                     12724 
_refine.ls_number_reflns_all                     13382 
_refine.pdbx_ls_sigma_I                          ? 
_refine.pdbx_ls_sigma_F                          ? 
_refine.pdbx_data_cutoff_high_absF               ? 
_refine.pdbx_data_cutoff_low_absF                ? 
_refine.pdbx_data_cutoff_high_rms_absF           ? 
_refine.ls_d_res_low                             25.00 
_refine.ls_d_res_high                            1.401 
_refine.ls_percent_reflns_obs                    97.71 
_refine.ls_R_factor_obs                          0.17555 
_refine.ls_R_factor_all                          0.18 
_refine.ls_R_factor_R_work                       0.17234 
_refine.ls_R_factor_R_free                       0.23170 
_refine.ls_R_factor_R_free_error                 ? 
_refine.ls_R_factor_R_free_error_details         ? 
_refine.ls_percent_reflns_R_free                 4.9 
_refine.ls_number_reflns_R_free                  658 
_refine.ls_number_parameters                     ? 
_refine.ls_number_restraints                     ? 
_refine.occupancy_min                            ? 
_refine.occupancy_max                            ? 
_refine.correlation_coeff_Fo_to_Fc               0.970 
_refine.correlation_coeff_Fo_to_Fc_free          0.956 
_refine.B_iso_mean                               27.000 
_refine.aniso_B[1][1]                            3.09 
_refine.aniso_B[2][2]                            -2.47 
_refine.aniso_B[3][3]                            -0.62 
_refine.aniso_B[1][2]                            0.00 
_refine.aniso_B[1][3]                            0.00 
_refine.aniso_B[2][3]                            0.00 
_refine.solvent_model_details                    MASK 
_refine.solvent_model_param_ksol                 ? 
_refine.solvent_model_param_bsol                 ? 
_refine.pdbx_solvent_vdw_probe_radii             1.20 
_refine.pdbx_solvent_ion_probe_radii             0.80 
_refine.pdbx_solvent_shrinkage_radii             0.80 
_refine.pdbx_ls_cross_valid_method               THROUGHOUT 
_refine.details                                  'HYDROGENS HAVE BEEN ADDED IN THE RIDING POSITIONS' 
_refine.pdbx_starting_model                      'PDB ENTRY 436D' 
_refine.pdbx_method_to_determine_struct          'MOLECULAR REPLACEMENT' 
_refine.pdbx_isotropic_thermal_model             ? 
_refine.pdbx_stereochemistry_target_values       'MAXIMUM LIKELIHOOD' 
_refine.pdbx_stereochem_target_val_spec_case     ? 
_refine.pdbx_R_Free_selection_details            RANDOM 
_refine.pdbx_overall_ESU_R                       0.069 
_refine.pdbx_overall_ESU_R_Free                  0.071 
_refine.overall_SU_ML                            0.060 
_refine.pdbx_overall_phase_error                 ? 
_refine.overall_SU_B                             3.612 
_refine.overall_SU_R_Cruickshank_DPI             ? 
_refine.ls_redundancy_reflns_obs                 ? 
_refine.B_iso_min                                ? 
_refine.B_iso_max                                ? 
_refine.overall_SU_R_free                        ? 
_refine.ls_wR_factor_R_free                      ? 
_refine.ls_wR_factor_R_work                      ? 
_refine.overall_FOM_free_R_set                   ? 
_refine.overall_FOM_work_R_set                   ? 
_refine.pdbx_diffrn_id                           1 
_refine.pdbx_refine_id                           'X-RAY DIFFRACTION' 
_refine.pdbx_TLS_residual_ADP_flag               ? 
_refine.pdbx_overall_SU_R_free_Cruickshank_DPI   ? 
_refine.pdbx_overall_SU_R_Blow_DPI               ? 
_refine.pdbx_overall_SU_R_free_Blow_DPI          ? 
# 
_refine_hist.pdbx_refine_id                   'X-RAY DIFFRACTION' 
_refine_hist.cycle_id                         LAST 
_refine_hist.pdbx_number_atoms_protein        0 
_refine_hist.pdbx_number_atoms_nucleic_acid   488 
_refine_hist.pdbx_number_atoms_ligand         1 
_refine_hist.number_atoms_solvent             94 
_refine_hist.number_atoms_total               583 
_refine_hist.d_res_high                       1.401 
_refine_hist.d_res_low                        25.00 
# 
loop_
_refine_ls_restr.type 
_refine_ls_restr.dev_ideal 
_refine_ls_restr.dev_ideal_target 
_refine_ls_restr.weight 
_refine_ls_restr.number 
_refine_ls_restr.pdbx_restraint_function 
_refine_ls_restr.pdbx_refine_id 
r_bond_refined_d     0.019  0.011 ? 546 ? 'X-RAY DIFFRACTION' 
r_bond_other_d       0.003  0.020 ? 256 ? 'X-RAY DIFFRACTION' 
r_angle_refined_deg  2.400  1.479 ? 840 ? 'X-RAY DIFFRACTION' 
r_angle_other_deg    6.219  3.000 ? 610 ? 'X-RAY DIFFRACTION' 
r_chiral_restr       0.327  0.200 ? 74  ? 'X-RAY DIFFRACTION' 
r_gen_planes_refined 0.036  0.020 ? 290 ? 'X-RAY DIFFRACTION' 
r_gen_planes_other   0.027  0.020 ? 122 ? 'X-RAY DIFFRACTION' 
r_rigid_bond_restr   7.478  3.000 ? 802 ? 'X-RAY DIFFRACTION' 
r_sphericity_free    35.672 5.000 ? 20  ? 'X-RAY DIFFRACTION' 
r_sphericity_bonded  19.925 5.000 ? 819 ? 'X-RAY DIFFRACTION' 
# 
_refine_ls_shell.pdbx_total_number_of_bins_used   20 
_refine_ls_shell.d_res_high                       1.401 
_refine_ls_shell.d_res_low                        1.438 
_refine_ls_shell.number_reflns_R_work             778 
_refine_ls_shell.R_factor_R_work                  0.233 
_refine_ls_shell.percent_reflns_obs               93.83 
_refine_ls_shell.R_factor_R_free                  0.273 
_refine_ls_shell.R_factor_R_free_error            ? 
_refine_ls_shell.percent_reflns_R_free            ? 
_refine_ls_shell.number_reflns_R_free             58 
_refine_ls_shell.number_reflns_all                ? 
_refine_ls_shell.R_factor_all                     ? 
_refine_ls_shell.number_reflns_obs                ? 
_refine_ls_shell.redundancy_reflns_obs            ? 
_refine_ls_shell.pdbx_refine_id                   'X-RAY DIFFRACTION' 
# 
_struct.entry_id                  4F3U 
_struct.title                     
;Crystal structure of 5-hydroxy-2'-deoxycytidine base paired with 2'-deoxyguanosine in Dickerson Drew Dodecamer
;
_struct.pdbx_model_details        ? 
_struct.pdbx_CASP_flag            ? 
_struct.pdbx_model_type_details   ? 
# 
_struct_keywords.entry_id        4F3U 
_struct_keywords.pdbx_keywords   DNA 
_struct_keywords.text            
;5-hydroxy-dC, modified Dickerson, 5-hydroxy-2'-deoxycytidine, DNA
;
# 
loop_
_struct_asym.id 
_struct_asym.pdbx_blank_PDB_chainid_flag 
_struct_asym.pdbx_modified 
_struct_asym.entity_id 
_struct_asym.details 
A N N 1 ? 
B N N 1 ? 
C N N 2 ? 
D N N 3 ? 
E N N 3 ? 
# 
_struct_biol.id        1 
_struct_biol.details   ? 
# 
loop_
_struct_conn.id 
_struct_conn.conn_type_id 
_struct_conn.pdbx_leaving_atom_flag 
_struct_conn.pdbx_PDB_id 
_struct_conn.ptnr1_label_asym_id 
_struct_conn.ptnr1_label_comp_id 
_struct_conn.ptnr1_label_seq_id 
_struct_conn.ptnr1_label_atom_id 
_struct_conn.pdbx_ptnr1_label_alt_id 
_struct_conn.pdbx_ptnr1_PDB_ins_code 
_struct_conn.pdbx_ptnr1_standard_comp_id 
_struct_conn.ptnr1_symmetry 
_struct_conn.ptnr2_label_asym_id 
_struct_conn.ptnr2_label_comp_id 
_struct_conn.ptnr2_label_seq_id 
_struct_conn.ptnr2_label_atom_id 
_struct_conn.pdbx_ptnr2_label_alt_id 
_struct_conn.pdbx_ptnr2_PDB_ins_code 
_struct_conn.ptnr1_auth_asym_id 
_struct_conn.ptnr1_auth_comp_id 
_struct_conn.ptnr1_auth_seq_id 
_struct_conn.ptnr2_auth_asym_id 
_struct_conn.ptnr2_auth_comp_id 
_struct_conn.ptnr2_auth_seq_id 
_struct_conn.ptnr2_symmetry 
_struct_conn.pdbx_ptnr3_label_atom_id 
_struct_conn.pdbx_ptnr3_label_seq_id 
_struct_conn.pdbx_ptnr3_label_comp_id 
_struct_conn.pdbx_ptnr3_label_asym_id 
_struct_conn.pdbx_ptnr3_label_alt_id 
_struct_conn.pdbx_ptnr3_PDB_ins_code 
_struct_conn.details 
_struct_conn.pdbx_dist_value 
_struct_conn.pdbx_value_order 
_struct_conn.pdbx_role 
covale1  covale both ? A DT 8  "O3'" ? ? ? 1_555 A 5OC 9  P  ? ? A DT 8   A 5OC 9   1_555 ? ? ? ? ? ? ?            1.616 ? ? 
covale2  covale both ? B DT 8  "O3'" ? ? ? 1_555 B 5OC 9  P  ? ? B DT 20  B 5OC 21  1_555 ? ? ? ? ? ? ?            1.629 ? ? 
metalc1  metalc ?    ? C MG .  MG    ? ? ? 1_555 D HOH .  O  ? ? A MG 101 A HOH 233 1_555 ? ? ? ? ? ? ?            2.103 ? ? 
metalc2  metalc ?    ? C MG .  MG    ? ? ? 1_555 D HOH .  O  ? ? A MG 101 A HOH 234 1_555 ? ? ? ? ? ? ?            2.047 ? ? 
metalc3  metalc ?    ? C MG .  MG    ? ? ? 1_555 E HOH .  O  ? ? A MG 101 B HOH 101 1_555 ? ? ? ? ? ? ?            2.101 ? ? 
metalc4  metalc ?    ? C MG .  MG    ? ? ? 1_555 E HOH .  O  ? ? A MG 101 B HOH 129 1_555 ? ? ? ? ? ? ?            2.025 ? ? 
metalc5  metalc ?    ? C MG .  MG    ? ? ? 1_555 E HOH .  O  ? ? A MG 101 B HOH 130 1_555 ? ? ? ? ? ? ?            2.019 ? ? 
metalc6  metalc ?    ? C MG .  MG    ? ? ? 1_555 E HOH .  O  ? ? A MG 101 B HOH 131 1_555 ? ? ? ? ? ? ?            2.084 ? ? 
hydrog1  hydrog ?    ? A DC 1  N3    ? ? ? 1_555 B DG  12 N1 ? ? A DC 1   B DG  24  1_555 ? ? ? ? ? ? WATSON-CRICK ?     ? ? 
hydrog2  hydrog ?    ? A DC 1  N4    ? ? ? 1_555 B DG  12 O6 ? ? A DC 1   B DG  24  1_555 ? ? ? ? ? ? WATSON-CRICK ?     ? ? 
hydrog3  hydrog ?    ? A DC 1  O2    ? ? ? 1_555 B DG  12 N2 ? ? A DC 1   B DG  24  1_555 ? ? ? ? ? ? WATSON-CRICK ?     ? ? 
hydrog4  hydrog ?    ? A DG 2  N1    ? ? ? 1_555 B DC  11 N3 ? ? A DG 2   B DC  23  1_555 ? ? ? ? ? ? WATSON-CRICK ?     ? ? 
hydrog5  hydrog ?    ? A DG 2  N2    ? ? ? 1_555 B DC  11 O2 ? ? A DG 2   B DC  23  1_555 ? ? ? ? ? ? WATSON-CRICK ?     ? ? 
hydrog6  hydrog ?    ? A DG 2  O6    ? ? ? 1_555 B DC  11 N4 ? ? A DG 2   B DC  23  1_555 ? ? ? ? ? ? WATSON-CRICK ?     ? ? 
hydrog7  hydrog ?    ? A DC 3  N3    ? ? ? 1_555 B DG  10 N1 ? ? A DC 3   B DG  22  1_555 ? ? ? ? ? ? WATSON-CRICK ?     ? ? 
hydrog8  hydrog ?    ? A DC 3  N4    ? ? ? 1_555 B DG  10 O6 ? ? A DC 3   B DG  22  1_555 ? ? ? ? ? ? WATSON-CRICK ?     ? ? 
hydrog9  hydrog ?    ? A DC 3  O2    ? ? ? 1_555 B DG  10 N2 ? ? A DC 3   B DG  22  1_555 ? ? ? ? ? ? WATSON-CRICK ?     ? ? 
hydrog10 hydrog ?    ? A DA 5  N1    ? ? ? 1_555 B DT  8  N3 ? ? A DA 5   B DT  20  1_555 ? ? ? ? ? ? WATSON-CRICK ?     ? ? 
hydrog11 hydrog ?    ? A DA 5  N6    ? ? ? 1_555 B DT  8  O4 ? ? A DA 5   B DT  20  1_555 ? ? ? ? ? ? WATSON-CRICK ?     ? ? 
hydrog12 hydrog ?    ? A DA 6  N1    ? ? ? 1_555 B DT  7  N3 ? ? A DA 6   B DT  19  1_555 ? ? ? ? ? ? WATSON-CRICK ?     ? ? 
hydrog13 hydrog ?    ? A DA 6  N6    ? ? ? 1_555 B DT  7  O4 ? ? A DA 6   B DT  19  1_555 ? ? ? ? ? ? WATSON-CRICK ?     ? ? 
hydrog14 hydrog ?    ? A DT 7  N3    ? ? ? 1_555 B DA  6  N1 ? ? A DT 7   B DA  18  1_555 ? ? ? ? ? ? WATSON-CRICK ?     ? ? 
hydrog15 hydrog ?    ? A DT 7  O4    ? ? ? 1_555 B DA  6  N6 ? ? A DT 7   B DA  18  1_555 ? ? ? ? ? ? WATSON-CRICK ?     ? ? 
hydrog16 hydrog ?    ? A DT 8  N3    ? ? ? 1_555 B DA  5  N1 ? ? A DT 8   B DA  17  1_555 ? ? ? ? ? ? WATSON-CRICK ?     ? ? 
hydrog17 hydrog ?    ? A DT 8  O4    ? ? ? 1_555 B DA  5  N6 ? ? A DT 8   B DA  17  1_555 ? ? ? ? ? ? WATSON-CRICK ?     ? ? 
hydrog18 hydrog ?    ? A DG 10 N1    ? ? ? 1_555 B DC  3  N3 ? ? A DG 10  B DC  15  1_555 ? ? ? ? ? ? WATSON-CRICK ?     ? ? 
hydrog19 hydrog ?    ? A DG 10 N2    ? ? ? 1_555 B DC  3  O2 ? ? A DG 10  B DC  15  1_555 ? ? ? ? ? ? WATSON-CRICK ?     ? ? 
hydrog20 hydrog ?    ? A DG 10 O6    ? ? ? 1_555 B DC  3  N4 ? ? A DG 10  B DC  15  1_555 ? ? ? ? ? ? WATSON-CRICK ?     ? ? 
hydrog21 hydrog ?    ? A DC 11 N3    ? ? ? 1_555 B DG  2  N1 ? ? A DC 11  B DG  14  1_555 ? ? ? ? ? ? WATSON-CRICK ?     ? ? 
hydrog22 hydrog ?    ? A DC 11 N4    ? ? ? 1_555 B DG  2  O6 ? ? A DC 11  B DG  14  1_555 ? ? ? ? ? ? WATSON-CRICK ?     ? ? 
hydrog23 hydrog ?    ? A DC 11 O2    ? ? ? 1_555 B DG  2  N2 ? ? A DC 11  B DG  14  1_555 ? ? ? ? ? ? WATSON-CRICK ?     ? ? 
hydrog24 hydrog ?    ? A DG 12 N1    ? ? ? 1_555 B DC  1  N3 ? ? A DG 12  B DC  13  1_555 ? ? ? ? ? ? WATSON-CRICK ?     ? ? 
hydrog25 hydrog ?    ? A DG 12 N2    ? ? ? 1_555 B DC  1  O2 ? ? A DG 12  B DC  13  1_555 ? ? ? ? ? ? WATSON-CRICK ?     ? ? 
hydrog26 hydrog ?    ? A DG 12 O6    ? ? ? 1_555 B DC  1  N4 ? ? A DG 12  B DC  13  1_555 ? ? ? ? ? ? WATSON-CRICK ?     ? ? 
# 
loop_
_struct_conn_type.id 
_struct_conn_type.criteria 
_struct_conn_type.reference 
covale ? ? 
metalc ? ? 
hydrog ? ? 
# 
_struct_site.id                   AC1 
_struct_site.pdbx_evidence_code   Software 
_struct_site.pdbx_auth_asym_id    A 
_struct_site.pdbx_auth_comp_id    MG 
_struct_site.pdbx_auth_seq_id     101 
_struct_site.pdbx_auth_ins_code   ? 
_struct_site.pdbx_num_residues    6 
_struct_site.details              'BINDING SITE FOR RESIDUE MG A 101' 
# 
loop_
_struct_site_gen.id 
_struct_site_gen.site_id 
_struct_site_gen.pdbx_num_res 
_struct_site_gen.label_comp_id 
_struct_site_gen.label_asym_id 
_struct_site_gen.label_seq_id 
_struct_site_gen.pdbx_auth_ins_code 
_struct_site_gen.auth_comp_id 
_struct_site_gen.auth_asym_id 
_struct_site_gen.auth_seq_id 
_struct_site_gen.label_atom_id 
_struct_site_gen.label_alt_id 
_struct_site_gen.symmetry 
_struct_site_gen.details 
1 AC1 6 HOH D . ? HOH A 233 . ? 1_555 ? 
2 AC1 6 HOH D . ? HOH A 234 . ? 1_555 ? 
3 AC1 6 HOH E . ? HOH B 101 . ? 1_555 ? 
4 AC1 6 HOH E . ? HOH B 129 . ? 1_555 ? 
5 AC1 6 HOH E . ? HOH B 130 . ? 1_555 ? 
6 AC1 6 HOH E . ? HOH B 131 . ? 1_555 ? 
# 
_atom_sites.entry_id                    4F3U 
_atom_sites.fract_transf_matrix[1][1]   -0.03343722 
_atom_sites.fract_transf_matrix[1][2]   -0.01816257 
_atom_sites.fract_transf_matrix[1][3]   -0.01076846 
_atom_sites.fract_transf_matrix[2][1]   -0.01326760 
_atom_sites.fract_transf_matrix[2][2]   0.01852968 
_atom_sites.fract_transf_matrix[2][3]   0.00994433 
_atom_sites.fract_transf_matrix[3][1]   0.00029391 
_atom_sites.fract_transf_matrix[3][2]   0.00738422 
_atom_sites.fract_transf_matrix[3][3]   -0.01336720 
_atom_sites.fract_transf_vector[1]      -0.082982 
_atom_sites.fract_transf_vector[2]      0.021890 
_atom_sites.fract_transf_vector[3]      -0.133016 
# 
loop_
_atom_type.symbol 
C  
MG 
N  
O  
P  
# 
loop_
_atom_site.group_PDB 
_atom_site.id 
_atom_site.type_symbol 
_atom_site.label_atom_id 
_atom_site.label_alt_id 
_atom_site.label_comp_id 
_atom_site.label_asym_id 
_atom_site.label_entity_id 
_atom_site.label_seq_id 
_atom_site.pdbx_PDB_ins_code 
_atom_site.Cartn_x 
_atom_site.Cartn_y 
_atom_site.Cartn_z 
_atom_site.occupancy 
_atom_site.B_iso_or_equiv 
_atom_site.pdbx_formal_charge 
_atom_site.auth_seq_id 
_atom_site.auth_comp_id 
_atom_site.auth_asym_id 
_atom_site.auth_atom_id 
_atom_site.pdbx_PDB_model_num 
ATOM   1   O  "O5'" . DC  A 1 1  ? -2.952  5.834   19.974  1.00 32.23  ? 1   DC  A "O5'" 1 
ATOM   2   C  "C5'" . DC  A 1 1  ? -2.916  4.473   19.547  1.00 28.58  ? 1   DC  A "C5'" 1 
ATOM   3   C  "C4'" . DC  A 1 1  ? -1.492  4.022   19.351  1.00 25.26  ? 1   DC  A "C4'" 1 
ATOM   4   O  "O4'" . DC  A 1 1  ? -1.441  2.597   19.209  1.00 26.51  ? 1   DC  A "O4'" 1 
ATOM   5   C  "C3'" . DC  A 1 1  ? -0.865  4.554   18.084  1.00 28.74  ? 1   DC  A "C3'" 1 
ATOM   6   O  "O3'" . DC  A 1 1  ? 0.535   4.799   18.342  1.00 34.54  ? 1   DC  A "O3'" 1 
ATOM   7   C  "C2'" . DC  A 1 1  ? -1.105  3.441   17.107  1.00 29.01  ? 1   DC  A "C2'" 1 
ATOM   8   C  "C1'" . DC  A 1 1  ? -0.922  2.223   17.986  1.00 27.53  ? 1   DC  A "C1'" 1 
ATOM   9   N  N1    . DC  A 1 1  ? -1.618  0.995   17.610  1.00 22.02  ? 1   DC  A N1    1 
ATOM   10  C  C2    . DC  A 1 1  ? -0.960  -0.228  17.774  1.00 21.78  ? 1   DC  A C2    1 
ATOM   11  O  O2    . DC  A 1 1  ? 0.235   -0.233  18.131  1.00 24.68  ? 1   DC  A O2    1 
ATOM   12  N  N3    . DC  A 1 1  ? -1.608  -1.366  17.478  1.00 21.38  ? 1   DC  A N3    1 
ATOM   13  C  C4    . DC  A 1 1  ? -2.883  -1.320  17.073  1.00 21.75  ? 1   DC  A C4    1 
ATOM   14  N  N4    . DC  A 1 1  ? -3.500  -2.473  16.827  1.00 25.34  ? 1   DC  A N4    1 
ATOM   15  C  C5    . DC  A 1 1  ? -3.593  -0.093  16.962  1.00 22.77  ? 1   DC  A C5    1 
ATOM   16  C  C6    . DC  A 1 1  ? -2.941  1.026   17.287  1.00 23.99  ? 1   DC  A C6    1 
ATOM   17  P  P     . DG  A 1 2  ? 1.443   5.596   17.288  1.00 35.17  ? 2   DG  A P     1 
ATOM   18  O  OP1   . DG  A 1 2  ? 2.397   6.516   17.998  1.00 40.50  ? 2   DG  A OP1   1 
ATOM   19  O  OP2   . DG  A 1 2  ? 0.581   6.053   16.149  1.00 35.20  ? 2   DG  A OP2   1 
ATOM   20  O  "O5'" . DG  A 1 2  ? 2.269   4.439   16.586  1.00 33.42  ? 2   DG  A "O5'" 1 
ATOM   21  C  "C5'" . DG  A 1 2  ? 3.195   3.651   17.320  1.00 33.90  ? 2   DG  A "C5'" 1 
ATOM   22  C  "C4'" . DG  A 1 2  ? 3.884   2.703   16.376  1.00 28.33  ? 2   DG  A "C4'" 1 
ATOM   23  O  "O4'" . DG  A 1 2  ? 2.978   1.616   16.111  1.00 30.86  ? 2   DG  A "O4'" 1 
ATOM   24  C  "C3'" . DG  A 1 2  ? 4.227   3.301   15.012  1.00 27.91  ? 2   DG  A "C3'" 1 
ATOM   25  O  "O3'" . DG  A 1 2  ? 5.547   2.864   14.695  1.00 36.04  ? 2   DG  A "O3'" 1 
ATOM   26  C  "C2'" . DG  A 1 2  ? 3.143   2.774   14.092  1.00 26.67  ? 2   DG  A "C2'" 1 
ATOM   27  C  "C1'" . DG  A 1 2  ? 2.879   1.413   14.700  1.00 25.82  ? 2   DG  A "C1'" 1 
ATOM   28  N  N9    . DG  A 1 2  ? 1.568   0.822   14.440  1.00 24.43  ? 2   DG  A N9    1 
ATOM   29  C  C8    . DG  A 1 2  ? 0.376   1.481   14.328  1.00 24.90  ? 2   DG  A C8    1 
ATOM   30  N  N7    . DG  A 1 2  ? -0.646  0.671   14.214  1.00 23.81  ? 2   DG  A N7    1 
ATOM   31  C  C5    . DG  A 1 2  ? -0.085  -0.592  14.241  1.00 20.73  ? 2   DG  A C5    1 
ATOM   32  C  C6    . DG  A 1 2  ? -0.695  -1.871  14.134  1.00 22.31  ? 2   DG  A C6    1 
ATOM   33  O  O6    . DG  A 1 2  ? -1.893  -2.145  13.975  1.00 23.89  ? 2   DG  A O6    1 
ATOM   34  N  N1    . DG  A 1 2  ? 0.243   -2.893  14.220  1.00 19.41  ? 2   DG  A N1    1 
ATOM   35  C  C2    . DG  A 1 2  ? 1.579   -2.711  14.444  1.00 20.69  ? 2   DG  A C2    1 
ATOM   36  N  N2    . DG  A 1 2  ? 2.321   -3.829  14.479  1.00 21.71  ? 2   DG  A N2    1 
ATOM   37  N  N3    . DG  A 1 2  ? 2.160   -1.523  14.531  1.00 21.30  ? 2   DG  A N3    1 
ATOM   38  C  C4    . DG  A 1 2  ? 1.270   -0.520  14.456  1.00 24.42  ? 2   DG  A C4    1 
ATOM   39  P  P     . DC  A 1 3  ? 6.475   3.479   13.618  1.00 28.72  ? 3   DC  A P     1 
ATOM   40  O  OP1   . DC  A 1 3  ? 7.611   4.096   14.130  1.00 39.06  ? 3   DC  A OP1   1 
ATOM   41  O  OP2   . DC  A 1 3  ? 5.683   4.066   12.535  1.00 44.13  ? 3   DC  A OP2   1 
ATOM   42  O  "O5'" . DC  A 1 3  ? 6.907   2.131   12.937  1.00 32.58  ? 3   DC  A "O5'" 1 
ATOM   43  C  "C5'" . DC  A 1 3  ? 7.246   0.990   13.696  1.00 26.29  ? 3   DC  A "C5'" 1 
ATOM   44  C  "C4'" . DC  A 1 3  ? 6.842   -0.219  12.887  1.00 24.84  ? 3   DC  A "C4'" 1 
ATOM   45  O  "O4'" . DC  A 1 3  ? 5.414   -0.364  12.893  1.00 23.76  ? 3   DC  A "O4'" 1 
ATOM   46  C  "C3'" . DC  A 1 3  ? 7.256   -0.126  11.412  1.00 25.85  ? 3   DC  A "C3'" 1 
ATOM   47  O  "O3'" . DC  A 1 3  ? 8.410   -0.921  11.152  1.00 29.19  ? 3   DC  A "O3'" 1 
ATOM   48  C  "C2'" . DC  A 1 3  ? 6.101   -0.751  10.659  1.00 28.96  ? 3   DC  A "C2'" 1 
ATOM   49  C  "C1'" . DC  A 1 3  ? 5.051   -1.081  11.716  1.00 25.73  ? 3   DC  A "C1'" 1 
ATOM   50  N  N1    . DC  A 1 3  ? 3.696   -0.677  11.381  1.00 24.18  ? 3   DC  A N1    1 
ATOM   51  C  C2    . DC  A 1 3  ? 2.694   -1.670  11.277  1.00 21.16  ? 3   DC  A C2    1 
ATOM   52  O  O2    . DC  A 1 3  ? 3.036   -2.867  11.295  1.00 22.48  ? 3   DC  A O2    1 
ATOM   53  N  N3    . DC  A 1 3  ? 1.413   -1.292  11.045  1.00 24.00  ? 3   DC  A N3    1 
ATOM   54  C  C4    . DC  A 1 3  ? 1.104   0.010   11.005  1.00 24.38  ? 3   DC  A C4    1 
ATOM   55  N  N4    . DC  A 1 3  ? -0.169  0.350   10.791  1.00 23.83  ? 3   DC  A N4    1 
ATOM   56  C  C5    . DC  A 1 3  ? 2.105   1.030   11.082  1.00 29.93  ? 3   DC  A C5    1 
ATOM   57  C  C6    . DC  A 1 3  ? 3.368   0.644   11.290  1.00 26.93  ? 3   DC  A C6    1 
ATOM   58  P  P     . DG  A 1 4  ? 9.195   -0.936  9.813   1.00 34.44  ? 4   DG  A P     1 
ATOM   59  O  OP1   . DG  A 1 4  ? 10.565  -1.351  10.086  1.00 47.78  ? 4   DG  A OP1   1 
ATOM   60  O  OP2   . DG  A 1 4  ? 8.898   0.302   9.080   1.00 46.15  ? 4   DG  A OP2   1 
ATOM   61  O  "O5'" . DG  A 1 4  ? 8.531   -2.085  8.980   1.00 32.80  ? 4   DG  A "O5'" 1 
ATOM   62  C  "C5'" . DG  A 1 4  ? 8.597   -3.415  9.498   1.00 30.79  ? 4   DG  A "C5'" 1 
ATOM   63  C  "C4'" . DG  A 1 4  ? 7.816   -4.299  8.568   1.00 30.12  ? 4   DG  A "C4'" 1 
ATOM   64  O  "O4'" . DG  A 1 4  ? 6.449   -3.915  8.653   1.00 30.02  ? 4   DG  A "O4'" 1 
ATOM   65  C  "C3'" . DG  A 1 4  ? 8.207   -4.142  7.110   1.00 32.30  ? 4   DG  A "C3'" 1 
ATOM   66  O  "O3'" . DG  A 1 4  ? 8.187   -5.440  6.542   1.00 43.95  ? 4   DG  A "O3'" 1 
ATOM   67  C  "C2'" . DG  A 1 4  ? 7.127   -3.253  6.558   1.00 30.58  ? 4   DG  A "C2'" 1 
ATOM   68  C  "C1'" . DG  A 1 4  ? 5.932   -3.672  7.365   1.00 29.06  ? 4   DG  A "C1'" 1 
ATOM   69  N  N9    . DG  A 1 4  ? 4.903   -2.651  7.487   1.00 26.77  ? 4   DG  A N9    1 
ATOM   70  C  C8    . DG  A 1 4  ? 5.075   -1.295  7.551   1.00 25.17  ? 4   DG  A C8    1 
ATOM   71  N  N7    . DG  A 1 4  ? 3.956   -0.639  7.660   1.00 27.83  ? 4   DG  A N7    1 
ATOM   72  C  C5    . DG  A 1 4  ? 2.982   -1.627  7.699   1.00 26.48  ? 4   DG  A C5    1 
ATOM   73  C  C6    . DG  A 1 4  ? 1.572   -1.522  7.766   1.00 25.07  ? 4   DG  A C6    1 
ATOM   74  O  O6    . DG  A 1 4  ? 0.868   -0.502  7.876   1.00 26.71  ? 4   DG  A O6    1 
ATOM   75  N  N1    . DG  A 1 4  ? 0.969   -2.770  7.706   1.00 25.28  ? 4   DG  A N1    1 
ATOM   76  C  C2    . DG  A 1 4  ? 1.636   -3.972  7.637   1.00 26.86  ? 4   DG  A C2    1 
ATOM   77  N  N2    . DG  A 1 4  ? 0.879   -5.073  7.606   1.00 27.62  ? 4   DG  A N2    1 
ATOM   78  N  N3    . DG  A 1 4  ? 2.944   -4.081  7.545   1.00 31.78  ? 4   DG  A N3    1 
ATOM   79  C  C4    . DG  A 1 4  ? 3.552   -2.875  7.583   1.00 28.35  ? 4   DG  A C4    1 
ATOM   80  P  P     . DA  A 1 5  ? 8.559   -5.769  5.053   1.00 42.17  ? 5   DA  A P     1 
ATOM   81  O  OP1   . DA  A 1 5  ? 9.529   -6.857  5.216   1.00 50.61  ? 5   DA  A OP1   1 
ATOM   82  O  OP2   . DA  A 1 5  ? 8.897   -4.549  4.251   1.00 51.75  ? 5   DA  A OP2   1 
ATOM   83  O  "O5'" . DA  A 1 5  ? 7.235   -6.428  4.526   1.00 34.89  ? 5   DA  A "O5'" 1 
ATOM   84  C  "C5'" . DA  A 1 5  ? 6.809   -7.578  5.198   1.00 30.71  ? 5   DA  A "C5'" 1 
ATOM   85  C  "C4'" . DA  A 1 5  ? 5.383   -7.844  4.802   1.00 34.43  ? 5   DA  A "C4'" 1 
ATOM   86  O  "O4'" . DA  A 1 5  ? 4.595   -6.644  5.035   1.00 33.96  ? 5   DA  A "O4'" 1 
ATOM   87  C  "C3'" . DA  A 1 5  ? 5.202   -8.215  3.326   1.00 35.56  ? 5   DA  A "C3'" 1 
ATOM   88  O  "O3'" . DA  A 1 5  ? 4.462   -9.457  3.228   1.00 33.08  ? 5   DA  A "O3'" 1 
ATOM   89  C  "C2'" . DA  A 1 5  ? 4.589   -6.955  2.744   1.00 32.41  ? 5   DA  A "C2'" 1 
ATOM   90  C  "C1'" . DA  A 1 5  ? 3.789   -6.376  3.898   1.00 28.44  ? 5   DA  A "C1'" 1 
ATOM   91  N  N9    . DA  A 1 5  ? 3.563   -4.944  3.906   1.00 28.37  ? 5   DA  A N9    1 
ATOM   92  C  C8    . DA  A 1 5  ? 4.544   -3.992  3.966   1.00 27.53  ? 5   DA  A C8    1 
ATOM   93  N  N7    . DA  A 1 5  ? 4.089   -2.772  4.108   1.00 29.33  ? 5   DA  A N7    1 
ATOM   94  C  C5    . DA  A 1 5  ? 2.716   -2.939  4.193   1.00 23.78  ? 5   DA  A C5    1 
ATOM   95  C  C6    . DA  A 1 5  ? 1.663   -2.028  4.361   1.00 25.22  ? 5   DA  A C6    1 
ATOM   96  N  N6    . DA  A 1 5  ? 1.822   -0.712  4.432   1.00 25.69  ? 5   DA  A N6    1 
ATOM   97  N  N1    . DA  A 1 5  ? 0.414   -2.517  4.378   1.00 24.39  ? 5   DA  A N1    1 
ATOM   98  C  C2    . DA  A 1 5  ? 0.243   -3.836  4.298   1.00 24.89  ? 5   DA  A C2    1 
ATOM   99  N  N3    . DA  A 1 5  ? 1.149   -4.797  4.167   1.00 28.33  ? 5   DA  A N3    1 
ATOM   100 C  C4    . DA  A 1 5  ? 2.383   -4.277  4.109   1.00 27.45  ? 5   DA  A C4    1 
ATOM   101 P  P     . DA  A 1 6  ? 4.040   -10.071 1.809   1.00 33.49  ? 6   DA  A P     1 
ATOM   102 O  OP1   . DA  A 1 6  ? 3.846   -11.551 2.022   1.00 35.26  ? 6   DA  A OP1   1 
ATOM   103 O  OP2   . DA  A 1 6  ? 4.894   -9.482  0.790   1.00 34.48  ? 6   DA  A OP2   1 
ATOM   104 O  "O5'" . DA  A 1 6  ? 2.700   -9.330  1.410   1.00 31.72  ? 6   DA  A "O5'" 1 
ATOM   105 C  "C5'" . DA  A 1 6  ? 1.509   -9.509  2.184   1.00 28.12  ? 6   DA  A "C5'" 1 
ATOM   106 C  "C4'" . DA  A 1 6  ? 0.371   -8.797  1.502   1.00 22.57  ? 6   DA  A "C4'" 1 
ATOM   107 O  "O4'" . DA  A 1 6  ? 0.519   -7.380  1.734   1.00 23.34  ? 6   DA  A "O4'" 1 
ATOM   108 C  "C3'" . DA  A 1 6  ? 0.296   -8.995  -0.003  1.00 23.61  ? 6   DA  A "C3'" 1 
ATOM   109 O  "O3'" . DA  A 1 6  ? -1.011  -9.549  -0.222  1.00 22.60  ? 6   DA  A "O3'" 1 
ATOM   110 C  "C2'" . DA  A 1 6  ? 0.518   -7.605  -0.565  1.00 22.21  ? 6   DA  A "C2'" 1 
ATOM   111 C  "C1'" . DA  A 1 6  ? 0.184   -6.663  0.562   1.00 20.89  ? 6   DA  A "C1'" 1 
ATOM   112 N  N9    . DA  A 1 6  ? 0.923   -5.404  0.603   1.00 21.71  ? 6   DA  A N9    1 
ATOM   113 C  C8    . DA  A 1 6  ? 2.285   -5.227  0.542   1.00 23.62  ? 6   DA  A C8    1 
ATOM   114 N  N7    . DA  A 1 6  ? 2.659   -3.979  0.637   1.00 23.57  ? 6   DA  A N7    1 
ATOM   115 C  C5    . DA  A 1 6  ? 1.478   -3.293  0.865   1.00 20.29  ? 6   DA  A C5    1 
ATOM   116 C  C6    . DA  A 1 6  ? 1.193   -1.921  1.034   1.00 20.33  ? 6   DA  A C6    1 
ATOM   117 N  N6    . DA  A 1 6  ? 2.130   -0.966  1.128   1.00 20.36  ? 6   DA  A N6    1 
ATOM   118 N  N1    . DA  A 1 6  ? -0.107  -1.569  1.162   1.00 20.84  ? 6   DA  A N1    1 
ATOM   119 C  C2    . DA  A 1 6  ? -1.045  -2.524  1.050   1.00 21.15  ? 6   DA  A C2    1 
ATOM   120 N  N3    . DA  A 1 6  ? -0.902  -3.829  0.915   1.00 22.91  ? 6   DA  A N3    1 
ATOM   121 C  C4    . DA  A 1 6  ? 0.395   -4.160  0.824   1.00 20.00  ? 6   DA  A C4    1 
ATOM   122 P  P     . DT  A 1 7  ? -1.674  -9.834  -1.650  1.00 23.53  ? 7   DT  A P     1 
ATOM   123 O  OP1   . DT  A 1 7  ? -2.702  -10.927 -1.444  1.00 27.73  ? 7   DT  A OP1   1 
ATOM   124 O  OP2   . DT  A 1 7  ? -0.650  -9.998  -2.685  1.00 24.18  ? 7   DT  A OP2   1 
ATOM   125 O  "O5'" . DT  A 1 7  ? -2.388  -8.464  -1.989  1.00 22.94  ? 7   DT  A "O5'" 1 
ATOM   126 C  "C5'" . DT  A 1 7  ? -3.329  -7.941  -1.119  1.00 21.30  ? 7   DT  A "C5'" 1 
ATOM   127 C  "C4'" . DT  A 1 7  ? -3.749  -6.582  -1.580  1.00 20.84  ? 7   DT  A "C4'" 1 
ATOM   128 O  "O4'" . DT  A 1 7  ? -2.648  -5.700  -1.393  1.00 19.94  ? 7   DT  A "O4'" 1 
ATOM   129 C  "C3'" . DT  A 1 7  ? -4.133  -6.482  -3.053  1.00 20.02  ? 7   DT  A "C3'" 1 
ATOM   130 O  "O3'" . DT  A 1 7  ? -5.536  -6.209  -3.106  1.00 23.74  ? 7   DT  A "O3'" 1 
ATOM   131 C  "C2'" . DT  A 1 7  ? -3.349  -5.302  -3.584  1.00 19.47  ? 7   DT  A "C2'" 1 
ATOM   132 C  "C1'" . DT  A 1 7  ? -2.811  -4.644  -2.338  1.00 20.12  ? 7   DT  A "C1'" 1 
ATOM   133 N  N1    . DT  A 1 7  ? -1.516  -3.921  -2.411  1.00 20.27  ? 7   DT  A N1    1 
ATOM   134 C  C2    . DT  A 1 7  ? -1.509  -2.557  -2.221  1.00 18.61  ? 7   DT  A C2    1 
ATOM   135 O  O2    . DT  A 1 7  ? -2.508  -1.885  -1.991  1.00 19.56  ? 7   DT  A O2    1 
ATOM   136 N  N3    . DT  A 1 7  ? -0.266  -2.002  -2.240  1.00 18.89  ? 7   DT  A N3    1 
ATOM   137 C  C4    . DT  A 1 7  ? 0.941   -2.640  -2.435  1.00 21.94  ? 7   DT  A C4    1 
ATOM   138 O  O4    . DT  A 1 7  ? 1.988   -1.991  -2.441  1.00 23.57  ? 7   DT  A O4    1 
ATOM   139 C  C5    . DT  A 1 7  ? 0.855   -4.042  -2.714  1.00 18.09  ? 7   DT  A C5    1 
ATOM   140 C  C7    . DT  A 1 7  ? 2.109   -4.794  -3.011  1.00 19.35  ? 7   DT  A C7    1 
ATOM   141 C  C6    . DT  A 1 7  ? -0.363  -4.606  -2.720  1.00 17.66  ? 7   DT  A C6    1 
ATOM   142 P  P     . DT  A 1 8  ? -6.390  -6.029  -4.444  1.00 26.43  ? 8   DT  A P     1 
ATOM   143 O  OP1   . DT  A 1 8  ? -7.807  -6.442  -4.223  1.00 28.45  ? 8   DT  A OP1   1 
ATOM   144 O  OP2   . DT  A 1 8  ? -5.644  -6.676  -5.538  1.00 27.17  ? 8   DT  A OP2   1 
ATOM   145 O  "O5'" . DT  A 1 8  ? -6.366  -4.465  -4.694  1.00 25.09  ? 8   DT  A "O5'" 1 
ATOM   146 C  "C5'" . DT  A 1 8  ? -6.868  -3.577  -3.691  1.00 24.67  ? 8   DT  A "C5'" 1 
ATOM   147 C  "C4'" . DT  A 1 8  ? -6.545  -2.163  -4.090  1.00 23.10  ? 8   DT  A "C4'" 1 
ATOM   148 O  "O4'" . DT  A 1 8  ? -5.120  -1.960  -4.029  1.00 23.60  ? 8   DT  A "O4'" 1 
ATOM   149 C  "C3'" . DT  A 1 8  ? -6.975  -1.797  -5.516  1.00 25.21  ? 8   DT  A "C3'" 1 
ATOM   150 O  "O3'" . DT  A 1 8  ? -7.995  -0.797  -5.433  1.00 28.93  ? 8   DT  A "O3'" 1 
ATOM   151 C  "C2'" . DT  A 1 8  ? -5.689  -1.349  -6.193  1.00 23.32  ? 8   DT  A "C2'" 1 
ATOM   152 C  "C1'" . DT  A 1 8  ? -4.796  -1.016  -5.038  1.00 22.06  ? 8   DT  A "C1'" 1 
ATOM   153 N  N1    . DT  A 1 8  ? -3.366  -1.139  -5.296  1.00 19.79  ? 8   DT  A N1    1 
ATOM   154 C  C2    . DT  A 1 8  ? -2.580  -0.051  -4.992  1.00 18.40  ? 8   DT  A C2    1 
ATOM   155 O  O2    . DT  A 1 8  ? -3.031  1.043   -4.691  1.00 20.56  ? 8   DT  A O2    1 
ATOM   156 N  N3    . DT  A 1 8  ? -1.248  -0.262  -5.168  1.00 19.20  ? 8   DT  A N3    1 
ATOM   157 C  C4    . DT  A 1 8  ? -0.615  -1.448  -5.512  1.00 18.45  ? 8   DT  A C4    1 
ATOM   158 O  O4    . DT  A 1 8  ? 0.600   -1.500  -5.581  1.00 21.38  ? 8   DT  A O4    1 
ATOM   159 C  C5    . DT  A 1 8  ? -1.494  -2.540  -5.835  1.00 17.02  ? 8   DT  A C5    1 
ATOM   160 C  C7    . DT  A 1 8  ? -0.895  -3.845  -6.249  1.00 20.50  ? 8   DT  A C7    1 
ATOM   161 C  C6    . DT  A 1 8  ? -2.808  -2.354  -5.647  1.00 19.29  ? 8   DT  A C6    1 
HETATM 162 P  P     . 5OC A 1 9  ? -8.503  0.103   -6.676  1.00 28.24  ? 9   5OC A P     1 
HETATM 163 N  N1    . 5OC A 1 9  ? -3.813  2.706   -7.675  1.00 22.15  ? 9   5OC A N1    1 
HETATM 164 C  C2    . 5OC A 1 9  ? -2.452  3.061   -7.683  1.00 20.99  ? 9   5OC A C2    1 
HETATM 165 O  O2    . 5OC A 1 9  ? -2.161  4.258   -7.369  1.00 22.21  ? 9   5OC A O2    1 
HETATM 166 N  N3    . 5OC A 1 9  ? -1.547  2.175   -8.026  1.00 19.97  ? 9   5OC A N3    1 
HETATM 167 C  C4    . 5OC A 1 9  ? -1.888  0.903   -8.346  1.00 19.93  ? 9   5OC A C4    1 
HETATM 168 N  N4    . 5OC A 1 9  ? -0.916  0.036   -8.635  1.00 19.75  ? 9   5OC A N4    1 
HETATM 169 C  C5    . 5OC A 1 9  ? -3.251  0.508   -8.415  1.00 20.29  ? 9   5OC A C5    1 
HETATM 170 O  O5    . 5OC A 1 9  ? -3.541  -0.660  -8.768  1.00 23.66  ? 9   5OC A O5    1 
HETATM 171 C  C6    . 5OC A 1 9  ? -4.150  1.442   -8.025  1.00 20.24  ? 9   5OC A C6    1 
HETATM 172 C  "C1'" . 5OC A 1 9  ? -4.821  3.632   -7.169  1.00 22.28  ? 9   5OC A "C1'" 1 
HETATM 173 C  "C2'" . 5OC A 1 9  ? -6.036  3.893   -7.960  1.00 23.27  ? 9   5OC A "C2'" 1 
HETATM 174 C  "C3'" . 5OC A 1 9  ? -7.085  4.107   -6.853  1.00 25.73  ? 9   5OC A "C3'" 1 
HETATM 175 O  "O3'" . 5OC A 1 9  ? -7.136  5.487   -6.432  1.00 29.51  ? 9   5OC A "O3'" 1 
HETATM 176 C  "C4'" . 5OC A 1 9  ? -6.610  3.275   -5.639  1.00 23.93  ? 9   5OC A "C4'" 1 
HETATM 177 O  "O4'" . 5OC A 1 9  ? -5.282  2.936   -5.942  1.00 24.42  ? 9   5OC A "O4'" 1 
HETATM 178 C  "C5'" . 5OC A 1 9  ? -7.500  2.092   -5.342  1.00 25.01  ? 9   5OC A "C5'" 1 
HETATM 179 O  "O5'" . 5OC A 1 9  ? -7.502  1.361   -6.537  1.00 25.19  ? 9   5OC A "O5'" 1 
HETATM 180 O  OP1   . 5OC A 1 9  ? -9.920  0.486   -6.130  1.00 33.63  ? 9   5OC A OP1   1 
HETATM 181 O  OP2   . 5OC A 1 9  ? -8.221  -0.628  -8.052  1.00 27.88  ? 9   5OC A OP2   1 
ATOM   182 P  P     . DG  A 1 10 ? -7.981  6.631   -7.218  1.00 30.59  ? 10  DG  A P     1 
ATOM   183 O  OP1   . DG  A 1 10 ? -8.197  7.671   -6.172  1.00 36.15  ? 10  DG  A OP1   1 
ATOM   184 O  OP2   . DG  A 1 10 ? -9.117  6.033   -7.949  1.00 36.87  ? 10  DG  A OP2   1 
ATOM   185 O  "O5'" . DG  A 1 10 ? -6.911  7.167   -8.245  1.00 28.72  ? 10  DG  A "O5'" 1 
ATOM   186 C  "C5'" . DG  A 1 10 ? -5.739  7.854   -7.772  1.00 24.05  ? 10  DG  A "C5'" 1 
ATOM   187 C  "C4'" . DG  A 1 10 ? -4.765  7.973   -8.922  1.00 31.40  ? 10  DG  A "C4'" 1 
ATOM   188 O  "O4'" . DG  A 1 10 ? -4.192  6.676   -9.177  1.00 28.26  ? 10  DG  A "O4'" 1 
ATOM   189 C  "C3'" . DG  A 1 10 ? -5.404  8.389   -10.245 1.00 31.80  ? 10  DG  A "C3'" 1 
ATOM   190 O  "O3'" . DG  A 1 10 ? -4.517  9.283   -10.902 1.00 35.41  ? 10  DG  A "O3'" 1 
ATOM   191 C  "C2'" . DG  A 1 10 ? -5.430  7.103   -11.054 1.00 26.52  ? 10  DG  A "C2'" 1 
ATOM   192 C  "C1'" . DG  A 1 10 ? -4.126  6.538   -10.570 1.00 26.82  ? 10  DG  A "C1'" 1 
ATOM   193 N  N9    . DG  A 1 10 ? -3.819  5.144   -10.880 1.00 23.61  ? 10  DG  A N9    1 
ATOM   194 C  C8    . DG  A 1 10 ? -4.671  4.095   -11.097 1.00 23.99  ? 10  DG  A C8    1 
ATOM   195 N  N7    . DG  A 1 10 ? -4.049  2.984   -11.368 1.00 23.26  ? 10  DG  A N7    1 
ATOM   196 C  C5    . DG  A 1 10 ? -2.701  3.309   -11.243 1.00 21.68  ? 10  DG  A C5    1 
ATOM   197 C  C6    . DG  A 1 10 ? -1.541  2.509   -11.406 1.00 19.84  ? 10  DG  A C6    1 
ATOM   198 O  O6    . DG  A 1 10 ? -1.458  1.297   -11.651 1.00 22.54  ? 10  DG  A O6    1 
ATOM   199 N  N1    . DG  A 1 10 ? -0.383  3.242   -11.185 1.00 18.84  ? 10  DG  A N1    1 
ATOM   200 C  C2    . DG  A 1 10 ? -0.345  4.575   -10.882 1.00 24.38  ? 10  DG  A C2    1 
ATOM   201 N  N2    . DG  A 1 10 ? 0.881   5.114   -10.775 1.00 22.95  ? 10  DG  A N2    1 
ATOM   202 N  N3    . DG  A 1 10 ? -1.423  5.329   -10.716 1.00 21.30  ? 10  DG  A N3    1 
ATOM   203 C  C4    . DG  A 1 10 ? -2.554  4.640   -10.948 1.00 20.21  ? 10  DG  A C4    1 
ATOM   204 P  P     . DC  A 1 11 ? -4.862  10.847  -11.014 1.00 36.39  ? 11  DC  A P     1 
ATOM   205 O  OP1   . DC  A 1 11 ? -5.494  11.341  -9.781  1.00 39.19  ? 11  DC  A OP1   1 
ATOM   206 O  OP2   . DC  A 1 11 ? -5.425  11.182  -12.343 1.00 39.44  ? 11  DC  A OP2   1 
ATOM   207 O  "O5'" . DC  A 1 11 ? -3.384  11.406  -11.074 1.00 34.84  ? 11  DC  A "O5'" 1 
ATOM   208 C  "C5'" . DC  A 1 11 ? -2.537  11.363  -9.908  1.00 37.13  ? 11  DC  A "C5'" 1 
ATOM   209 C  "C4'" . DC  A 1 11 ? -1.104  11.109  -10.316 1.00 30.89  ? 11  DC  A "C4'" 1 
ATOM   210 O  "O4'" . DC  A 1 11 ? -0.938  9.766   -10.849 1.00 30.92  ? 11  DC  A "O4'" 1 
ATOM   211 C  "C3'" . DC  A 1 11 ? -0.562  12.039  -11.394 1.00 34.30  ? 11  DC  A "C3'" 1 
ATOM   212 O  "O3'" . DC  A 1 11 ? 0.774   12.314  -10.978 1.00 31.60  ? 11  DC  A "O3'" 1 
ATOM   213 C  "C2'" . DC  A 1 11 ? -0.614  11.193  -12.654 1.00 30.08  ? 11  DC  A "C2'" 1 
ATOM   214 C  "C1'" . DC  A 1 11 ? -0.306  9.813   -12.149 1.00 28.58  ? 11  DC  A "C1'" 1 
ATOM   215 N  N1    . DC  A 1 11 ? -0.835  8.683   -12.905 1.00 28.13  ? 11  DC  A N1    1 
ATOM   216 C  C2    . DC  A 1 11 ? 0.014   7.593   -13.126 1.00 25.71  ? 11  DC  A C2    1 
ATOM   217 O  O2    . DC  A 1 11 ? 1.220   7.701   -12.846 1.00 24.99  ? 11  DC  A O2    1 
ATOM   218 N  N3    . DC  A 1 11 ? -0.488  6.473   -13.692 1.00 23.67  ? 11  DC  A N3    1 
ATOM   219 C  C4    . DC  A 1 11 ? -1.799  6.362   -13.894 1.00 23.65  ? 11  DC  A C4    1 
ATOM   220 N  N4    . DC  A 1 11 ? -2.246  5.215   -14.407 1.00 22.86  ? 11  DC  A N4    1 
ATOM   221 C  C5    . DC  A 1 11 ? -2.687  7.464   -13.701 1.00 26.11  ? 11  DC  A C5    1 
ATOM   222 C  C6    . DC  A 1 11 ? -2.179  8.573   -13.151 1.00 26.30  ? 11  DC  A C6    1 
ATOM   223 P  P     . DG  A 1 12 ? 1.636   13.464  -11.604 1.00 43.16  ? 12  DG  A P     1 
ATOM   224 O  OP1   . DG  A 1 12 ? 2.612   13.881  -10.595 1.00 48.05  ? 12  DG  A OP1   1 
ATOM   225 O  OP2   . DG  A 1 12 ? 0.753   14.502  -12.228 1.00 51.86  ? 12  DG  A OP2   1 
ATOM   226 O  "O5'" . DG  A 1 12 ? 2.409   12.952  -12.879 1.00 44.39  ? 12  DG  A "O5'" 1 
ATOM   227 C  "C5'" . DG  A 1 12 ? 3.249   11.812  -12.782 1.00 35.49  ? 12  DG  A "C5'" 1 
ATOM   228 C  "C4'" . DG  A 1 12 ? 4.029   11.647  -14.062 1.00 23.87  ? 12  DG  A "C4'" 1 
ATOM   229 O  "O4'" . DG  A 1 12 ? 3.487   10.504  -14.703 1.00 33.82  ? 12  DG  A "O4'" 1 
ATOM   230 C  "C3'" . DG  A 1 12 ? 3.914   12.795  -15.050 1.00 23.17  ? 12  DG  A "C3'" 1 
ATOM   231 O  "O3'" . DG  A 1 12 ? 5.209   13.260  -15.372 1.00 28.23  ? 12  DG  A "O3'" 1 
ATOM   232 C  "C2'" . DG  A 1 12 ? 3.156   12.224  -16.237 1.00 26.74  ? 12  DG  A "C2'" 1 
ATOM   233 C  "C1'" . DG  A 1 12 ? 3.174   10.724  -16.039 1.00 26.96  ? 12  DG  A "C1'" 1 
ATOM   234 N  N9    . DG  A 1 12 ? 1.926   10.018  -16.248 1.00 23.57  ? 12  DG  A N9    1 
ATOM   235 C  C8    . DG  A 1 12 ? 0.650   10.501  -16.124 1.00 24.66  ? 12  DG  A C8    1 
ATOM   236 N  N7    . DG  A 1 12 ? -0.259  9.579   -16.275 1.00 26.08  ? 12  DG  A N7    1 
ATOM   237 C  C5    . DG  A 1 12 ? 0.456   8.445   -16.624 1.00 20.74  ? 12  DG  A C5    1 
ATOM   238 C  C6    . DG  A 1 12 ? 0.009   7.134   -16.937 1.00 24.08  ? 12  DG  A C6    1 
ATOM   239 O  O6    . DG  A 1 12 ? -1.148  6.710   -17.025 1.00 29.46  ? 12  DG  A O6    1 
ATOM   240 N  N1    . DG  A 1 12 ? 1.075   6.272   -17.158 1.00 23.52  ? 12  DG  A N1    1 
ATOM   241 C  C2    . DG  A 1 12 ? 2.394   6.618   -17.073 1.00 21.14  ? 12  DG  A C2    1 
ATOM   242 N  N2    . DG  A 1 12 ? 3.257   5.666   -17.366 1.00 22.87  ? 12  DG  A N2    1 
ATOM   243 N  N3    . DG  A 1 12 ? 2.824   7.839   -16.811 1.00 24.07  ? 12  DG  A N3    1 
ATOM   244 C  C4    . DG  A 1 12 ? 1.809   8.685   -16.557 1.00 22.57  ? 12  DG  A C4    1 
ATOM   245 O  "O5'" . DC  B 1 1  ? 0.010   -1.836  -21.226 1.00 53.04  ? 13  DC  B "O5'" 1 
ATOM   246 C  "C5'" . DC  B 1 1  ? 1.143   -1.510  -22.011 1.00 40.60  ? 13  DC  B "C5'" 1 
ATOM   247 C  "C4'" . DC  B 1 1  ? 2.206   -0.894  -21.131 1.00 33.63  ? 13  DC  B "C4'" 1 
ATOM   248 O  "O4'" . DC  B 1 1  ? 1.796   0.404   -20.671 1.00 31.84  ? 13  DC  B "O4'" 1 
ATOM   249 C  "C3'" . DC  B 1 1  ? 2.562   -1.710  -19.893 1.00 35.98  ? 13  DC  B "C3'" 1 
ATOM   250 O  "O3'" . DC  B 1 1  ? 3.969   -1.865  -19.932 1.00 36.69  ? 13  DC  B "O3'" 1 
ATOM   251 C  "C2'" . DC  B 1 1  ? 2.058   -0.874  -18.732 1.00 31.90  ? 13  DC  B "C2'" 1 
ATOM   252 C  "C1'" . DC  B 1 1  ? 2.014   0.540   -19.288 1.00 30.21  ? 13  DC  B "C1'" 1 
ATOM   253 N  N1    . DC  B 1 1  ? 0.960   1.411   -18.766 1.00 30.39  ? 13  DC  B N1    1 
ATOM   254 C  C2    . DC  B 1 1  ? 1.285   2.697   -18.339 1.00 25.59  ? 13  DC  B C2    1 
ATOM   255 O  O2    . DC  B 1 1  ? 2.462   3.047   -18.359 1.00 26.74  ? 13  DC  B O2    1 
ATOM   256 N  N3    . DC  B 1 1  ? 0.312   3.513   -17.898 1.00 23.84  ? 13  DC  B N3    1 
ATOM   257 C  C4    . DC  B 1 1  ? -0.954  3.093   -17.884 1.00 27.18  ? 13  DC  B C4    1 
ATOM   258 N  N4    . DC  B 1 1  ? -1.878  3.935   -17.440 1.00 29.37  ? 13  DC  B N4    1 
ATOM   259 C  C5    . DC  B 1 1  ? -1.318  1.795   -18.333 1.00 33.91  ? 13  DC  B C5    1 
ATOM   260 C  C6    . DC  B 1 1  ? -0.340  0.996   -18.766 1.00 33.70  ? 13  DC  B C6    1 
ATOM   261 P  P     . DG  B 1 2  ? 4.718   -2.899  -19.060 1.00 39.43  ? 14  DG  B P     1 
ATOM   262 O  OP1   . DG  B 1 2  ? 5.767   -3.407  -19.914 1.00 56.11  ? 14  DG  B OP1   1 
ATOM   263 O  OP2   . DG  B 1 2  ? 3.786   -3.746  -18.389 1.00 41.95  ? 14  DG  B OP2   1 
ATOM   264 O  "O5'" . DG  B 1 2  ? 5.360   -2.024  -17.907 1.00 31.32  ? 14  DG  B "O5'" 1 
ATOM   265 C  "C5'" . DG  B 1 2  ? 6.180   -0.933  -18.278 1.00 29.06  ? 14  DG  B "C5'" 1 
ATOM   266 C  "C4'" . DG  B 1 2  ? 6.336   0.046   -17.140 1.00 26.10  ? 14  DG  B "C4'" 1 
ATOM   267 O  "O4'" . DG  B 1 2  ? 5.136   0.806   -16.955 1.00 25.46  ? 14  DG  B "O4'" 1 
ATOM   268 C  "C3'" . DG  B 1 2  ? 6.646   -0.601  -15.804 1.00 22.91  ? 14  DG  B "C3'" 1 
ATOM   269 O  "O3'" . DG  B 1 2  ? 7.947   -0.220  -15.419 1.00 24.33  ? 14  DG  B "O3'" 1 
ATOM   270 C  "C2'" . DG  B 1 2  ? 5.549   -0.111  -14.882 1.00 27.10  ? 14  DG  B "C2'" 1 
ATOM   271 C  "C1'" . DG  B 1 2  ? 4.966   1.078   -15.592 1.00 25.14  ? 14  DG  B "C1'" 1 
ATOM   272 N  N9    . DG  B 1 2  ? 3.544   1.242   -15.357 1.00 22.93  ? 14  DG  B N9    1 
ATOM   273 C  C8    . DG  B 1 2  ? 2.571   0.290   -15.509 1.00 23.50  ? 14  DG  B C8    1 
ATOM   274 N  N7    . DG  B 1 2  ? 1.378   0.735   -15.245 1.00 22.48  ? 14  DG  B N7    1 
ATOM   275 C  C5    . DG  B 1 2  ? 1.576   2.061   -14.904 1.00 22.49  ? 14  DG  B C5    1 
ATOM   276 C  C6    . DG  B 1 2  ? 0.653   3.046   -14.508 1.00 21.81  ? 14  DG  B C6    1 
ATOM   277 O  O6    . DG  B 1 2  ? -0.565  2.957   -14.420 1.00 23.62  ? 14  DG  B O6    1 
ATOM   278 N  N1    . DG  B 1 2  ? 1.273   4.259   -14.265 1.00 18.60  ? 14  DG  B N1    1 
ATOM   279 C  C2    . DG  B 1 2  ? 2.623   4.477   -14.320 1.00 19.17  ? 14  DG  B C2    1 
ATOM   280 N  N2    . DG  B 1 2  ? 3.027   5.712   -14.035 1.00 23.83  ? 14  DG  B N2    1 
ATOM   281 N  N3    . DG  B 1 2  ? 3.497   3.569   -14.701 1.00 21.55  ? 14  DG  B N3    1 
ATOM   282 C  C4    . DG  B 1 2  ? 2.910   2.384   -14.956 1.00 21.67  ? 14  DG  B C4    1 
ATOM   283 P  P     . DC  B 1 3  ? 8.554   -0.773  -14.087 1.00 24.32  ? 15  DC  B P     1 
ATOM   284 O  OP1   . DC  B 1 3  ? 9.984   -0.689  -14.292 1.00 27.46  ? 15  DC  B OP1   1 
ATOM   285 O  OP2   . DC  B 1 3  ? 7.896   -1.970  -13.550 1.00 28.72  ? 15  DC  B OP2   1 
ATOM   286 O  "O5'" . DC  B 1 3  ? 8.224   0.420   -13.109 1.00 23.57  ? 15  DC  B "O5'" 1 
ATOM   287 C  "C5'" . DC  B 1 3  ? 8.587   1.734   -13.404 1.00 22.43  ? 15  DC  B "C5'" 1 
ATOM   288 C  "C4'" . DC  B 1 3  ? 7.802   2.711   -12.561 1.00 19.52  ? 15  DC  B "C4'" 1 
ATOM   289 O  "O4'" . DC  B 1 3  ? 6.431   2.552   -12.873 1.00 20.77  ? 15  DC  B "O4'" 1 
ATOM   290 C  "C3'" . DC  B 1 3  ? 7.827   2.475   -11.064 1.00 23.36  ? 15  DC  B "C3'" 1 
ATOM   291 O  "O3'" . DC  B 1 3  ? 9.000   3.086   -10.526 1.00 23.49  ? 15  DC  B "O3'" 1 
ATOM   292 C  "C2'" . DC  B 1 3  ? 6.524   3.136   -10.628 1.00 24.16  ? 15  DC  B "C2'" 1 
ATOM   293 C  "C1'" . DC  B 1 3  ? 5.657   3.046   -11.821 1.00 21.61  ? 15  DC  B "C1'" 1 
ATOM   294 N  N1    . DC  B 1 3  ? 4.536   2.158   -11.674 1.00 21.53  ? 15  DC  B N1    1 
ATOM   295 C  C2    . DC  B 1 3  ? 3.308   2.720   -11.385 1.00 17.36  ? 15  DC  B C2    1 
ATOM   296 O  O2    . DC  B 1 3  ? 3.241   3.945   -11.230 1.00 21.53  ? 15  DC  B O2    1 
ATOM   297 N  N3    . DC  B 1 3  ? 2.203   1.948   -11.446 1.00 18.90  ? 15  DC  B N3    1 
ATOM   298 C  C4    . DC  B 1 3  ? 2.328   0.635   -11.573 1.00 20.57  ? 15  DC  B C4    1 
ATOM   299 N  N4    . DC  B 1 3  ? 1.237   -0.074  -11.560 1.00 22.19  ? 15  DC  B N4    1 
ATOM   300 C  C5    . DC  B 1 3  ? 3.596   0.004   -11.732 1.00 22.17  ? 15  DC  B C5    1 
ATOM   301 C  C6    . DC  B 1 3  ? 4.669   0.803   -11.787 1.00 23.97  ? 15  DC  B C6    1 
ATOM   302 P  P     . DG  B 1 4  ? 9.389   2.939   -8.990  1.00 26.06  ? 16  DG  B P     1 
ATOM   303 O  OP1   . DG  B 1 4  ? 10.736  3.329   -8.909  1.00 31.00  ? 16  DG  B OP1   1 
ATOM   304 O  OP2   . DG  B 1 4  ? 9.017   1.638   -8.401  1.00 30.20  ? 16  DG  B OP2   1 
ATOM   305 O  "O5'" . DG  B 1 4  ? 8.604   4.041   -8.182  1.00 23.69  ? 16  DG  B "O5'" 1 
ATOM   306 C  "C5'" . DG  B 1 4  ? 8.715   5.435   -8.479  1.00 27.20  ? 16  DG  B "C5'" 1 
ATOM   307 C  "C4'" . DG  B 1 4  ? 7.675   6.206   -7.701  1.00 23.56  ? 16  DG  B "C4'" 1 
ATOM   308 O  "O4'" . DG  B 1 4  ? 6.340   5.807   -8.090  1.00 23.44  ? 16  DG  B "O4'" 1 
ATOM   309 C  "C3'" . DG  B 1 4  ? 7.746   6.055   -6.183  1.00 25.15  ? 16  DG  B "C3'" 1 
ATOM   310 O  "O3'" . DG  B 1 4  ? 7.383   7.331   -5.677  1.00 27.68  ? 16  DG  B "O3'" 1 
ATOM   311 C  "C2'" . DG  B 1 4  ? 6.773   4.925   -5.924  1.00 23.04  ? 16  DG  B "C2'" 1 
ATOM   312 C  "C1'" . DG  B 1 4  ? 5.712   5.202   -6.949  1.00 22.81  ? 16  DG  B "C1'" 1 
ATOM   313 N  N9    . DG  B 1 4  ? 5.050   3.964   -7.352  1.00 22.94  ? 16  DG  B N9    1 
ATOM   314 C  C8    . DG  B 1 4  ? 5.589   2.701   -7.448  1.00 22.79  ? 16  DG  B C8    1 
ATOM   315 N  N7    . DG  B 1 4  ? 4.699   1.785   -7.739  1.00 21.72  ? 16  DG  B N7    1 
ATOM   316 C  C5    . DG  B 1 4  ? 3.498   2.483   -7.815  1.00 19.47  ? 16  DG  B C5    1 
ATOM   317 C  C6    . DG  B 1 4  ? 2.169   2.028   -8.038  1.00 19.33  ? 16  DG  B C6    1 
ATOM   318 O  O6    . DG  B 1 4  ? 1.786   0.889   -8.279  1.00 20.29  ? 16  DG  B O6    1 
ATOM   319 N  N1    . DG  B 1 4  ? 1.254   3.063   -7.963  1.00 19.28  ? 16  DG  B N1    1 
ATOM   320 C  C2    . DG  B 1 4  ? 1.553   4.365   -7.683  1.00 19.79  ? 16  DG  B C2    1 
ATOM   321 N  N2    . DG  B 1 4  ? 0.539   5.210   -7.671  1.00 21.47  ? 16  DG  B N2    1 
ATOM   322 N  N3    . DG  B 1 4  ? 2.785   4.819   -7.511  1.00 20.60  ? 16  DG  B N3    1 
ATOM   323 C  C4    . DG  B 1 4  ? 3.697   3.827   -7.562  1.00 23.19  ? 16  DG  B C4    1 
ATOM   324 P  P     . DA  B 1 5  ? 6.809   7.640   -4.202  1.00 27.94  ? 17  DA  B P     1 
ATOM   325 O  OP1   . DA  B 1 5  ? 7.317   8.996   -3.843  1.00 34.83  ? 17  DA  B OP1   1 
ATOM   326 O  OP2   . DA  B 1 5  ? 7.136   6.497   -3.288  1.00 31.17  ? 17  DA  B OP2   1 
ATOM   327 O  "O5'" . DA  B 1 5  ? 5.240   7.626   -4.368  1.00 26.12  ? 17  DA  B "O5'" 1 
ATOM   328 C  "C5'" . DA  B 1 5  ? 4.669   8.566   -5.224  1.00 25.41  ? 17  DA  B "C5'" 1 
ATOM   329 C  "C4'" . DA  B 1 5  ? 3.193   8.637   -4.987  1.00 26.38  ? 17  DA  B "C4'" 1 
ATOM   330 O  "O4'" . DA  B 1 5  ? 2.564   7.380   -5.315  1.00 24.41  ? 17  DA  B "O4'" 1 
ATOM   331 C  "C3'" . DA  B 1 5  ? 2.795   8.945   -3.561  1.00 27.57  ? 17  DA  B "C3'" 1 
ATOM   332 O  "O3'" . DA  B 1 5  ? 1.630   9.771   -3.645  1.00 29.89  ? 17  DA  B "O3'" 1 
ATOM   333 C  "C2'" . DA  B 1 5  ? 2.529   7.563   -2.968  1.00 26.29  ? 17  DA  B "C2'" 1 
ATOM   334 C  "C1'" . DA  B 1 5  ? 1.988   6.783   -4.125  1.00 23.13  ? 17  DA  B "C1'" 1 
ATOM   335 N  N9    . DA  B 1 5  ? 2.359   5.381   -4.115  1.00 22.66  ? 17  DA  B N9    1 
ATOM   336 C  C8    . DA  B 1 5  ? 3.630   4.854   -4.047  1.00 23.38  ? 17  DA  B C8    1 
ATOM   337 N  N7    . DA  B 1 5  ? 3.669   3.549   -4.153  1.00 20.62  ? 17  DA  B N7    1 
ATOM   338 C  C5    . DA  B 1 5  ? 2.345   3.202   -4.435  1.00 20.59  ? 17  DA  B C5    1 
ATOM   339 C  C6    . DA  B 1 5  ? 1.719   1.975   -4.705  1.00 17.89  ? 17  DA  B C6    1 
ATOM   340 N  N6    . DA  B 1 5  ? 2.376   0.828   -4.788  1.00 20.22  ? 17  DA  B N6    1 
ATOM   341 N  N1    . DA  B 1 5  ? 0.373   1.969   -4.859  1.00 19.61  ? 17  DA  B N1    1 
ATOM   342 C  C2    . DA  B 1 5  ? -0.293  3.132   -4.765  1.00 20.38  ? 17  DA  B C2    1 
ATOM   343 N  N3    . DA  B 1 5  ? 0.189   4.355   -4.546  1.00 20.80  ? 17  DA  B N3    1 
ATOM   344 C  C4    . DA  B 1 5  ? 1.524   4.318   -4.363  1.00 19.17  ? 17  DA  B C4    1 
ATOM   345 P  P     . DA  B 1 6  ? 0.939   10.310  -2.327  1.00 32.91  ? 18  DA  B P     1 
ATOM   346 O  OP1   . DA  B 1 6  ? 0.193   11.507  -2.678  1.00 37.55  ? 18  DA  B OP1   1 
ATOM   347 O  OP2   . DA  B 1 6  ? 1.872   10.262  -1.229  1.00 31.04  ? 18  DA  B OP2   1 
ATOM   348 O  "O5'" . DA  B 1 6  ? -0.164  9.219   -1.965  1.00 30.20  ? 18  DA  B "O5'" 1 
ATOM   349 C  "C5'" . DA  B 1 6  ? -1.248  8.926   -2.810  1.00 30.19  ? 18  DA  B "C5'" 1 
ATOM   350 C  "C4'" . DA  B 1 6  ? -2.008  7.759   -2.240  1.00 28.09  ? 18  DA  B "C4'" 1 
ATOM   351 O  "O4'" . DA  B 1 6  ? -1.233  6.563   -2.371  1.00 26.27  ? 18  DA  B "O4'" 1 
ATOM   352 C  "C3'" . DA  B 1 6  ? -2.335  7.891   -0.746  1.00 29.73  ? 18  DA  B "C3'" 1 
ATOM   353 O  "O3'" . DA  B 1 6  ? -3.735  8.088   -0.683  1.00 34.73  ? 18  DA  B "O3'" 1 
ATOM   354 C  "C2'" . DA  B 1 6  ? -1.809  6.606   -0.134  1.00 27.32  ? 18  DA  B "C2'" 1 
ATOM   355 C  "C1'" . DA  B 1 6  ? -1.592  5.692   -1.310  1.00 24.83  ? 18  DA  B "C1'" 1 
ATOM   356 N  N9    . DA  B 1 6  ? -0.531  4.704   -1.182  1.00 23.72  ? 18  DA  B N9    1 
ATOM   357 C  C8    . DA  B 1 6  ? 0.783   4.950   -0.881  1.00 20.51  ? 18  DA  B C8    1 
ATOM   358 N  N7    . DA  B 1 6  ? 1.545   3.888   -0.931  1.00 22.85  ? 18  DA  B N7    1 
ATOM   359 C  C5    . DA  B 1 6  ? 0.673   2.868   -1.280  1.00 20.87  ? 18  DA  B C5    1 
ATOM   360 C  C6    . DA  B 1 6  ? 0.858   1.500   -1.476  1.00 19.34  ? 18  DA  B C6    1 
ATOM   361 N  N6    . DA  B 1 6  ? 2.038   0.888   -1.385  1.00 21.88  ? 18  DA  B N6    1 
ATOM   362 N  N1    . DA  B 1 6  ? -0.226  0.759   -1.794  1.00 19.77  ? 18  DA  B N1    1 
ATOM   363 C  C2    . DA  B 1 6  ? -1.393  1.374   -1.939  1.00 21.42  ? 18  DA  B C2    1 
ATOM   364 N  N3    . DA  B 1 6  ? -1.701  2.645   -1.774  1.00 22.19  ? 18  DA  B N3    1 
ATOM   365 C  C4    . DA  B 1 6  ? -0.607  3.356   -1.442  1.00 21.41  ? 18  DA  B C4    1 
ATOM   366 P  P     . DT  B 1 7  ? -4.591  7.995   0.646   1.00 40.82  ? 19  DT  B P     1 
ATOM   367 O  OP1   . DT  B 1 7  ? -5.813  8.701   0.372   1.00 44.52  ? 19  DT  B OP1   1 
ATOM   368 O  OP2   . DT  B 1 7  ? -3.696  8.364   1.754   1.00 44.69  ? 19  DT  B OP2   1 
ATOM   369 O  "O5'" . DT  B 1 7  ? -4.912  6.455   0.768   1.00 30.72  ? 19  DT  B "O5'" 1 
ATOM   370 C  "C5'" . DT  B 1 7  ? -5.617  5.788   -0.245  1.00 29.16  ? 19  DT  B "C5'" 1 
ATOM   371 C  "C4'" . DT  B 1 7  ? -5.703  4.326   0.120   1.00 26.15  ? 19  DT  B "C4'" 1 
ATOM   372 O  "O4'" . DT  B 1 7  ? -4.390  3.728   0.110   1.00 26.00  ? 19  DT  B "O4'" 1 
ATOM   373 C  "C3'" . DT  B 1 7  ? -6.284  4.056   1.508   1.00 25.98  ? 19  DT  B "C3'" 1 
ATOM   374 O  "O3'" . DT  B 1 7  ? -7.482  3.335   1.298   1.00 30.07  ? 19  DT  B "O3'" 1 
ATOM   375 C  "C2'" . DT  B 1 7  ? -5.207  3.249   2.220   1.00 26.77  ? 19  DT  B "C2'" 1 
ATOM   376 C  "C1'" . DT  B 1 7  ? -4.353  2.714   1.100   1.00 25.87  ? 19  DT  B "C1'" 1 
ATOM   377 N  N1    . DT  B 1 7  ? -2.940  2.450   1.411   1.00 24.60  ? 19  DT  B N1    1 
ATOM   378 C  C2    . DT  B 1 7  ? -2.447  1.169   1.248   1.00 22.21  ? 19  DT  B C2    1 
ATOM   379 O  O2    . DT  B 1 7  ? -3.131  0.229   0.906   1.00 22.06  ? 19  DT  B O2    1 
ATOM   380 N  N3    . DT  B 1 7  ? -1.109  1.036   1.474   1.00 22.04  ? 19  DT  B N3    1 
ATOM   381 C  C4    . DT  B 1 7  ? -0.235  2.020   1.878   1.00 21.81  ? 19  DT  B C4    1 
ATOM   382 O  O4    . DT  B 1 7  ? 0.938   1.752   2.024   1.00 24.16  ? 19  DT  B O4    1 
ATOM   383 C  C5    . DT  B 1 7  ? -0.811  3.337   2.034   1.00 22.25  ? 19  DT  B C5    1 
ATOM   384 C  C7    . DT  B 1 7  ? 0.077   4.476   2.422   1.00 23.26  ? 19  DT  B C7    1 
ATOM   385 C  C6    . DT  B 1 7  ? -2.120  3.484   1.799   1.00 22.85  ? 19  DT  B C6    1 
ATOM   386 P  P     . DT  B 1 8  ? -8.377  2.810   2.530   1.00 32.03  ? 20  DT  B P     1 
ATOM   387 O  OP1   . DT  B 1 8  ? -9.764  2.785   1.981   1.00 35.31  ? 20  DT  B OP1   1 
ATOM   388 O  OP2   . DT  B 1 8  ? -8.041  3.580   3.781   1.00 33.99  ? 20  DT  B OP2   1 
ATOM   389 O  "O5'" . DT  B 1 8  ? -7.788  1.342   2.666   1.00 31.33  ? 20  DT  B "O5'" 1 
ATOM   390 C  "C5'" . DT  B 1 8  ? -7.813  0.408   1.566   1.00 28.60  ? 20  DT  B "C5'" 1 
ATOM   391 C  "C4'" . DT  B 1 8  ? -7.188  -0.899  1.986   1.00 28.63  ? 20  DT  B "C4'" 1 
ATOM   392 O  "O4'" . DT  B 1 8  ? -5.787  -0.693  2.274   1.00 26.47  ? 20  DT  B "O4'" 1 
ATOM   393 C  "C3'" . DT  B 1 8  ? -7.793  -1.514  3.253   1.00 31.59  ? 20  DT  B "C3'" 1 
ATOM   394 O  "O3'" . DT  B 1 8  ? -8.103  -2.878  2.993   1.00 39.07  ? 20  DT  B "O3'" 1 
ATOM   395 C  "C2'" . DT  B 1 8  ? -6.698  -1.373  4.291   1.00 26.06  ? 20  DT  B "C2'" 1 
ATOM   396 C  "C1'" . DT  B 1 8  ? -5.446  -1.412  3.466   1.00 24.42  ? 20  DT  B "C1'" 1 
ATOM   397 N  N1    . DT  B 1 8  ? -4.221  -0.805  3.977   1.00 23.79  ? 20  DT  B N1    1 
ATOM   398 C  C2    . DT  B 1 8  ? -3.068  -1.559  3.943   1.00 25.04  ? 20  DT  B C2    1 
ATOM   399 O  O2    . DT  B 1 8  ? -3.044  -2.730  3.628   1.00 24.66  ? 20  DT  B O2    1 
ATOM   400 N  N3    . DT  B 1 8  ? -1.936  -0.892  4.322   1.00 25.84  ? 20  DT  B N3    1 
ATOM   401 C  C4    . DT  B 1 8  ? -1.843  0.427   4.723   1.00 25.98  ? 20  DT  B C4    1 
ATOM   402 O  O4    . DT  B 1 8  ? -0.752  0.904   4.982   1.00 28.14  ? 20  DT  B O4    1 
ATOM   403 C  C5    . DT  B 1 8  ? -3.094  1.152   4.771   1.00 22.81  ? 20  DT  B C5    1 
ATOM   404 C  C7    . DT  B 1 8  ? -3.089  2.580   5.223   1.00 27.47  ? 20  DT  B C7    1 
ATOM   405 C  C6    . DT  B 1 8  ? -4.207  0.504   4.405   1.00 26.29  ? 20  DT  B C6    1 
HETATM 406 P  P     . 5OC B 1 9  ? -9.067  -3.867  3.857   1.00 35.26  ? 21  5OC B P     1 
HETATM 407 N  N1    . 5OC B 1 9  ? -3.825  -4.006  6.751   1.00 26.86  ? 21  5OC B N1    1 
HETATM 408 C  C2    . 5OC B 1 9  ? -2.473  -3.938  6.964   1.00 24.09  ? 21  5OC B C2    1 
HETATM 409 O  O2    . 5OC B 1 9  ? -1.791  -5.009  6.735   1.00 26.01  ? 21  5OC B O2    1 
HETATM 410 N  N3    . 5OC B 1 9  ? -1.919  -2.794  7.338   1.00 25.00  ? 21  5OC B N3    1 
HETATM 411 C  C4    . 5OC B 1 9  ? -2.611  -1.730  7.553   1.00 25.12  ? 21  5OC B C4    1 
HETATM 412 N  N4    . 5OC B 1 9  ? -2.035  -0.603  7.916   1.00 25.47  ? 21  5OC B N4    1 
HETATM 413 C  C5    . 5OC B 1 9  ? -3.954  -1.775  7.352   1.00 28.23  ? 21  5OC B C5    1 
HETATM 414 O  O5    . 5OC B 1 9  ? -4.637  -0.807  7.548   1.00 34.13  ? 21  5OC B O5    1 
HETATM 415 C  C6    . 5OC B 1 9  ? -4.548  -2.947  6.949   1.00 26.37  ? 21  5OC B C6    1 
HETATM 416 C  "C1'" . 5OC B 1 9  ? -4.337  -5.247  6.226   1.00 27.90  ? 21  5OC B "C1'" 1 
HETATM 417 C  "C2'" . 5OC B 1 9  ? -5.384  -5.931  7.039   1.00 28.71  ? 21  5OC B "C2'" 1 
HETATM 418 C  "C3'" . 5OC B 1 9  ? -6.365  -6.480  6.037   1.00 28.98  ? 21  5OC B "C3'" 1 
HETATM 419 O  "O3'" . 5OC B 1 9  ? -6.284  -7.867  5.986   1.00 33.89  ? 21  5OC B "O3'" 1 
HETATM 420 C  "C4'" . 5OC B 1 9  ? -5.895  -5.994  4.708   1.00 26.85  ? 21  5OC B "C4'" 1 
HETATM 421 O  "O4'" . 5OC B 1 9  ? -4.994  -4.957  4.985   1.00 26.58  ? 21  5OC B "O4'" 1 
HETATM 422 C  "C5'" . 5OC B 1 9  ? -7.034  -5.449  3.924   1.00 30.25  ? 21  5OC B "C5'" 1 
HETATM 423 O  "O5'" . 5OC B 1 9  ? -7.772  -4.546  4.629   1.00 30.93  ? 21  5OC B "O5'" 1 
HETATM 424 O  OP1   . 5OC B 1 9  ? -9.581  -4.714  2.564   1.00 41.83  ? 21  5OC B OP1   1 
HETATM 425 O  OP2   . 5OC B 1 9  ? -9.803  -2.835  4.769   1.00 39.12  ? 21  5OC B OP2   1 
ATOM   426 P  P     . DG  B 1 10 ? -6.941  -8.807  7.121   1.00 34.95  ? 22  DG  B P     1 
ATOM   427 O  OP1   . DG  B 1 10 ? -7.061  -10.089 6.512   1.00 40.86  ? 22  DG  B OP1   1 
ATOM   428 O  OP2   . DG  B 1 10 ? -8.017  -8.172  7.774   1.00 39.42  ? 22  DG  B OP2   1 
ATOM   429 O  "O5'" . DG  B 1 10 ? -5.792  -8.927  8.223   1.00 33.65  ? 22  DG  B "O5'" 1 
ATOM   430 C  "C5'" . DG  B 1 10 ? -4.555  -9.526  7.919   1.00 33.45  ? 22  DG  B "C5'" 1 
ATOM   431 C  "C4'" . DG  B 1 10 ? -3.633  -9.320  9.100   1.00 28.42  ? 22  DG  B "C4'" 1 
ATOM   432 O  "O4'" . DG  B 1 10 ? -3.213  -7.942  9.164   1.00 29.64  ? 22  DG  B "O4'" 1 
ATOM   433 C  "C3'" . DG  B 1 10 ? -4.306  -9.604  10.441  1.00 28.62  ? 22  DG  B "C3'" 1 
ATOM   434 O  "O3'" . DG  B 1 10 ? -3.380  -10.218 11.328  1.00 31.54  ? 22  DG  B "O3'" 1 
ATOM   435 C  "C2'" . DG  B 1 10 ? -4.607  -8.225  10.971  1.00 29.71  ? 22  DG  B "C2'" 1 
ATOM   436 C  "C1'" . DG  B 1 10 ? -3.377  -7.516  10.487  1.00 26.98  ? 22  DG  B "C1'" 1 
ATOM   437 N  N9    . DG  B 1 10 ? -3.406  -6.067  10.514  1.00 23.83  ? 22  DG  B N9    1 
ATOM   438 C  C8    . DG  B 1 10 ? -4.499  -5.247  10.495  1.00 27.84  ? 22  DG  B C8    1 
ATOM   439 N  N7    . DG  B 1 10 ? -4.193  -3.985  10.567  1.00 23.96  ? 22  DG  B N7    1 
ATOM   440 C  C5    . DG  B 1 10 ? -2.811  -3.972  10.669  1.00 20.00  ? 22  DG  B C5    1 
ATOM   441 C  C6    . DG  B 1 10 ? -1.915  -2.894  10.779  1.00 20.62  ? 22  DG  B C6    1 
ATOM   442 O  O6    . DG  B 1 10 ? -2.166  -1.703  10.796  1.00 23.08  ? 22  DG  B O6    1 
ATOM   443 N  N1    . DG  B 1 10 ? -0.605  -3.331  10.867  1.00 22.95  ? 22  DG  B N1    1 
ATOM   444 C  C2    . DG  B 1 10 ? -0.206  -4.635  10.841  1.00 21.43  ? 22  DG  B C2    1 
ATOM   445 N  N2    . DG  B 1 10 ? 1.102   -4.855  10.928  1.00 20.83  ? 22  DG  B N2    1 
ATOM   446 N  N3    . DG  B 1 10 ? -1.033  -5.653  10.736  1.00 22.33  ? 22  DG  B N3    1 
ATOM   447 C  C4    . DG  B 1 10 ? -2.312  -5.250  10.647  1.00 22.81  ? 22  DG  B C4    1 
ATOM   448 P  P     . DC  B 1 11 ? -3.815  -11.242 12.410  1.00 30.92  ? 23  DC  B P     1 
ATOM   449 O  OP1   . DC  B 1 11 ? -4.138  -12.450 11.724  1.00 36.64  ? 23  DC  B OP1   1 
ATOM   450 O  OP2   . DC  B 1 11 ? -4.723  -10.636 13.302  1.00 34.56  ? 23  DC  B OP2   1 
ATOM   451 O  "O5'" . DC  B 1 11 ? -2.437  -11.426 13.200  1.00 29.23  ? 23  DC  B "O5'" 1 
ATOM   452 C  "C5'" . DC  B 1 11 ? -1.278  -11.898 12.537  1.00 26.06  ? 23  DC  B "C5'" 1 
ATOM   453 C  "C4'" . DC  B 1 11 ? -0.066  -11.058 12.888  1.00 23.81  ? 23  DC  B "C4'" 1 
ATOM   454 O  "O4'" . DC  B 1 11 ? -0.224  -9.714  12.417  1.00 24.59  ? 23  DC  B "O4'" 1 
ATOM   455 C  "C3'" . DC  B 1 11 ? 0.242   -10.901 14.373  1.00 25.28  ? 23  DC  B "C3'" 1 
ATOM   456 O  "O3'" . DC  B 1 11 ? 1.065   -11.954 14.822  1.00 27.60  ? 23  DC  B "O3'" 1 
ATOM   457 C  "C2'" . DC  B 1 11 ? 1.068   -9.637  14.398  1.00 24.92  ? 23  DC  B "C2'" 1 
ATOM   458 C  "C1'" . DC  B 1 11 ? 0.440   -8.818  13.301  1.00 25.06  ? 23  DC  B "C1'" 1 
ATOM   459 N  N1    . DC  B 1 11 ? -0.515  -7.808  13.688  1.00 23.62  ? 23  DC  B N1    1 
ATOM   460 C  C2    . DC  B 1 11 ? -0.038  -6.530  13.906  1.00 23.74  ? 23  DC  B C2    1 
ATOM   461 O  O2    . DC  B 1 11 ? 1.178   -6.350  13.898  1.00 25.46  ? 23  DC  B O2    1 
ATOM   462 N  N3    . DC  B 1 11 ? -0.904  -5.525  14.119  1.00 19.78  ? 23  DC  B N3    1 
ATOM   463 C  C4    . DC  B 1 11 ? -2.213  -5.770  14.127  1.00 18.05  ? 23  DC  B C4    1 
ATOM   464 N  N4    . DC  B 1 11 ? -3.026  -4.758  14.364  1.00 22.05  ? 23  DC  B N4    1 
ATOM   465 C  C5    . DC  B 1 11 ? -2.730  -7.081  13.944  1.00 24.14  ? 23  DC  B C5    1 
ATOM   466 C  C6    . DC  B 1 11 ? -1.858  -8.052  13.685  1.00 22.03  ? 23  DC  B C6    1 
ATOM   467 P  P     . DG  B 1 12 ? 1.160   -12.241 16.407  1.00 27.45  ? 24  DG  B P     1 
ATOM   468 O  OP1   . DG  B 1 12 ? 1.761   -13.518 16.469  1.00 29.31  ? 24  DG  B OP1   1 
ATOM   469 O  OP2   . DG  B 1 12 ? -0.029  -11.958 17.108  1.00 29.63  ? 24  DG  B OP2   1 
ATOM   470 O  "O5'" . DG  B 1 12 ? 2.176   -11.167 17.017  1.00 24.11  ? 24  DG  B "O5'" 1 
ATOM   471 C  "C5'" . DG  B 1 12 ? 3.532   -11.090 16.622  1.00 23.24  ? 24  DG  B "C5'" 1 
ATOM   472 C  "C4'" . DG  B 1 12 ? 4.116   -9.778  17.097  1.00 22.43  ? 24  DG  B "C4'" 1 
ATOM   473 O  "O4'" . DG  B 1 12 ? 3.467   -8.680  16.443  1.00 23.22  ? 24  DG  B "O4'" 1 
ATOM   474 C  "C3'" . DG  B 1 12 ? 3.926   -9.484  18.574  1.00 23.50  ? 24  DG  B "C3'" 1 
ATOM   475 O  "O3'" . DG  B 1 12 ? 4.960   -10.125 19.295  1.00 23.18  ? 24  DG  B "O3'" 1 
ATOM   476 C  "C2'" . DG  B 1 12 ? 4.024   -7.974  18.619  1.00 21.80  ? 24  DG  B "C2'" 1 
ATOM   477 C  "C1'" . DG  B 1 12 ? 3.355   -7.565  17.309  1.00 22.73  ? 24  DG  B "C1'" 1 
ATOM   478 N  N9    . DG  B 1 12 ? 1.943   -7.212  17.397  1.00 21.53  ? 24  DG  B N9    1 
ATOM   479 C  C8    . DG  B 1 12 ? 0.890   -8.089  17.323  1.00 23.55  ? 24  DG  B C8    1 
ATOM   480 N  N7    . DG  B 1 12 ? -0.269  -7.502  17.372  1.00 26.13  ? 24  DG  B N7    1 
ATOM   481 C  C5    . DG  B 1 12 ? 0.034   -6.154  17.460  1.00 22.74  ? 24  DG  B C5    1 
ATOM   482 C  C6    . DG  B 1 12 ? -0.813  -5.030  17.502  1.00 22.91  ? 24  DG  B C6    1 
ATOM   483 O  O6    . DG  B 1 12 ? -2.035  -4.999  17.497  1.00 24.83  ? 24  DG  B O6    1 
ATOM   484 N  N1    . DG  B 1 12 ? -0.091  -3.850  17.587  1.00 19.76  ? 24  DG  B N1    1 
ATOM   485 C  C2    . DG  B 1 12 ? 1.271   -3.765  17.629  1.00 20.29  ? 24  DG  B C2    1 
ATOM   486 N  N2    . DG  B 1 12 ? 1.779   -2.540  17.724  1.00 22.11  ? 24  DG  B N2    1 
ATOM   487 N  N3    . DG  B 1 12 ? 2.074   -4.803  17.562  1.00 20.19  ? 24  DG  B N3    1 
ATOM   488 C  C4    . DG  B 1 12 ? 1.395   -5.959  17.473  1.00 18.81  ? 24  DG  B C4    1 
HETATM 489 MG MG    . MG  C 2 .  ? -4.826  0.975   12.841  1.00 28.47  ? 101 MG  A MG    1 
HETATM 490 O  O     . HOH D 3 .  ? -0.132  -7.717  -4.276  1.00 25.43  ? 201 HOH A O     1 
HETATM 491 O  O     . HOH D 3 .  ? -1.456  -13.399 -1.422  1.00 29.51  ? 202 HOH A O     1 
HETATM 492 O  O     . HOH D 3 .  ? 2.670   -2.938  -6.456  1.00 31.91  ? 203 HOH A O     1 
HETATM 493 O  O     . HOH D 3 .  ? -4.348  2.898   -3.043  1.00 23.39  ? 204 HOH A O     1 
HETATM 494 O  O     . HOH D 3 .  ? -1.268  -2.730  -9.738  1.00 27.10  ? 205 HOH A O     1 
HETATM 495 O  O     . HOH D 3 .  ? -3.769  -11.191 1.029   1.00 39.11  ? 206 HOH A O     1 
HETATM 496 O  O     . HOH D 3 .  ? -2.140  5.937   -5.244  1.00 25.33  ? 207 HOH A O     1 
HETATM 497 O  O     . HOH D 3 .  ? -4.850  -1.188  -0.755  1.00 24.15  ? 208 HOH A O     1 
HETATM 498 O  O     . HOH D 3 .  ? -0.019  5.022   14.301  1.00 37.53  ? 209 HOH A O     1 
HETATM 499 O  O     . HOH D 3 .  ? 5.169   -0.648  0.847   1.00 37.33  ? 210 HOH A O     1 
HETATM 500 O  O     . HOH D 3 .  ? -0.330  -13.510 1.014   1.00 36.26  ? 211 HOH A O     1 
HETATM 501 O  O     . HOH D 3 .  ? 4.195   0.952   4.728   1.00 52.58  ? 212 HOH A O     1 
HETATM 502 O  O     . HOH D 3 .  ? -4.418  5.539   -3.685  1.00 28.27  ? 213 HOH A O     1 
HETATM 503 O  O     . HOH D 3 .  ? 0.414   -4.366  -9.890  1.00 78.12  ? 214 HOH A O     1 
HETATM 504 O  O     . HOH D 3 .  ? 4.679   -2.414  -2.867  1.00 31.50  ? 215 HOH A O     1 
HETATM 505 O  O     . HOH D 3 .  ? -6.418  7.353   -3.596  1.00 43.73  ? 216 HOH A O     1 
HETATM 506 O  O     . HOH D 3 .  ? 3.651   -6.748  8.034   1.00 38.53  ? 217 HOH A O     1 
HETATM 507 O  O     . HOH D 3 .  ? -5.500  9.613   -14.857 1.00 61.49  ? 218 HOH A O     1 
HETATM 508 O  O     . HOH D 3 .  ? -6.055  -1.087  -9.650  1.00 33.25  ? 219 HOH A O     1 
HETATM 509 O  O     . HOH D 3 .  ? -0.556  3.118   10.183  1.00 44.66  ? 220 HOH A O     1 
HETATM 510 O  O     . HOH D 3 .  ? -1.652  8.232   -6.597  1.00 37.78  ? 221 HOH A O     1 
HETATM 511 O  O     . HOH D 3 .  ? -2.996  10.477  -16.180 1.00 146.48 ? 222 HOH A O     1 
HETATM 512 O  O     . HOH D 3 .  ? -0.984  7.582   -9.212  1.00 27.04  ? 223 HOH A O     1 
HETATM 513 O  O     . HOH D 3 .  ? 1.187   5.163   11.818  1.00 41.78  ? 224 HOH A O     1 
HETATM 514 O  O     . HOH D 3 .  ? 4.486   -7.455  -0.777  1.00 42.15  ? 225 HOH A O     1 
HETATM 515 O  O     . HOH D 3 .  ? -6.082  0.957   -11.216 1.00 42.54  ? 226 HOH A O     1 
HETATM 516 O  O     . HOH D 3 .  ? -2.384  -1.264  -11.984 1.00 40.20  ? 227 HOH A O     1 
HETATM 517 O  O     . HOH D 3 .  ? 8.184   -9.213  0.926   1.00 56.14  ? 228 HOH A O     1 
HETATM 518 O  O     . HOH D 3 .  ? -0.591  -6.791  4.690   1.00 37.32  ? 229 HOH A O     1 
HETATM 519 O  O     . HOH D 3 .  ? -6.046  1.049   -1.865  1.00 31.22  ? 230 HOH A O     1 
HETATM 520 O  O     . HOH D 3 .  ? -6.008  -2.366  15.051  1.00 37.88  ? 231 HOH A O     1 
HETATM 521 O  O     . HOH D 3 .  ? 3.310   -8.731  -3.387  1.00 29.39  ? 232 HOH A O     1 
HETATM 522 O  O     . HOH D 3 .  ? -3.039  1.856   13.512  1.00 26.69  ? 233 HOH A O     1 
HETATM 523 O  O     . HOH D 3 .  ? -4.161  -0.840  13.513  1.00 23.85  ? 234 HOH A O     1 
HETATM 524 O  O     . HOH D 3 .  ? 7.769   4.627   16.582  1.00 47.48  ? 235 HOH A O     1 
HETATM 525 O  O     . HOH D 3 .  ? 4.855   7.330   17.183  1.00 52.97  ? 236 HOH A O     1 
HETATM 526 O  O     . HOH D 3 .  ? 7.871   -6.505  0.081   1.00 48.07  ? 237 HOH A O     1 
HETATM 527 O  O     . HOH D 3 .  ? 5.173   -3.156  0.205   1.00 38.54  ? 238 HOH A O     1 
HETATM 528 O  O     . HOH D 3 .  ? -1.267  -7.294  -6.646  1.00 30.28  ? 239 HOH A O     1 
HETATM 529 O  O     . HOH D 3 .  ? -10.603 0.835   -3.470  1.00 52.44  ? 240 HOH A O     1 
HETATM 530 O  O     . HOH D 3 .  ? -5.004  11.716  -7.415  1.00 39.59  ? 241 HOH A O     1 
HETATM 531 O  O     . HOH D 3 .  ? -5.358  5.298   -14.714 1.00 32.88  ? 242 HOH A O     1 
HETATM 532 O  O     . HOH D 3 .  ? -8.248  4.603   -10.421 1.00 45.34  ? 243 HOH A O     1 
HETATM 533 O  O     . HOH D 3 .  ? 6.028   -8.131  8.301   1.00 40.36  ? 244 HOH A O     1 
HETATM 534 O  O     . HOH D 3 .  ? 7.153   -11.444 4.855   1.00 43.67  ? 245 HOH A O     1 
HETATM 535 O  O     . HOH D 3 .  ? 0.153   13.890  -15.376 1.00 38.45  ? 246 HOH A O     1 
HETATM 536 O  O     . HOH E 3 .  ? -4.002  0.316   11.024  1.00 27.22  ? 101 HOH B O     1 
HETATM 537 O  O     . HOH E 3 .  ? -0.718  -1.062  -14.917 1.00 44.28  ? 102 HOH B O     1 
HETATM 538 O  O     . HOH E 3 .  ? -3.421  -4.840  1.823   1.00 26.37  ? 103 HOH B O     1 
HETATM 539 O  O     . HOH E 3 .  ? -3.388  5.919   3.672   1.00 36.88  ? 104 HOH B O     1 
HETATM 540 O  O     . HOH E 3 .  ? -3.456  2.086   8.840   1.00 33.64  ? 105 HOH B O     1 
HETATM 541 O  O     . HOH E 3 .  ? -3.000  -7.380  2.710   1.00 32.31  ? 106 HOH B O     1 
HETATM 542 O  O     . HOH E 3 .  ? -6.293  -2.166  10.476  1.00 33.69  ? 107 HOH B O     1 
HETATM 543 O  O     . HOH E 3 .  ? 1.732   -3.038  -11.676 1.00 47.54  ? 108 HOH B O     1 
HETATM 544 O  O     . HOH E 3 .  ? -0.975  8.723   2.563   1.00 42.30  ? 109 HOH B O     1 
HETATM 545 O  O     . HOH E 3 .  ? 5.716   2.072   -3.345  1.00 37.32  ? 110 HOH B O     1 
HETATM 546 O  O     . HOH E 3 .  ? 8.487   -0.967  -9.343  1.00 80.72  ? 111 HOH B O     1 
HETATM 547 O  O     . HOH E 3 .  ? 4.137   4.231   -0.258  1.00 35.33  ? 112 HOH B O     1 
HETATM 548 O  O     . HOH E 3 .  ? -2.006  -9.650  17.279  1.00 29.83  ? 113 HOH B O     1 
HETATM 549 O  O     . HOH E 3 .  ? 6.072   10.963  -2.383  1.00 41.18  ? 114 HOH B O     1 
HETATM 550 O  O     . HOH E 3 .  ? -5.510  -3.811  0.167   1.00 27.98  ? 115 HOH B O     1 
HETATM 551 O  O     . HOH E 3 .  ? -5.961  -5.417  14.171  1.00 32.97  ? 116 HOH B O     1 
HETATM 552 O  O     . HOH E 3 .  ? -5.938  -6.696  16.278  1.00 58.25  ? 117 HOH B O     1 
HETATM 553 O  O     . HOH E 3 .  ? 5.522   6.437   -1.080  1.00 39.43  ? 118 HOH B O     1 
HETATM 554 O  O     . HOH E 3 .  ? 11.026  0.475   -16.448 1.00 29.90  ? 119 HOH B O     1 
HETATM 555 O  O     . HOH E 3 .  ? 11.799  -1.898  -10.563 1.00 54.31  ? 120 HOH B O     1 
HETATM 556 O  O     . HOH E 3 .  ? -0.041  -8.033  9.824   1.00 36.90  ? 121 HOH B O     1 
HETATM 557 O  O     . HOH E 3 .  ? 0.898   9.390   -7.593  1.00 36.79  ? 122 HOH B O     1 
HETATM 558 O  O     . HOH E 3 .  ? 0.206   3.126   6.172   1.00 42.15  ? 123 HOH B O     1 
HETATM 559 O  O     . HOH E 3 .  ? -3.930  -6.567  17.881  1.00 44.74  ? 124 HOH B O     1 
HETATM 560 O  O     . HOH E 3 .  ? 3.288   3.204   2.555   1.00 122.64 ? 125 HOH B O     1 
HETATM 561 O  O     . HOH E 3 .  ? -8.021  -4.638  -0.012  1.00 41.91  ? 126 HOH B O     1 
HETATM 562 O  O     . HOH E 3 .  ? -6.871  -12.679 8.217   1.00 58.40  ? 127 HOH B O     1 
HETATM 563 O  O     . HOH E 3 .  ? -7.541  -6.908  12.385  1.00 46.22  ? 128 HOH B O     1 
HETATM 564 O  O     . HOH E 3 .  ? -5.393  2.649   11.852  1.00 28.65  ? 129 HOH B O     1 
HETATM 565 O  O     . HOH E 3 .  ? -5.700  1.398   14.612  1.00 23.81  ? 130 HOH B O     1 
HETATM 566 O  O     . HOH E 3 .  ? -6.553  -0.037  12.260  1.00 25.75  ? 131 HOH B O     1 
HETATM 567 O  O     . HOH E 3 .  ? 3.617   -3.917  -23.336 1.00 59.54  ? 132 HOH B O     1 
HETATM 568 O  O     . HOH E 3 .  ? 1.438   7.770   0.937   1.00 41.33  ? 133 HOH B O     1 
HETATM 569 O  O     . HOH E 3 .  ? -7.088  1.970   5.938   1.00 47.75  ? 134 HOH B O     1 
HETATM 570 O  O     . HOH E 3 .  ? -5.225  -10.817 4.986   1.00 42.69  ? 135 HOH B O     1 
HETATM 571 O  O     . HOH E 3 .  ? -4.370  -9.607  16.007  1.00 37.91  ? 136 HOH B O     1 
HETATM 572 O  O     . HOH E 3 .  ? -2.719  0.995   -14.682 1.00 46.63  ? 137 HOH B O     1 
HETATM 573 O  O     . HOH E 3 .  ? 9.425   -3.053  -17.273 1.00 62.76  ? 138 HOH B O     1 
HETATM 574 O  O     . HOH E 3 .  ? -2.458  11.691  1.230   1.00 56.22  ? 139 HOH B O     1 
HETATM 575 O  O     . HOH E 3 .  ? -8.380  -3.023  7.218   1.00 50.93  ? 140 HOH B O     1 
HETATM 576 O  O     . HOH E 3 .  ? -10.809 -7.466  5.960   1.00 49.02  ? 141 HOH B O     1 
HETATM 577 O  O     . HOH E 3 .  ? 3.887   -14.754 16.902  1.00 42.56  ? 142 HOH B O     1 
HETATM 578 O  O     . HOH E 3 .  ? 3.045   -1.590  -8.317  1.00 37.81  ? 143 HOH B O     1 
HETATM 579 O  O     . HOH E 3 .  ? 4.742   1.759   -0.722  1.00 34.64  ? 144 HOH B O     1 
HETATM 580 O  O     . HOH E 3 .  ? 2.476   -9.871  10.200  1.00 42.01  ? 145 HOH B O     1 
HETATM 581 O  O     . HOH E 3 .  ? 5.295   -0.335  -4.480  1.00 42.61  ? 146 HOH B O     1 
HETATM 582 O  O     . HOH E 3 .  ? -4.668  3.104   -18.409 1.00 38.95  ? 147 HOH B O     1 
HETATM 583 O  O     . HOH E 3 .  ? -9.733  7.168   -0.121  1.00 41.80  ? 148 HOH B O     1 
# 
loop_
_atom_site_anisotrop.id 
_atom_site_anisotrop.type_symbol 
_atom_site_anisotrop.pdbx_label_atom_id 
_atom_site_anisotrop.pdbx_label_alt_id 
_atom_site_anisotrop.pdbx_label_comp_id 
_atom_site_anisotrop.pdbx_label_asym_id 
_atom_site_anisotrop.pdbx_label_seq_id 
_atom_site_anisotrop.pdbx_PDB_ins_code 
_atom_site_anisotrop.U[1][1] 
_atom_site_anisotrop.U[2][2] 
_atom_site_anisotrop.U[3][3] 
_atom_site_anisotrop.U[1][2] 
_atom_site_anisotrop.U[1][3] 
_atom_site_anisotrop.U[2][3] 
_atom_site_anisotrop.pdbx_auth_seq_id 
_atom_site_anisotrop.pdbx_auth_comp_id 
_atom_site_anisotrop.pdbx_auth_asym_id 
_atom_site_anisotrop.pdbx_auth_atom_id 
1   O  "O5'" . DC  A 1  ? 0.3106 0.4133 0.5005 -0.0810 -0.0149 -0.0168 1   DC  A "O5'" 
2   C  "C5'" . DC  A 1  ? 0.3174 0.3599 0.4086 0.0089  -0.0435 0.0104  1   DC  A "C5'" 
3   C  "C4'" . DC  A 1  ? 0.2632 0.3729 0.3234 -0.0276 -0.0118 -0.0150 1   DC  A "C4'" 
4   O  "O4'" . DC  A 1  ? 0.2977 0.4192 0.2903 0.0070  -0.0337 0.0092  1   DC  A "O4'" 
5   C  "C3'" . DC  A 1  ? 0.2669 0.3997 0.4250 -0.0264 0.0484  0.0369  1   DC  A "C3'" 
6   O  "O3'" . DC  A 1  ? 0.2676 0.4366 0.6079 -0.0974 0.0071  0.0466  1   DC  A "O3'" 
7   C  "C2'" . DC  A 1  ? 0.3573 0.3501 0.3947 0.0049  -0.0127 0.0534  1   DC  A "C2'" 
8   C  "C1'" . DC  A 1  ? 0.3669 0.3725 0.3064 0.0141  -0.1343 -0.0097 1   DC  A "C1'" 
9   N  N1    . DC  A 1  ? 0.2475 0.3584 0.2308 0.0026  -0.0182 0.0295  1   DC  A N1    
10  C  C2    . DC  A 1  ? 0.2587 0.3373 0.2315 -0.0014 -0.0658 0.0396  1   DC  A C2    
11  O  O2    . DC  A 1  ? 0.2597 0.3829 0.2949 -0.0215 -0.0531 0.0440  1   DC  A O2    
12  N  N3    . DC  A 1  ? 0.2721 0.3163 0.2237 0.0059  -0.0640 0.0360  1   DC  A N3    
13  C  C4    . DC  A 1  ? 0.2291 0.3409 0.2562 -0.0153 0.0016  0.0458  1   DC  A C4    
14  N  N4    . DC  A 1  ? 0.2889 0.3408 0.3331 -0.0428 -0.0154 0.1073  1   DC  A N4    
15  C  C5    . DC  A 1  ? 0.2497 0.3452 0.2700 -0.0239 -0.0276 -0.0056 1   DC  A C5    
16  C  C6    . DC  A 1  ? 0.2726 0.3559 0.2828 0.0109  -0.0336 0.0047  1   DC  A C6    
17  P  P     . DG  A 2  ? 0.2501 0.5634 0.5226 -0.1178 -0.0134 -0.0150 2   DG  A P     
18  O  OP1   . DG  A 2  ? 0.2790 0.7155 0.5439 -0.1602 -0.0999 0.0895  2   DG  A OP1   
19  O  OP2   . DG  A 2  ? 0.2668 0.5620 0.5083 -0.0926 -0.0187 0.0671  2   DG  A OP2   
20  O  "O5'" . DG  A 2  ? 0.2913 0.5026 0.4760 -0.0405 -0.0030 0.0151  2   DG  A "O5'" 
21  C  "C5'" . DG  A 2  ? 0.1588 0.5048 0.6242 -0.1061 -0.0197 -0.0068 2   DG  A "C5'" 
22  C  "C4'" . DG  A 2  ? 0.1796 0.5329 0.3639 -0.1511 -0.0479 -0.0023 2   DG  A "C4'" 
23  O  "O4'" . DG  A 2  ? 0.2718 0.5356 0.3649 -0.1749 -0.1044 0.0061  2   DG  A "O4'" 
24  C  "C3'" . DG  A 2  ? 0.3196 0.3714 0.3692 -0.0545 -0.0158 0.0381  2   DG  A "C3'" 
25  O  "O3'" . DG  A 2  ? 0.3547 0.4923 0.5221 -0.0701 0.0643  0.0723  2   DG  A "O3'" 
26  C  "C2'" . DG  A 2  ? 0.3018 0.3879 0.3234 -0.0843 0.0479  0.0399  2   DG  A "C2'" 
27  C  "C1'" . DG  A 2  ? 0.2576 0.3849 0.3385 -0.0578 -0.0489 0.0292  2   DG  A "C1'" 
28  N  N9    . DG  A 2  ? 0.2429 0.3843 0.3009 -0.0671 -0.0330 -0.0029 2   DG  A N9    
29  C  C8    . DG  A 2  ? 0.2971 0.3590 0.2897 -0.0571 -0.0197 0.0184  2   DG  A C8    
30  N  N7    . DG  A 2  ? 0.2910 0.3334 0.2800 -0.0813 0.0239  0.0411  2   DG  A N7    
31  C  C5    . DG  A 2  ? 0.2498 0.3128 0.2249 -0.0650 -0.0134 0.0381  2   DG  A C5    
32  C  C6    . DG  A 2  ? 0.3000 0.3523 0.1951 -0.0771 0.0017  0.0653  2   DG  A C6    
33  O  O6    . DG  A 2  ? 0.2600 0.3990 0.2483 -0.0917 -0.0263 0.0312  2   DG  A O6    
34  N  N1    . DG  A 2  ? 0.2175 0.3564 0.1633 -0.1070 -0.0300 0.0469  2   DG  A N1    
35  C  C2    . DG  A 2  ? 0.2349 0.3402 0.2106 -0.1132 -0.0159 0.0566  2   DG  A C2    
36  N  N2    . DG  A 2  ? 0.2396 0.3732 0.2120 -0.0964 -0.0670 0.0251  2   DG  A N2    
37  N  N3    . DG  A 2  ? 0.2006 0.3768 0.2319 -0.1359 -0.0100 0.0229  2   DG  A N3    
38  C  C4    . DG  A 2  ? 0.2805 0.3870 0.2601 -0.0896 -0.0233 -0.0360 2   DG  A C4    
39  P  P     . DC  A 3  ? 0.2702 0.4399 0.3811 -0.1334 -0.0036 0.0233  3   DC  A P     
40  O  OP1   . DC  A 3  ? 0.4829 0.5223 0.4787 -0.1709 -0.2007 -0.1102 3   DC  A OP1   
41  O  OP2   . DC  A 3  ? 0.4178 0.6692 0.5898 0.0247  0.0911  0.1124  3   DC  A OP2   
42  O  "O5'" . DC  A 3  ? 0.4501 0.4389 0.3487 -0.1695 0.0223  0.0847  3   DC  A "O5'" 
43  C  "C5'" . DC  A 3  ? 0.2380 0.4650 0.2959 -0.1071 0.0060  0.0429  3   DC  A "C5'" 
44  C  "C4'" . DC  A 3  ? 0.2924 0.4400 0.2110 -0.0082 -0.0670 0.0224  3   DC  A "C4'" 
45  O  "O4'" . DC  A 3  ? 0.2638 0.3908 0.2482 -0.1077 -0.0355 0.0154  3   DC  A "O4'" 
46  C  "C3'" . DC  A 3  ? 0.3368 0.3656 0.2796 -0.0540 0.0010  0.0249  3   DC  A "C3'" 
47  O  "O3'" . DC  A 3  ? 0.3154 0.4364 0.3571 -0.1168 -0.0188 -0.0317 3   DC  A "O3'" 
48  C  "C2'" . DC  A 3  ? 0.3430 0.4860 0.2713 -0.0724 -0.0131 -0.0415 3   DC  A "C2'" 
49  C  "C1'" . DC  A 3  ? 0.2816 0.3850 0.3108 -0.0429 -0.0102 -0.0360 3   DC  A "C1'" 
50  N  N1    . DC  A 3  ? 0.2427 0.4043 0.2715 -0.1300 -0.0003 -0.0143 3   DC  A N1    
51  C  C2    . DC  A 3  ? 0.2654 0.3514 0.1867 -0.1159 -0.0084 0.0416  3   DC  A C2    
52  O  O2    . DC  A 3  ? 0.2545 0.4028 0.1969 -0.1132 -0.0663 0.0015  3   DC  A O2    
53  N  N3    . DC  A 3  ? 0.2716 0.4278 0.2124 -0.0827 -0.0313 0.0017  3   DC  A N3    
54  C  C4    . DC  A 3  ? 0.2789 0.4326 0.2148 -0.0430 -0.0310 0.0370  3   DC  A C4    
55  N  N4    . DC  A 3  ? 0.2665 0.3907 0.2480 -0.0823 -0.0223 0.0460  3   DC  A N4    
56  C  C5    . DC  A 3  ? 0.3862 0.3926 0.3582 -0.0835 -0.0146 0.0489  3   DC  A C5    
57  C  C6    . DC  A 3  ? 0.3468 0.4106 0.2658 -0.1320 -0.0460 -0.0135 3   DC  A C6    
58  P  P     . DG  A 4  ? 0.3494 0.5313 0.4277 -0.1715 0.0529  -0.0540 4   DG  A P     
59  O  OP1   . DG  A 4  ? 0.3377 0.8255 0.6522 -0.1682 0.0269  -0.2907 4   DG  A OP1   
60  O  OP2   . DG  A 4  ? 0.7027 0.5002 0.5504 -0.1908 0.2866  0.0272  4   DG  A OP2   
61  O  "O5'" . DG  A 4  ? 0.3517 0.5962 0.2983 -0.1998 -0.0487 0.0234  4   DG  A "O5'" 
62  C  "C5'" . DG  A 4  ? 0.3038 0.5045 0.3613 -0.0849 0.0125  -0.0074 4   DG  A "C5'" 
63  C  "C4'" . DG  A 4  ? 0.4235 0.4092 0.3117 -0.0768 0.0358  -0.0049 4   DG  A "C4'" 
64  O  "O4'" . DG  A 4  ? 0.3355 0.5481 0.2567 -0.1359 -0.0057 0.0175  4   DG  A "O4'" 
65  C  "C3'" . DG  A 4  ? 0.3575 0.5471 0.3227 -0.1321 0.0020  -0.0126 4   DG  A "C3'" 
66  O  "O3'" . DG  A 4  ? 0.4358 0.7390 0.4950 -0.2043 0.0460  -0.1074 4   DG  A "O3'" 
67  C  "C2'" . DG  A 4  ? 0.2183 0.5392 0.4042 -0.1728 -0.0605 -0.0017 4   DG  A "C2'" 
68  C  "C1'" . DG  A 4  ? 0.2795 0.5508 0.2739 -0.1138 -0.0320 -0.0612 4   DG  A "C1'" 
69  N  N9    . DG  A 4  ? 0.3008 0.5129 0.2032 -0.1472 -0.0699 0.0171  4   DG  A N9    
70  C  C8    . DG  A 4  ? 0.2342 0.5032 0.2188 -0.1488 -0.0545 0.0050  4   DG  A C8    
71  N  N7    . DG  A 4  ? 0.3353 0.5108 0.2112 -0.1295 -0.0352 0.0732  4   DG  A N7    
72  C  C5    . DG  A 4  ? 0.3620 0.4700 0.1740 -0.1551 -0.0150 0.0826  4   DG  A C5    
73  C  C6    . DG  A 4  ? 0.4012 0.4094 0.1417 -0.1515 -0.0225 -0.0078 4   DG  A C6    
74  O  O6    . DG  A 4  ? 0.3487 0.4325 0.2336 -0.1603 -0.0282 0.0278  4   DG  A O6    
75  N  N1    . DG  A 4  ? 0.3208 0.4569 0.1826 -0.2088 -0.0614 -0.0176 4   DG  A N1    
76  C  C2    . DG  A 4  ? 0.3612 0.4916 0.1675 -0.1437 -0.0378 -0.0237 4   DG  A C2    
77  N  N2    . DG  A 4  ? 0.3291 0.4932 0.2270 -0.1551 -0.0656 0.0451  4   DG  A N2    
78  N  N3    . DG  A 4  ? 0.3949 0.6348 0.1777 -0.1694 -0.0280 0.0605  4   DG  A N3    
79  C  C4    . DG  A 4  ? 0.2919 0.5744 0.2107 -0.1324 -0.0713 0.0473  4   DG  A C4    
80  P  P     . DA  A 5  ? 0.4694 0.6436 0.4894 -0.0995 0.1160  -0.0772 5   DA  A P     
81  O  OP1   . DA  A 5  ? 0.5508 0.9452 0.4266 0.1217  -0.0320 -0.1708 5   DA  A OP1   
82  O  OP2   . DA  A 5  ? 0.7306 0.6183 0.6172 -0.1083 0.2853  -0.0486 5   DA  A OP2   
83  O  "O5'" . DA  A 5  ? 0.4039 0.4743 0.4474 -0.0359 0.0189  -0.0344 5   DA  A "O5'" 
84  C  "C5'" . DA  A 5  ? 0.4242 0.4403 0.3021 -0.0312 -0.0970 0.0008  5   DA  A "C5'" 
85  C  "C4'" . DA  A 5  ? 0.4276 0.5009 0.3796 -0.0775 -0.0833 -0.0030 5   DA  A "C4'" 
86  O  "O4'" . DA  A 5  ? 0.4480 0.5876 0.2546 0.0032  -0.1291 -0.0420 5   DA  A "O4'" 
87  C  "C3'" . DA  A 5  ? 0.4687 0.4545 0.4276 -0.0353 -0.0053 -0.0216 5   DA  A "C3'" 
88  O  "O3'" . DA  A 5  ? 0.5059 0.4425 0.3084 -0.0289 -0.1242 0.0680  5   DA  A "O3'" 
89  C  "C2'" . DA  A 5  ? 0.4253 0.5105 0.2953 -0.0311 -0.0600 0.0575  5   DA  A "C2'" 
90  C  "C1'" . DA  A 5  ? 0.3398 0.4824 0.2582 -0.0098 -0.0440 0.0730  5   DA  A "C1'" 
91  N  N9    . DA  A 5  ? 0.3012 0.5119 0.2647 -0.0326 -0.0674 0.0537  5   DA  A N9    
92  C  C8    . DA  A 5  ? 0.2617 0.5379 0.2463 -0.0470 -0.0893 0.0403  5   DA  A C8    
93  N  N7    . DA  A 5  ? 0.2768 0.6091 0.2286 -0.0824 -0.0267 0.0673  5   DA  A N7    
94  C  C5    . DA  A 5  ? 0.2684 0.4699 0.1650 -0.1148 -0.0606 0.0618  5   DA  A C5    
95  C  C6    . DA  A 5  ? 0.3371 0.4497 0.1714 -0.0605 -0.0297 0.0774  5   DA  A C6    
96  N  N6    . DA  A 5  ? 0.2506 0.4910 0.2343 -0.1172 -0.0461 0.0406  5   DA  A N6    
97  N  N1    . DA  A 5  ? 0.3009 0.4710 0.1549 -0.0466 -0.0029 0.0471  5   DA  A N1    
98  C  C2    . DA  A 5  ? 0.3456 0.3989 0.2009 -0.0662 -0.0366 0.0540  5   DA  A C2    
99  N  N3    . DA  A 5  ? 0.3423 0.5572 0.1766 -0.0550 -0.0399 0.0363  5   DA  A N3    
100 C  C4    . DA  A 5  ? 0.3705 0.4579 0.2145 -0.0391 -0.0022 0.0610  5   DA  A C4    
101 P  P     . DA  A 6  ? 0.4209 0.4657 0.3857 -0.0125 -0.1269 0.0034  6   DA  A P     
102 O  OP1   . DA  A 6  ? 0.4453 0.4926 0.4014 0.0405  -0.1181 -0.0249 6   DA  A OP1   
103 O  OP2   . DA  A 6  ? 0.2779 0.8037 0.2283 -0.0835 -0.1690 -0.0126 6   DA  A OP2   
104 O  "O5'" . DA  A 6  ? 0.3447 0.5300 0.3304 0.0079  -0.0951 -0.0527 6   DA  A "O5'" 
105 C  "C5'" . DA  A 6  ? 0.3742 0.3421 0.3520 0.0267  -0.1055 0.0119  6   DA  A "C5'" 
106 C  "C4'" . DA  A 6  ? 0.2646 0.3293 0.2633 -0.0263 -0.0409 0.0609  6   DA  A "C4'" 
107 O  "O4'" . DA  A 6  ? 0.3310 0.2877 0.2681 -0.0449 -0.0365 0.0682  6   DA  A "O4'" 
108 C  "C3'" . DA  A 6  ? 0.2869 0.3025 0.3075 -0.0715 -0.0132 0.0080  6   DA  A "C3'" 
109 O  "O3'" . DA  A 6  ? 0.3207 0.3012 0.2366 -0.0691 -0.0394 0.0459  6   DA  A "O3'" 
110 C  "C2'" . DA  A 6  ? 0.3003 0.3019 0.2413 -0.0641 -0.0738 0.0473  6   DA  A "C2'" 
111 C  "C1'" . DA  A 6  ? 0.2766 0.2506 0.2664 -0.0881 -0.0916 0.0446  6   DA  A "C1'" 
112 N  N9    . DA  A 6  ? 0.2920 0.3115 0.2210 -0.0877 -0.0456 0.0342  6   DA  A N9    
113 C  C8    . DA  A 6  ? 0.3087 0.3996 0.1890 -0.0185 -0.0423 0.0380  6   DA  A C8    
114 N  N7    . DA  A 6  ? 0.3562 0.3346 0.2045 -0.0302 -0.0315 0.0205  6   DA  A N7    
115 C  C5    . DA  A 6  ? 0.3507 0.2645 0.1555 -0.1137 -0.0361 0.0414  6   DA  A C5    
116 C  C6    . DA  A 6  ? 0.3459 0.2771 0.1493 -0.0538 -0.0172 0.0316  6   DA  A C6    
117 N  N6    . DA  A 6  ? 0.3060 0.2817 0.1857 -0.0923 -0.0345 0.0080  6   DA  A N6    
118 N  N1    . DA  A 6  ? 0.2807 0.3246 0.1866 -0.0848 -0.0409 0.0200  6   DA  A N1    
119 C  C2    . DA  A 6  ? 0.2362 0.3347 0.2325 -0.0421 -0.0090 -0.0051 6   DA  A C2    
120 N  N3    . DA  A 6  ? 0.2861 0.3791 0.2050 -0.0490 0.0053  0.0469  6   DA  A N3    
121 C  C4    . DA  A 6  ? 0.2886 0.3191 0.1519 -0.0641 -0.0326 0.0474  6   DA  A C4    
122 P  P     . DT  A 7  ? 0.3033 0.3036 0.2869 -0.0609 -0.0556 0.0292  7   DT  A P     
123 O  OP1   . DT  A 7  ? 0.3706 0.3124 0.3704 -0.1136 -0.0702 0.0616  7   DT  A OP1   
124 O  OP2   . DT  A 7  ? 0.2957 0.3246 0.2983 -0.0295 -0.1032 0.0360  7   DT  A OP2   
125 O  "O5'" . DT  A 7  ? 0.3077 0.2908 0.2729 -0.0770 -0.0514 0.0326  7   DT  A "O5'" 
126 C  "C5'" . DT  A 7  ? 0.2244 0.2855 0.2994 -0.0467 -0.0436 0.0276  7   DT  A "C5'" 
127 C  "C4'" . DT  A 7  ? 0.2400 0.2834 0.2681 -0.1168 -0.0269 0.0306  7   DT  A "C4'" 
128 O  "O4'" . DT  A 7  ? 0.2488 0.2648 0.2438 -0.0898 -0.0295 0.0407  7   DT  A "O4'" 
129 C  "C3'" . DT  A 7  ? 0.2312 0.2496 0.2797 -0.0923 -0.0418 0.0303  7   DT  A "C3'" 
130 O  "O3'" . DT  A 7  ? 0.2463 0.3168 0.3389 -0.0880 -0.0544 0.0475  7   DT  A "O3'" 
131 C  "C2'" . DT  A 7  ? 0.2284 0.2386 0.2727 -0.0891 -0.0415 0.0317  7   DT  A "C2'" 
132 C  "C1'" . DT  A 7  ? 0.2508 0.2361 0.2775 -0.0616 -0.0457 0.0226  7   DT  A "C1'" 
133 N  N1    . DT  A 7  ? 0.2666 0.2864 0.2169 -0.0593 -0.0420 0.0286  7   DT  A N1    
134 C  C2    . DT  A 7  ? 0.2416 0.2961 0.1691 -0.0588 0.0070  0.0091  7   DT  A C2    
135 O  O2    . DT  A 7  ? 0.2425 0.2673 0.2333 -0.0809 0.0092  0.0408  7   DT  A O2    
136 N  N3    . DT  A 7  ? 0.2469 0.2561 0.2146 -0.1140 -0.0462 0.0385  7   DT  A N3    
137 C  C4    . DT  A 7  ? 0.3387 0.3160 0.1789 -0.0436 -0.0088 0.0733  7   DT  A C4    
138 O  O4    . DT  A 7  ? 0.3685 0.3354 0.1915 -0.0922 -0.0177 0.0464  7   DT  A O4    
139 C  C5    . DT  A 7  ? 0.2018 0.3073 0.1780 -0.0829 -0.0410 0.0415  7   DT  A C5    
140 C  C7    . DT  A 7  ? 0.2603 0.2969 0.1777 -0.0701 -0.0158 0.0287  7   DT  A C7    
141 C  C6    . DT  A 7  ? 0.2215 0.2552 0.1939 -0.0861 -0.0316 0.0520  7   DT  A C6    
142 P  P     . DT  A 8  ? 0.2690 0.3253 0.4097 -0.0744 -0.1161 0.0297  8   DT  A P     
143 O  OP1   . DT  A 8  ? 0.2611 0.3885 0.4313 -0.0488 -0.1153 0.0000  8   DT  A OP1   
144 O  OP2   . DT  A 8  ? 0.3571 0.3176 0.3575 -0.0415 -0.1352 -0.0123 8   DT  A OP2   
145 O  "O5'" . DT  A 8  ? 0.3120 0.3472 0.2939 -0.0786 -0.0768 0.0122  8   DT  A "O5'" 
146 C  "C5'" . DT  A 8  ? 0.2848 0.3332 0.3192 -0.0509 -0.0207 0.0444  8   DT  A "C5'" 
147 C  "C4'" . DT  A 8  ? 0.2610 0.3311 0.2854 -0.0638 -0.0006 0.0503  8   DT  A "C4'" 
148 O  "O4'" . DT  A 8  ? 0.2727 0.3403 0.2835 -0.0619 -0.0145 0.0668  8   DT  A "O4'" 
149 C  "C3'" . DT  A 8  ? 0.2465 0.3370 0.3741 -0.1139 -0.0822 -0.0079 8   DT  A "C3'" 
150 O  "O3'" . DT  A 8  ? 0.3176 0.3680 0.4137 -0.0589 -0.0219 0.0821  8   DT  A "O3'" 
151 C  "C2'" . DT  A 8  ? 0.2633 0.3017 0.3208 -0.0655 -0.0550 0.0333  8   DT  A "C2'" 
152 C  "C1'" . DT  A 8  ? 0.2860 0.2932 0.2588 -0.0312 -0.0126 0.0464  8   DT  A "C1'" 
153 N  N1    . DT  A 8  ? 0.2606 0.2698 0.2212 -0.0563 -0.0424 0.0191  8   DT  A N1    
154 C  C2    . DT  A 8  ? 0.2658 0.2440 0.1893 -0.0344 -0.0303 -0.0167 8   DT  A C2    
155 O  O2    . DT  A 8  ? 0.2632 0.2755 0.2423 -0.0654 -0.0182 0.0255  8   DT  A O2    
156 N  N3    . DT  A 8  ? 0.2296 0.2626 0.2371 -0.0712 -0.0331 0.0392  8   DT  A N3    
157 C  C4    . DT  A 8  ? 0.2711 0.2579 0.1718 -0.0832 -0.0413 0.0307  8   DT  A C4    
158 O  O4    . DT  A 8  ? 0.2764 0.3142 0.2215 -0.0372 -0.0107 0.0637  8   DT  A O4    
159 C  C5    . DT  A 8  ? 0.2366 0.2391 0.1708 -0.0543 -0.0254 0.0220  8   DT  A C5    
160 C  C7    . DT  A 8  ? 0.2482 0.2714 0.2589 -0.0501 -0.0364 0.0158  8   DT  A C7    
161 C  C6    . DT  A 8  ? 0.2352 0.2440 0.2535 -0.0723 0.0173  0.0507  8   DT  A C6    
162 P  P     . 5OC A 9  ? 0.2913 0.3814 0.4000 -0.0720 -0.0569 0.0655  9   5OC A P     
163 N  N1    . 5OC A 9  ? 0.2713 0.3081 0.2622 -0.0411 -0.0236 0.0455  9   5OC A N1    
164 C  C2    . 5OC A 9  ? 0.2627 0.3004 0.2344 -0.0364 0.0027  0.0136  9   5OC A C2    
165 O  O2    . 5OC A 9  ? 0.2810 0.3091 0.2535 -0.0596 0.0032  0.0333  9   5OC A O2    
166 N  N3    . 5OC A 9  ? 0.2425 0.2773 0.2389 -0.0613 0.0110  0.0526  9   5OC A N3    
167 C  C4    . 5OC A 9  ? 0.2912 0.2656 0.2003 -0.0626 -0.0041 0.0584  9   5OC A C4    
168 N  N4    . 5OC A 9  ? 0.2726 0.2561 0.2213 -0.0777 -0.0316 0.0066  9   5OC A N4    
169 C  C5    . 5OC A 9  ? 0.2703 0.2805 0.2199 -0.0491 -0.0206 0.0493  9   5OC A C5    
170 O  O5    . 5OC A 9  ? 0.2784 0.3132 0.3072 -0.0715 -0.0404 0.0209  9   5OC A O5    
171 C  C6    . 5OC A 9  ? 0.2441 0.2668 0.2579 -0.0874 -0.0161 0.0550  9   5OC A C6    
172 C  "C1'" . 5OC A 9  ? 0.2690 0.2930 0.2843 -0.0432 -0.0164 0.0469  9   5OC A "C1'" 
173 C  "C2'" . 5OC A 9  ? 0.2792 0.3275 0.2772 -0.0288 -0.0357 0.0467  9   5OC A "C2'" 
174 C  "C3'" . 5OC A 9  ? 0.3157 0.3137 0.3479 -0.0407 0.0007  0.0718  9   5OC A "C3'" 
175 O  "O3'" . 5OC A 9  ? 0.3313 0.3671 0.4226 -0.0126 0.1042  0.0524  9   5OC A "O3'" 
176 C  "C4'" . 5OC A 9  ? 0.2847 0.3394 0.2848 -0.0497 -0.0006 0.0608  9   5OC A "C4'" 
177 O  "O4'" . 5OC A 9  ? 0.2706 0.3340 0.3232 -0.0210 -0.0116 0.0636  9   5OC A "O4'" 
178 C  "C5'" . 5OC A 9  ? 0.3595 0.2967 0.2938 -0.0278 0.0025  0.0728  9   5OC A "C5'" 
179 O  "O5'" . 5OC A 9  ? 0.2620 0.3195 0.3755 -0.0754 -0.0202 0.0654  9   5OC A "O5'" 
180 O  OP1   . 5OC A 9  ? 0.4119 0.3803 0.4856 -0.0404 0.0150  0.0583  9   5OC A OP1   
181 O  OP2   . 5OC A 9  ? 0.2695 0.3572 0.4327 -0.0664 -0.0501 0.0322  9   5OC A OP2   
182 P  P     . DG  A 10 ? 0.3202 0.3636 0.4782 0.0100  0.0385  0.0832  10  DG  A P     
183 O  OP1   . DG  A 10 ? 0.3803 0.3823 0.6108 0.0365  0.1231  0.1878  10  DG  A OP1   
184 O  OP2   . DG  A 10 ? 0.3583 0.4753 0.5673 0.0043  0.0159  0.0802  10  DG  A OP2   
185 O  "O5'" . DG  A 10 ? 0.2719 0.3249 0.4943 -0.0522 0.0461  0.0624  10  DG  A "O5'" 
186 C  "C5'" . DG  A 10 ? 0.2537 0.2361 0.4238 -0.0335 0.0428  0.0356  10  DG  A "C5'" 
187 C  "C4'" . DG  A 10 ? 0.3502 0.4179 0.4247 0.0261  0.0659  0.0319  10  DG  A "C4'" 
188 O  "O4'" . DG  A 10 ? 0.3286 0.3289 0.4160 -0.0333 0.0759  0.0519  10  DG  A "O4'" 
189 C  "C3'" . DG  A 10 ? 0.3935 0.4133 0.4012 0.0147  0.1026  0.0938  10  DG  A "C3'" 
190 O  "O3'" . DG  A 10 ? 0.4420 0.3728 0.5305 -0.0092 0.1098  0.1115  10  DG  A "O3'" 
191 C  "C2'" . DG  A 10 ? 0.2655 0.3823 0.3595 -0.0024 -0.0093 0.0812  10  DG  A "C2'" 
192 C  "C1'" . DG  A 10 ? 0.2722 0.4016 0.3449 0.0000  -0.0232 0.0883  10  DG  A "C1'" 
193 N  N9    . DG  A 10 ? 0.2446 0.3405 0.3120 -0.0369 -0.0124 0.1018  10  DG  A N9    
194 C  C8    . DG  A 10 ? 0.2778 0.3423 0.2911 -0.0305 0.0214  0.0473  10  DG  A C8    
195 N  N7    . DG  A 10 ? 0.2399 0.3697 0.2738 -0.0311 -0.0205 0.0451  10  DG  A N7    
196 C  C5    . DG  A 10 ? 0.2968 0.3157 0.2111 -0.0683 0.0046  0.0929  10  DG  A C5    
197 C  C6    . DG  A 10 ? 0.2080 0.3290 0.2167 -0.0767 -0.0363 0.0126  10  DG  A C6    
198 O  O6    . DG  A 10 ? 0.3084 0.3088 0.2389 -0.0823 0.0007  0.0311  10  DG  A O6    
199 N  N1    . DG  A 10 ? 0.1915 0.3041 0.2200 -0.0379 -0.0441 0.0362  10  DG  A N1    
200 C  C2    . DG  A 10 ? 0.3292 0.3646 0.2325 -0.0034 0.0066  0.0731  10  DG  A C2    
201 N  N2    . DG  A 10 ? 0.3037 0.3109 0.2574 -0.0407 -0.0044 0.0513  10  DG  A N2    
202 N  N3    . DG  A 10 ? 0.2603 0.2866 0.2621 -0.0905 -0.0130 0.0711  10  DG  A N3    
203 C  C4    . DG  A 10 ? 0.2501 0.2885 0.2292 -0.0285 0.0051  0.0520  10  DG  A C4    
204 P  P     . DC  A 11 ? 0.3974 0.4275 0.5575 0.0406  0.0933  0.1297  11  DC  A P     
205 O  OP1   . DC  A 11 ? 0.5130 0.3696 0.6064 0.0196  0.1654  0.0593  11  DC  A OP1   
206 O  OP2   . DC  A 11 ? 0.3881 0.4435 0.6667 -0.0681 -0.0171 0.2230  11  DC  A OP2   
207 O  "O5'" . DC  A 11 ? 0.3344 0.3481 0.6411 -0.0469 0.0516  0.0349  11  DC  A "O5'" 
208 C  "C5'" . DC  A 11 ? 0.5747 0.3452 0.4906 0.0582  0.0826  0.0570  11  DC  A "C5'" 
209 C  "C4'" . DC  A 11 ? 0.4330 0.3191 0.4213 -0.0156 -0.0207 0.0615  11  DC  A "C4'" 
210 O  "O4'" . DC  A 11 ? 0.4944 0.3081 0.3721 -0.0385 0.0640  0.0825  11  DC  A "O4'" 
211 C  "C3'" . DC  A 11 ? 0.4291 0.4148 0.4591 -0.0231 0.0368  0.0955  11  DC  A "C3'" 
212 O  "O3'" . DC  A 11 ? 0.4309 0.3333 0.4361 -0.0670 0.0602  0.0676  11  DC  A "O3'" 
213 C  "C2'" . DC  A 11 ? 0.3614 0.3396 0.4417 -0.0141 0.0516  0.1047  11  DC  A "C2'" 
214 C  "C1'" . DC  A 11 ? 0.4413 0.3643 0.2803 0.0257  0.0433  0.0201  11  DC  A "C1'" 
215 N  N1    . DC  A 11 ? 0.3887 0.3543 0.3258 0.0085  0.1091  0.0507  11  DC  A N1    
216 C  C2    . DC  A 11 ? 0.3917 0.3140 0.2708 0.0280  0.0245  0.0646  11  DC  A C2    
217 O  O2    . DC  A 11 ? 0.3136 0.3154 0.3203 -0.0107 0.0130  0.0656  11  DC  A O2    
218 N  N3    . DC  A 11 ? 0.2692 0.3275 0.3024 0.0118  0.0474  0.0866  11  DC  A N3    
219 C  C4    . DC  A 11 ? 0.3052 0.3243 0.2690 -0.0641 -0.0101 0.0489  11  DC  A C4    
220 N  N4    . DC  A 11 ? 0.2552 0.3104 0.3030 -0.0361 -0.0592 0.0443  11  DC  A N4    
221 C  C5    . DC  A 11 ? 0.3099 0.4338 0.2480 -0.0361 -0.0628 0.0278  11  DC  A C5    
222 C  C6    . DC  A 11 ? 0.3830 0.3508 0.2656 0.0057  0.0697  0.0511  11  DC  A C6    
223 P  P     . DG  A 12 ? 0.4888 0.4158 0.7350 -0.1208 0.1864  -0.0284 12  DG  A P     
224 O  OP1   . DG  A 12 ? 0.5551 0.5870 0.6834 -0.1295 0.1351  -0.2990 12  DG  A OP1   
225 O  OP2   . DG  A 12 ? 0.6281 0.5144 0.8280 -0.0742 0.3486  0.1742  12  DG  A OP2   
226 O  "O5'" . DG  A 12 ? 0.5859 0.4996 0.6009 -0.0022 0.1770  0.1456  12  DG  A "O5'" 
227 C  "C5'" . DG  A 12 ? 0.3905 0.4647 0.4930 -0.0059 0.0790  0.1643  12  DG  A "C5'" 
228 C  "C4'" . DG  A 12 ? 0.3160 0.3202 0.2706 -0.0218 -0.0529 0.0375  12  DG  A "C4'" 
229 O  "O4'" . DG  A 12 ? 0.4663 0.3741 0.4444 -0.2536 -0.1504 0.1495  12  DG  A "O4'" 
230 C  "C3'" . DG  A 12 ? 0.1541 0.2966 0.4294 -0.0664 -0.0487 0.0297  12  DG  A "C3'" 
231 O  "O3'" . DG  A 12 ? 0.2214 0.3970 0.4540 -0.1379 -0.0248 -0.0131 12  DG  A "O3'" 
232 C  "C2'" . DG  A 12 ? 0.2743 0.3594 0.3820 -0.0946 -0.0582 0.0724  12  DG  A "C2'" 
233 C  "C1'" . DG  A 12 ? 0.1997 0.3908 0.4334 -0.0674 -0.0660 0.1036  12  DG  A "C1'" 
234 N  N9    . DG  A 12 ? 0.2118 0.4065 0.2771 -0.1025 -0.0407 0.0527  12  DG  A N9    
235 C  C8    . DG  A 12 ? 0.1777 0.4268 0.3322 -0.1083 -0.0039 0.0961  12  DG  A C8    
236 N  N7    . DG  A 12 ? 0.2356 0.4222 0.3329 -0.0985 -0.0202 0.0915  12  DG  A N7    
237 C  C5    . DG  A 12 ? 0.1805 0.3576 0.2497 -0.0976 -0.0493 0.0707  12  DG  A C5    
238 C  C6    . DG  A 12 ? 0.3274 0.3210 0.2666 -0.0951 -0.0400 0.0894  12  DG  A C6    
239 O  O6    . DG  A 12 ? 0.2861 0.5162 0.3170 -0.0976 -0.0050 0.1089  12  DG  A O6    
240 N  N1    . DG  A 12 ? 0.2645 0.3536 0.2756 -0.1384 -0.0852 0.0926  12  DG  A N1    
241 C  C2    . DG  A 12 ? 0.2253 0.3067 0.2709 -0.0882 -0.0871 0.0728  12  DG  A C2    
242 N  N2    . DG  A 12 ? 0.2284 0.2873 0.3531 -0.1117 -0.0816 0.0684  12  DG  A N2    
243 N  N3    . DG  A 12 ? 0.2834 0.3633 0.2677 -0.1414 -0.0371 0.0713  12  DG  A N3    
244 C  C4    . DG  A 12 ? 0.2067 0.3735 0.2771 -0.1717 -0.0530 0.0633  12  DG  A C4    
245 O  "O5'" . DC  B 1  ? 0.4916 0.8473 0.6762 -0.0879 -0.1529 0.0419  13  DC  B "O5'" 
246 C  "C5'" . DC  B 1  ? 0.4248 0.5426 0.5752 -0.1226 -0.2280 -0.0076 13  DC  B "C5'" 
247 C  "C4'" . DC  B 1  ? 0.3304 0.4708 0.4763 -0.0916 -0.1867 -0.0353 13  DC  B "C4'" 
248 O  "O4'" . DC  B 1  ? 0.3840 0.4924 0.3332 -0.1041 -0.0888 -0.0015 13  DC  B "O4'" 
249 C  "C3'" . DC  B 1  ? 0.3612 0.4491 0.5568 -0.0472 -0.0253 0.0005  13  DC  B "C3'" 
250 O  "O3'" . DC  B 1  ? 0.4349 0.5650 0.3942 0.0158  -0.0900 0.0175  13  DC  B "O3'" 
251 C  "C2'" . DC  B 1  ? 0.4613 0.4092 0.3413 -0.1678 0.0022  0.0274  13  DC  B "C2'" 
252 C  "C1'" . DC  B 1  ? 0.4444 0.3552 0.3480 -0.1703 -0.0358 -0.0101 13  DC  B "C1'" 
253 N  N1    . DC  B 1  ? 0.4069 0.3881 0.3594 -0.1124 -0.0240 0.0012  13  DC  B N1    
254 C  C2    . DC  B 1  ? 0.2609 0.4245 0.2869 -0.1120 -0.0572 0.0300  13  DC  B C2    
255 O  O2    . DC  B 1  ? 0.2845 0.3929 0.3385 -0.1374 -0.0706 0.0795  13  DC  B O2    
256 N  N3    . DC  B 1  ? 0.2617 0.3912 0.2528 -0.1509 -0.0948 0.0507  13  DC  B N3    
257 C  C4    . DC  B 1  ? 0.2947 0.4439 0.2939 -0.1956 -0.1187 0.0435  13  DC  B C4    
258 N  N4    . DC  B 1  ? 0.2564 0.5270 0.3325 -0.2136 -0.0731 0.0762  13  DC  B N4    
259 C  C5    . DC  B 1  ? 0.3814 0.4576 0.4493 -0.1816 -0.0534 -0.0249 13  DC  B C5    
260 C  C6    . DC  B 1  ? 0.4427 0.5428 0.2947 -0.1486 -0.1139 0.0072  13  DC  B C6    
261 P  P     . DG  B 2  ? 0.4838 0.4924 0.5217 -0.0033 -0.1419 -0.0487 14  DG  B P     
262 O  OP1   . DG  B 2  ? 0.4962 0.9355 0.7001 0.1176  -0.3045 -0.1103 14  DG  B OP1   
263 O  OP2   . DG  B 2  ? 0.3642 0.7455 0.4838 -0.2484 -0.0478 0.0424  14  DG  B OP2   
264 O  "O5'" . DG  B 2  ? 0.4767 0.3796 0.3334 -0.0435 -0.1565 -0.0187 14  DG  B "O5'" 
265 C  "C5'" . DG  B 2  ? 0.3617 0.3956 0.3467 0.0168  0.0101  0.0137  14  DG  B "C5'" 
266 C  "C4'" . DG  B 2  ? 0.2657 0.4295 0.2962 -0.0083 0.0154  0.0524  14  DG  B "C4'" 
267 O  "O4'" . DG  B 2  ? 0.2531 0.4274 0.2866 -0.0270 -0.0199 0.0513  14  DG  B "O4'" 
268 C  "C3'" . DG  B 2  ? 0.2670 0.3112 0.2923 -0.0708 -0.0132 -0.0058 14  DG  B "C3'" 
269 O  "O3'" . DG  B 2  ? 0.2166 0.4094 0.2981 -0.0188 -0.0544 0.0139  14  DG  B "O3'" 
270 C  "C2'" . DG  B 2  ? 0.3080 0.3814 0.3401 -0.0302 -0.0280 0.0091  14  DG  B "C2'" 
271 C  "C1'" . DG  B 2  ? 0.2701 0.4177 0.2673 -0.0180 -0.0713 0.0383  14  DG  B "C1'" 
272 N  N9    . DG  B 2  ? 0.2837 0.3113 0.2761 -0.0743 -0.0463 0.0205  14  DG  B N9    
273 C  C8    . DG  B 2  ? 0.2644 0.2981 0.3303 -0.0461 -0.0468 0.0431  14  DG  B C8    
274 N  N7    . DG  B 2  ? 0.2374 0.3358 0.2808 -0.0684 -0.0399 0.0383  14  DG  B N7    
275 C  C5    . DG  B 2  ? 0.2747 0.3679 0.2119 -0.0469 -0.0006 0.0580  14  DG  B C5    
276 C  C6    . DG  B 2  ? 0.2946 0.3146 0.2191 -0.0318 0.0219  0.0544  14  DG  B C6    
277 O  O6    . DG  B 2  ? 0.2629 0.3858 0.2484 -0.0141 -0.0069 0.0356  14  DG  B O6    
278 N  N1    . DG  B 2  ? 0.1833 0.3097 0.2134 -0.0301 -0.0753 0.0449  14  DG  B N1    
279 C  C2    . DG  B 2  ? 0.1839 0.2975 0.2470 -0.0238 -0.0975 0.0851  14  DG  B C2    
280 N  N2    . DG  B 2  ? 0.3439 0.3151 0.2463 -0.0154 0.0471  0.0842  14  DG  B N2    
281 N  N3    . DG  B 2  ? 0.2612 0.2925 0.2649 -0.0447 -0.0417 0.0800  14  DG  B N3    
282 C  C4    . DG  B 2  ? 0.2731 0.3166 0.2335 -0.0587 0.0079  0.0628  14  DG  B C4    
283 P  P     . DC  B 3  ? 0.2644 0.3334 0.3260 -0.0479 -0.0449 0.0470  15  DC  B P     
284 O  OP1   . DC  B 3  ? 0.2677 0.4279 0.3475 -0.0671 -0.0386 0.0787  15  DC  B OP1   
285 O  OP2   . DC  B 3  ? 0.4036 0.3307 0.3569 -0.0207 0.0016  0.0471  15  DC  B OP2   
286 O  "O5'" . DC  B 3  ? 0.3394 0.3094 0.2467 -0.0183 -0.0188 0.1013  15  DC  B "O5'" 
287 C  "C5'" . DC  B 3  ? 0.2141 0.3407 0.2974 -0.0842 -0.0088 0.0404  15  DC  B "C5'" 
288 C  "C4'" . DC  B 3  ? 0.1782 0.3081 0.2552 -0.0880 -0.0326 0.0471  15  DC  B "C4'" 
289 O  "O4'" . DC  B 3  ? 0.2083 0.3024 0.2784 -0.0537 -0.0525 0.0192  15  DC  B "O4'" 
290 C  "C3'" . DC  B 3  ? 0.2808 0.3250 0.2816 -0.1003 0.0358  0.0180  15  DC  B "C3'" 
291 O  "O3'" . DC  B 3  ? 0.2636 0.3397 0.2889 -0.0725 -0.0219 0.0439  15  DC  B "O3'" 
292 C  "C2'" . DC  B 3  ? 0.2172 0.3676 0.3331 -0.0940 -0.0545 0.0176  15  DC  B "C2'" 
293 C  "C1'" . DC  B 3  ? 0.2051 0.3109 0.3050 -0.0518 0.0035  -0.0011 15  DC  B "C1'" 
294 N  N1    . DC  B 3  ? 0.2692 0.3092 0.2397 -0.0576 -0.0211 0.0317  15  DC  B N1    
295 C  C2    . DC  B 3  ? 0.2105 0.2423 0.2068 -0.0612 -0.0487 0.0432  15  DC  B C2    
296 O  O2    . DC  B 3  ? 0.2687 0.2766 0.2725 -0.0680 0.0140  0.0431  15  DC  B O2    
297 N  N3    . DC  B 3  ? 0.2057 0.2827 0.2295 -0.0791 -0.0489 0.0237  15  DC  B N3    
298 C  C4    . DC  B 3  ? 0.2546 0.2980 0.2289 -0.0681 0.0140  0.0468  15  DC  B C4    
299 N  N4    . DC  B 3  ? 0.2385 0.2766 0.3278 -0.0785 -0.0302 0.0546  15  DC  B N4    
300 C  C5    . DC  B 3  ? 0.3281 0.2708 0.2435 -0.0205 0.0241  0.0575  15  DC  B C5    
301 C  C6    . DC  B 3  ? 0.2910 0.3188 0.3008 -0.0234 -0.0087 0.0426  15  DC  B C6    
302 P  P     . DG  B 4  ? 0.2728 0.4047 0.3126 -0.0480 -0.0785 0.0172  16  DG  B P     
303 O  OP1   . DG  B 4  ? 0.2977 0.5149 0.3651 -0.0219 -0.1045 0.0176  16  DG  B OP1   
304 O  OP2   . DG  B 4  ? 0.3347 0.4018 0.4108 -0.0303 -0.0727 0.0523  16  DG  B OP2   
305 O  "O5'" . DG  B 4  ? 0.2616 0.3691 0.2692 -0.1118 -0.0634 0.0449  16  DG  B "O5'" 
306 C  "C5'" . DG  B 4  ? 0.3610 0.3691 0.3031 -0.0473 -0.0313 0.0077  16  DG  B "C5'" 
307 C  "C4'" . DG  B 4  ? 0.3002 0.3285 0.2665 -0.0924 -0.0416 0.0398  16  DG  B "C4'" 
308 O  "O4'" . DG  B 4  ? 0.2487 0.3833 0.2584 -0.1038 -0.0051 0.0353  16  DG  B "O4'" 
309 C  "C3'" . DG  B 4  ? 0.3120 0.3654 0.2783 -0.1263 0.0062  -0.0131 16  DG  B "C3'" 
310 O  "O3'" . DG  B 4  ? 0.3823 0.3874 0.2818 -0.1291 -0.0060 0.0151  16  DG  B "O3'" 
311 C  "C2'" . DG  B 4  ? 0.2525 0.3720 0.2510 -0.1250 0.0032  0.0250  16  DG  B "C2'" 
312 C  "C1'" . DG  B 4  ? 0.2591 0.3550 0.2524 -0.1159 -0.0012 -0.0011 16  DG  B "C1'" 
313 N  N9    . DG  B 4  ? 0.2733 0.3185 0.2797 -0.1270 -0.0390 0.0610  16  DG  B N9    
314 C  C8    . DG  B 4  ? 0.2755 0.3226 0.2676 -0.1215 -0.0414 0.0636  16  DG  B C8    
315 N  N7    . DG  B 4  ? 0.2409 0.3226 0.2616 -0.0715 0.0275  0.0404  16  DG  B N7    
316 C  C5    . DG  B 4  ? 0.2162 0.3401 0.1831 -0.0545 -0.0234 0.0176  16  DG  B C5    
317 C  C6    . DG  B 4  ? 0.2439 0.2918 0.1984 -0.0644 -0.0038 0.0581  16  DG  B C6    
318 O  O6    . DG  B 4  ? 0.2954 0.2719 0.2034 -0.0679 -0.0172 0.0319  16  DG  B O6    
319 N  N1    . DG  B 4  ? 0.2431 0.2983 0.1909 -0.0690 -0.0087 0.0453  16  DG  B N1    
320 C  C2    . DG  B 4  ? 0.2279 0.3057 0.2183 -0.0542 0.0024  0.0291  16  DG  B C2    
321 N  N2    . DG  B 4  ? 0.2560 0.2837 0.2759 -0.0950 0.0261  0.0373  16  DG  B N2    
322 N  N3    . DG  B 4  ? 0.2500 0.2862 0.2463 -0.0953 0.0064  0.0388  16  DG  B N3    
323 C  C4    . DG  B 4  ? 0.3225 0.3474 0.2112 -0.0962 0.0302  -0.0107 16  DG  B C4    
324 P  P     . DA  B 5  ? 0.3419 0.4005 0.3191 -0.1596 -0.0150 -0.0003 17  DA  B P     
325 O  OP1   . DA  B 5  ? 0.4572 0.5031 0.3631 -0.2065 -0.0131 -0.0563 17  DA  B OP1   
326 O  OP2   . DA  B 5  ? 0.4279 0.4512 0.3053 -0.2023 -0.0925 -0.0166 17  DA  B OP2   
327 O  "O5'" . DA  B 5  ? 0.3127 0.3854 0.2942 -0.1303 -0.0031 0.0374  17  DA  B "O5'" 
328 C  "C5'" . DA  B 5  ? 0.3353 0.2963 0.3335 -0.1384 0.0215  0.0100  17  DA  B "C5'" 
329 C  "C4'" . DA  B 5  ? 0.2578 0.4051 0.3393 -0.1884 0.0082  -0.0304 17  DA  B "C4'" 
330 O  "O4'" . DA  B 5  ? 0.3508 0.2989 0.2777 -0.1403 0.0137  0.0137  17  DA  B "O4'" 
331 C  "C3'" . DA  B 5  ? 0.4349 0.2583 0.3543 -0.1174 0.0552  -0.0040 17  DA  B "C3'" 
332 O  "O3'" . DA  B 5  ? 0.4312 0.3081 0.3961 -0.0965 0.0781  -0.0110 17  DA  B "O3'" 
333 C  "C2'" . DA  B 5  ? 0.4218 0.2822 0.2948 -0.1551 0.0509  -0.0174 17  DA  B "C2'" 
334 C  "C1'" . DA  B 5  ? 0.3434 0.3016 0.2336 -0.0770 0.0360  -0.0042 17  DA  B "C1'" 
335 N  N9    . DA  B 5  ? 0.3348 0.2932 0.2328 -0.1144 0.0007  -0.0249 17  DA  B N9    
336 C  C8    . DA  B 5  ? 0.2972 0.3017 0.2892 -0.1085 -0.0022 0.0735  17  DA  B C8    
337 N  N7    . DA  B 5  ? 0.3001 0.2981 0.1851 -0.1282 -0.0317 0.0242  17  DA  B N7    
338 C  C5    . DA  B 5  ? 0.2965 0.2863 0.1992 -0.1343 -0.0173 0.0320  17  DA  B C5    
339 C  C6    . DA  B 5  ? 0.2488 0.2582 0.1725 -0.0951 -0.0313 0.0505  17  DA  B C6    
340 N  N6    . DA  B 5  ? 0.2818 0.2722 0.2142 -0.0574 -0.0043 0.0496  17  DA  B N6    
341 N  N1    . DA  B 5  ? 0.2653 0.2600 0.2198 -0.0739 -0.0064 0.0079  17  DA  B N1    
342 C  C2    . DA  B 5  ? 0.3101 0.2466 0.2175 -0.0621 -0.0105 0.0172  17  DA  B C2    
343 N  N3    . DA  B 5  ? 0.2842 0.2802 0.2255 -0.0716 0.0170  0.0215  17  DA  B N3    
344 C  C4    . DA  B 5  ? 0.2736 0.2613 0.1932 -0.0767 -0.0297 0.0182  17  DA  B C4    
345 P  P     . DA  B 6  ? 0.3944 0.3645 0.4915 -0.1682 0.0525  -0.1243 18  DA  B P     
346 O  OP1   . DA  B 6  ? 0.5601 0.3440 0.5223 -0.1511 0.2059  -0.1326 18  DA  B OP1   
347 O  OP2   . DA  B 6  ? 0.3485 0.4363 0.3944 -0.1438 -0.0409 -0.1604 18  DA  B OP2   
348 O  "O5'" . DA  B 6  ? 0.4224 0.3341 0.3906 -0.1494 0.0783  -0.0778 18  DA  B "O5'" 
349 C  "C5'" . DA  B 6  ? 0.3687 0.2891 0.4891 -0.1212 0.1207  -0.0050 18  DA  B "C5'" 
350 C  "C4'" . DA  B 6  ? 0.4170 0.2809 0.3692 -0.0972 0.0963  0.0559  18  DA  B "C4'" 
351 O  "O4'" . DA  B 6  ? 0.3570 0.3219 0.3191 -0.0436 0.0178  0.0245  18  DA  B "O4'" 
352 C  "C3'" . DA  B 6  ? 0.3887 0.3647 0.3761 -0.0632 0.1024  0.0201  18  DA  B "C3'" 
353 O  "O3'" . DA  B 6  ? 0.5130 0.3782 0.4282 -0.0478 0.1390  0.0196  18  DA  B "O3'" 
354 C  "C2'" . DA  B 6  ? 0.3681 0.3512 0.3187 -0.1180 0.0623  -0.0102 18  DA  B "C2'" 
355 C  "C1'" . DA  B 6  ? 0.3631 0.3250 0.2552 -0.1179 0.0250  0.0009  18  DA  B "C1'" 
356 N  N9    . DA  B 6  ? 0.2972 0.2865 0.3175 -0.1670 0.0872  -0.0185 18  DA  B N9    
357 C  C8    . DA  B 6  ? 0.2823 0.2768 0.2202 -0.1520 0.0451  0.0339  18  DA  B C8    
358 N  N7    . DA  B 6  ? 0.3848 0.2653 0.2181 -0.1333 -0.0155 0.0178  18  DA  B N7    
359 C  C5    . DA  B 6  ? 0.3205 0.2665 0.2057 -0.0977 0.0188  0.0380  18  DA  B C5    
360 C  C6    . DA  B 6  ? 0.3229 0.2492 0.1626 -0.1111 -0.0112 0.0429  18  DA  B C6    
361 N  N6    . DA  B 6  ? 0.3230 0.3139 0.1945 -0.0939 -0.0041 0.0377  18  DA  B N6    
362 N  N1    . DA  B 6  ? 0.3007 0.2853 0.1651 -0.1092 -0.0155 0.0364  18  DA  B N1    
363 C  C2    . DA  B 6  ? 0.3079 0.3032 0.2024 -0.1554 0.0001  0.0275  18  DA  B C2    
364 N  N3    . DA  B 6  ? 0.3250 0.2900 0.2281 -0.1318 0.0293  0.0415  18  DA  B N3    
365 C  C4    . DA  B 6  ? 0.3249 0.2644 0.2240 -0.1307 0.0157  0.0245  18  DA  B C4    
366 P  P     . DT  B 7  ? 0.6465 0.3960 0.5083 -0.0512 0.2430  -0.0281 19  DT  B P     
367 O  OP1   . DT  B 7  ? 0.4791 0.4286 0.7836 -0.1079 0.2927  -0.1136 19  DT  B OP1   
368 O  OP2   . DT  B 7  ? 0.7095 0.5301 0.4582 -0.1658 0.2626  -0.1320 19  DT  B OP2   
369 O  "O5'" . DT  B 7  ? 0.4479 0.3672 0.3518 -0.0951 0.0998  -0.0139 19  DT  B "O5'" 
370 C  "C5'" . DT  B 7  ? 0.4326 0.3424 0.3328 0.0242  0.0390  -0.0106 19  DT  B "C5'" 
371 C  "C4'" . DT  B 7  ? 0.3993 0.3368 0.2573 -0.0438 -0.0112 -0.0057 19  DT  B "C4'" 
372 O  "O4'" . DT  B 7  ? 0.3321 0.3520 0.3038 -0.0280 0.0214  0.0399  19  DT  B "O4'" 
373 C  "C3'" . DT  B 7  ? 0.3254 0.3697 0.2918 -0.0758 0.0401  0.0009  19  DT  B "C3'" 
374 O  "O3'" . DT  B 7  ? 0.3289 0.3897 0.4238 -0.0544 0.0291  0.1219  19  DT  B "O3'" 
375 C  "C2'" . DT  B 7  ? 0.3210 0.3681 0.3278 -0.0940 0.0336  0.0071  19  DT  B "C2'" 
376 C  "C1'" . DT  B 7  ? 0.3607 0.2577 0.3645 -0.0490 0.0150  0.0253  19  DT  B "C1'" 
377 N  N1    . DT  B 7  ? 0.3549 0.3284 0.2514 -0.0810 0.0421  0.0080  19  DT  B N1    
378 C  C2    . DT  B 7  ? 0.3211 0.3040 0.2185 -0.0974 -0.0045 -0.0025 19  DT  B C2    
379 O  O2    . DT  B 7  ? 0.2989 0.3003 0.2386 -0.1047 -0.0185 0.0243  19  DT  B O2    
380 N  N3    . DT  B 7  ? 0.3395 0.2903 0.2075 -0.0819 0.0023  0.0183  19  DT  B N3    
381 C  C4    . DT  B 7  ? 0.3441 0.2875 0.1968 -0.0631 -0.0139 0.0287  19  DT  B C4    
382 O  O4    . DT  B 7  ? 0.3169 0.3969 0.2041 -0.0758 -0.0292 0.0349  19  DT  B O4    
383 C  C5    . DT  B 7  ? 0.3078 0.3140 0.2234 -0.0995 0.0119  0.0173  19  DT  B C5    
384 C  C7    . DT  B 7  ? 0.3524 0.3081 0.2232 -0.1071 -0.0832 -0.0305 19  DT  B C7    
385 C  C6    . DT  B 7  ? 0.3458 0.2590 0.2633 -0.0566 0.0175  0.0158  19  DT  B C6    
386 P  P     . DT  B 8  ? 0.3333 0.4518 0.4316 -0.0747 0.0208  0.0649  20  DT  B P     
387 O  OP1   . DT  B 8  ? 0.3196 0.4504 0.5714 -0.0853 -0.0387 0.0508  20  DT  B OP1   
388 O  OP2   . DT  B 8  ? 0.3933 0.4767 0.4214 -0.0539 0.0656  0.0000  20  DT  B OP2   
389 O  "O5'" . DT  B 8  ? 0.3667 0.4026 0.4210 -0.1195 0.0130  0.0743  20  DT  B "O5'" 
390 C  "C5'" . DT  B 8  ? 0.2952 0.3563 0.4352 -0.1421 -0.0150 0.0587  20  DT  B "C5'" 
391 C  "C4'" . DT  B 8  ? 0.2642 0.3908 0.4328 -0.1152 -0.0018 0.0388  20  DT  B "C4'" 
392 O  "O4'" . DT  B 8  ? 0.2794 0.4036 0.3225 -0.1412 0.0159  0.1024  20  DT  B "O4'" 
393 C  "C3'" . DT  B 8  ? 0.3564 0.4483 0.3954 -0.0362 -0.0068 0.0394  20  DT  B "C3'" 
394 O  "O3'" . DT  B 8  ? 0.3360 0.4726 0.6757 -0.1096 0.0116  0.1236  20  DT  B "O3'" 
395 C  "C2'" . DT  B 8  ? 0.2711 0.4075 0.3116 -0.0984 0.0409  0.1169  20  DT  B "C2'" 
396 C  "C1'" . DT  B 8  ? 0.2302 0.3544 0.3433 -0.1197 0.0235  0.0917  20  DT  B "C1'" 
397 N  N1    . DT  B 8  ? 0.2623 0.3565 0.2850 -0.1630 0.0311  0.0599  20  DT  B N1    
398 C  C2    . DT  B 8  ? 0.3753 0.3794 0.1966 -0.0811 0.0464  0.0532  20  DT  B C2    
399 O  O2    . DT  B 8  ? 0.2971 0.3883 0.2514 -0.0834 -0.0132 0.0619  20  DT  B O2    
400 N  N3    . DT  B 8  ? 0.3655 0.4647 0.1516 -0.0957 -0.0068 0.0303  20  DT  B N3    
401 C  C4    . DT  B 8  ? 0.3675 0.4730 0.1465 -0.0508 -0.0428 0.0225  20  DT  B C4    
402 O  O4    . DT  B 8  ? 0.3897 0.4510 0.2284 -0.1238 -0.0242 0.0531  20  DT  B O4    
403 C  C5    . DT  B 8  ? 0.2686 0.3750 0.2228 -0.1155 -0.0029 0.0539  20  DT  B C5    
404 C  C7    . DT  B 8  ? 0.4095 0.4077 0.2264 -0.0702 0.0088  0.0225  20  DT  B C7    
405 C  C6    . DT  B 8  ? 0.2919 0.4159 0.2911 -0.1390 0.0620  0.0244  20  DT  B C6    
406 P  P     . 5OC B 9  ? 0.3292 0.4547 0.5556 -0.1385 -0.0286 0.0850  21  5OC B P     
407 N  N1    . 5OC B 9  ? 0.3003 0.4513 0.2687 -0.0949 -0.0474 0.0900  21  5OC B N1    
408 C  C2    . 5OC B 9  ? 0.2881 0.4334 0.1936 -0.0476 -0.0302 0.0392  21  5OC B C2    
409 O  O2    . 5OC B 9  ? 0.2766 0.3954 0.3159 -0.1211 -0.0615 0.0363  21  5OC B O2    
410 N  N3    . 5OC B 9  ? 0.3147 0.4423 0.1926 -0.1003 -0.0105 0.0250  21  5OC B N3    
411 C  C4    . 5OC B 9  ? 0.3297 0.4381 0.1865 -0.0596 -0.0174 -0.0277 21  5OC B C4    
412 N  N4    . 5OC B 9  ? 0.3331 0.4126 0.2219 -0.0532 -0.0452 -0.0003 21  5OC B N4    
413 C  C5    . 5OC B 9  ? 0.4156 0.4333 0.2235 -0.0524 -0.0363 0.0353  21  5OC B C5    
414 O  O5    . 5OC B 9  ? 0.4498 0.4935 0.3533 -0.1503 0.0607  0.0419  21  5OC B O5    
415 C  C6    . 5OC B 9  ? 0.3619 0.3945 0.2455 -0.1341 -0.0120 0.0452  21  5OC B C6    
416 C  "C1'" . 5OC B 9  ? 0.4050 0.4362 0.2186 -0.0496 -0.0483 0.0342  21  5OC B "C1'" 
417 C  "C2'" . 5OC B 9  ? 0.3359 0.4603 0.2945 -0.0527 -0.0639 0.0663  21  5OC B "C2'" 
418 C  "C3'" . 5OC B 9  ? 0.3508 0.4264 0.3239 -0.0971 -0.0645 0.0840  21  5OC B "C3'" 
419 O  "O3'" . 5OC B 9  ? 0.4560 0.4798 0.3518 -0.1914 -0.1443 0.0378  21  5OC B "O3'" 
420 C  "C4'" . 5OC B 9  ? 0.3369 0.3352 0.3477 -0.1347 -0.0214 0.0019  21  5OC B "C4'" 
421 O  "O4'" . 5OC B 9  ? 0.3705 0.3578 0.2812 -0.1645 -0.0279 0.0706  21  5OC B "O4'" 
422 C  "C5'" . 5OC B 9  ? 0.4476 0.4548 0.2467 -0.1258 -0.0672 0.0161  21  5OC B "C5'" 
423 O  "O5'" . 5OC B 9  ? 0.3310 0.4770 0.3670 -0.1044 -0.0525 0.0622  21  5OC B "O5'" 
424 O  OP1   . 5OC B 9  ? 0.4358 0.4049 0.7484 -0.0782 -0.0745 0.1686  21  5OC B OP1   
425 O  OP2   . 5OC B 9  ? 0.4365 0.5896 0.4602 -0.0459 0.0676  0.1634  21  5OC B OP2   
426 P  P     . DG  B 10 ? 0.3973 0.4883 0.4422 -0.2119 -0.1687 0.1341  22  DG  B P     
427 O  OP1   . DG  B 10 ? 0.5603 0.5375 0.4545 -0.2606 -0.2696 0.1474  22  DG  B OP1   
428 O  OP2   . DG  B 10 ? 0.2710 0.6338 0.5927 -0.1173 -0.1325 0.2216  22  DG  B OP2   
429 O  "O5'" . DG  B 10 ? 0.3380 0.4975 0.4428 -0.1770 -0.1889 0.1067  22  DG  B "O5'" 
430 C  "C5'" . DG  B 10 ? 0.4438 0.4055 0.4215 -0.1230 -0.1787 0.0586  22  DG  B "C5'" 
431 C  "C4'" . DG  B 10 ? 0.3406 0.3611 0.3780 -0.0775 -0.1059 -0.0030 22  DG  B "C4'" 
432 O  "O4'" . DG  B 10 ? 0.3933 0.4102 0.3225 -0.0870 -0.1380 0.0563  22  DG  B "O4'" 
433 C  "C3'" . DG  B 10 ? 0.3135 0.4258 0.3480 -0.0476 -0.1057 0.0384  22  DG  B "C3'" 
434 O  "O3'" . DG  B 10 ? 0.3649 0.4496 0.3835 -0.1670 -0.1874 0.0932  22  DG  B "O3'" 
435 C  "C2'" . DG  B 10 ? 0.2261 0.4701 0.4325 -0.0714 -0.1205 0.1161  22  DG  B "C2'" 
436 C  "C1'" . DG  B 10 ? 0.2926 0.3925 0.3402 -0.1357 -0.0987 0.0422  22  DG  B "C1'" 
437 N  N9    . DG  B 10 ? 0.2254 0.4031 0.2769 -0.1127 -0.0945 0.0432  22  DG  B N9    
438 C  C8    . DG  B 10 ? 0.3647 0.3769 0.3161 -0.0548 -0.0173 0.0552  22  DG  B C8    
439 N  N7    . DG  B 10 ? 0.2247 0.4242 0.2612 -0.1134 -0.0595 0.0413  22  DG  B N7    
440 C  C5    . DG  B 10 ? 0.2099 0.3800 0.1699 -0.1272 -0.0765 0.0424  22  DG  B C5    
441 C  C6    . DG  B 10 ? 0.2737 0.3130 0.1966 -0.0801 -0.0388 0.0051  22  DG  B C6    
442 O  O6    . DG  B 10 ? 0.2418 0.3905 0.2446 -0.1149 -0.0348 0.0112  22  DG  B O6    
443 N  N1    . DG  B 10 ? 0.2978 0.3817 0.1921 -0.0722 -0.0369 0.0453  22  DG  B N1    
444 C  C2    . DG  B 10 ? 0.2726 0.3529 0.1887 -0.0702 -0.0689 0.0323  22  DG  B C2    
445 N  N2    . DG  B 10 ? 0.2453 0.3655 0.1803 -0.0797 -0.0488 0.0523  22  DG  B N2    
446 N  N3    . DG  B 10 ? 0.2784 0.3665 0.2031 -0.1093 -0.0592 0.0472  22  DG  B N3    
447 C  C4    . DG  B 10 ? 0.2248 0.4038 0.2378 -0.1060 -0.0459 0.0610  22  DG  B C4    
448 P  P     . DC  B 11 ? 0.3012 0.4223 0.4510 -0.1202 -0.1530 0.0728  23  DC  B P     
449 O  OP1   . DC  B 11 ? 0.6198 0.3478 0.4242 -0.1747 -0.2359 0.0721  23  DC  B OP1   
450 O  OP2   . DC  B 11 ? 0.2510 0.5433 0.5186 -0.1200 -0.1038 0.1868  23  DC  B OP2   
451 O  "O5'" . DC  B 11 ? 0.2999 0.3870 0.4236 -0.0737 -0.1624 0.0596  23  DC  B "O5'" 
452 C  "C5'" . DC  B 11 ? 0.2862 0.3199 0.3840 -0.0956 -0.1027 0.0319  23  DC  B "C5'" 
453 C  "C4'" . DC  B 11 ? 0.2889 0.3129 0.3025 -0.1160 -0.0675 0.0072  23  DC  B "C4'" 
454 O  "O4'" . DC  B 11 ? 0.2532 0.3400 0.3411 -0.1539 -0.1306 0.0238  23  DC  B "O4'" 
455 C  "C3'" . DC  B 11 ? 0.3016 0.3599 0.2990 -0.1336 -0.0845 -0.0084 23  DC  B "C3'" 
456 O  "O3'" . DC  B 11 ? 0.2843 0.3924 0.3719 -0.1089 -0.1136 -0.0412 23  DC  B "O3'" 
457 C  "C2'" . DC  B 11 ? 0.2711 0.3568 0.3189 -0.0893 -0.1028 -0.0233 23  DC  B "C2'" 
458 C  "C1'" . DC  B 11 ? 0.2281 0.3385 0.3853 -0.1484 -0.0822 -0.0104 23  DC  B "C1'" 
459 N  N1    . DC  B 11 ? 0.2407 0.3746 0.2819 -0.0439 -0.0917 0.0010  23  DC  B N1    
460 C  C2    . DC  B 11 ? 0.2849 0.3725 0.2445 -0.0701 -0.0299 -0.0074 23  DC  B C2    
461 O  O2    . DC  B 11 ? 0.3006 0.4238 0.2428 -0.0761 -0.0249 0.0009  23  DC  B O2    
462 N  N3    . DC  B 11 ? 0.1736 0.3438 0.2339 -0.1484 -0.0747 0.0208  23  DC  B N3    
463 C  C4    . DC  B 11 ? 0.1593 0.3182 0.2080 -0.1310 -0.0658 0.0182  23  DC  B C4    
464 N  N4    . DC  B 11 ? 0.1978 0.3382 0.3014 -0.0948 -0.0509 0.0178  23  DC  B N4    
465 C  C5    . DC  B 11 ? 0.2908 0.3223 0.3040 -0.0976 -0.0594 0.0238  23  DC  B C5    
466 C  C6    . DC  B 11 ? 0.2482 0.3190 0.2697 -0.1269 -0.1011 0.0538  23  DC  B C6    
467 P  P     . DG  B 12 ? 0.3801 0.3772 0.2857 -0.0712 -0.1139 0.0008  24  DG  B P     
468 O  OP1   . DG  B 12 ? 0.3583 0.3397 0.4154 -0.0470 -0.1215 -0.0115 24  DG  B OP1   
469 O  OP2   . DG  B 12 ? 0.4252 0.3814 0.3190 -0.0887 -0.0360 0.0242  24  DG  B OP2   
470 O  "O5'" . DG  B 12 ? 0.2854 0.3609 0.2696 -0.0702 -0.1213 -0.0014 24  DG  B "O5'" 
471 C  "C5'" . DG  B 12 ? 0.2874 0.3060 0.2895 0.0065  -0.1092 -0.0107 24  DG  B "C5'" 
472 C  "C4'" . DG  B 12 ? 0.2834 0.2977 0.2708 -0.0187 -0.1134 -0.0299 24  DG  B "C4'" 
473 O  "O4'" . DG  B 12 ? 0.3027 0.3377 0.2415 0.0012  -0.0593 0.0100  24  DG  B "O4'" 
474 C  "C3'" . DG  B 12 ? 0.3071 0.3026 0.2831 -0.0043 -0.0579 0.0191  24  DG  B "C3'" 
475 O  "O3'" . DG  B 12 ? 0.2799 0.3335 0.2671 -0.0195 -0.0714 0.0169  24  DG  B "O3'" 
476 C  "C2'" . DG  B 12 ? 0.2100 0.3458 0.2725 -0.0016 -0.0920 0.0300  24  DG  B "C2'" 
477 C  "C1'" . DG  B 12 ? 0.2641 0.3355 0.2641 0.0035  -0.0642 0.0484  24  DG  B "C1'" 
478 N  N9    . DG  B 12 ? 0.2723 0.3244 0.2212 -0.0241 -0.1147 -0.0118 24  DG  B N9    
479 C  C8    . DG  B 12 ? 0.3274 0.2888 0.2785 -0.0507 -0.0993 -0.0090 24  DG  B C8    
480 N  N7    . DG  B 12 ? 0.3844 0.3853 0.2231 0.0043  -0.0887 0.0094  24  DG  B N7    
481 C  C5    . DG  B 12 ? 0.2544 0.4135 0.1959 -0.0123 -0.0395 -0.0140 24  DG  B C5    
482 C  C6    . DG  B 12 ? 0.3648 0.3468 0.1586 -0.0041 -0.0074 0.0132  24  DG  B C6    
483 O  O6    . DG  B 12 ? 0.2971 0.3704 0.2756 0.0014  -0.0603 0.0348  24  DG  B O6    
484 N  N1    . DG  B 12 ? 0.2207 0.2931 0.2369 0.0014  -0.0415 0.0413  24  DG  B N1    
485 C  C2    . DG  B 12 ? 0.2432 0.3090 0.2189 -0.0276 -0.0225 0.0419  24  DG  B C2    
486 N  N2    . DG  B 12 ? 0.2512 0.3230 0.2656 -0.0232 -0.0397 0.0521  24  DG  B N2    
487 N  N3    . DG  B 12 ? 0.2956 0.2614 0.2098 -0.0651 -0.0551 0.0271  24  DG  B N3    
488 C  C4    . DG  B 12 ? 0.2051 0.2894 0.2201 -0.0476 -0.0837 0.0222  24  DG  B C4    
489 MG MG    . MG  C .  ? 0.3770 0.4087 0.2959 -0.0207 0.0038  0.0823  101 MG  A MG    
490 O  O     . HOH D .  ? 0.3412 0.3335 0.2913 -0.1180 -0.0107 -0.0586 201 HOH A O     
491 O  O     . HOH D .  ? 0.4331 0.3639 0.3240 -0.1098 -0.0454 0.0633  202 HOH A O     
492 O  O     . HOH D .  ? 0.3731 0.4786 0.3605 0.0648  0.0213  0.0564  203 HOH A O     
493 O  O     . HOH D .  ? 0.2993 0.2982 0.2910 -0.0843 0.0504  0.0093  204 HOH A O     
494 O  O     . HOH D .  ? 0.3441 0.3781 0.3074 -0.0706 -0.0563 -0.0011 205 HOH A O     
495 O  O     . HOH D .  ? 0.4952 0.4826 0.5079 -0.1161 0.1384  0.0003  206 HOH A O     
496 O  O     . HOH D .  ? 0.3578 0.2902 0.3142 -0.0736 0.0736  0.0383  207 HOH A O     
497 O  O     . HOH D .  ? 0.2434 0.3629 0.3108 -0.1028 -0.0119 0.0156  208 HOH A O     
498 O  O     . HOH D .  ? 0.2840 0.4279 0.7141 -0.1549 -0.0365 0.1537  209 HOH A O     
499 O  O     . HOH D .  ? 0.4491 0.5611 0.4080 -0.1449 0.0062  0.0050  210 HOH A O     
500 O  O     . HOH D .  ? 0.4594 0.5019 0.4161 0.0050  0.0320  0.1409  211 HOH A O     
501 O  O     . HOH D .  ? 0.5536 0.7106 0.7333 -0.3871 -0.1806 0.0216  212 HOH A O     
502 O  O     . HOH D .  ? 0.3643 0.3371 0.3727 -0.0425 0.0778  0.0762  213 HOH A O     
503 O  O     . HOH D .  ? 0.3871 1.2908 1.2902 0.0387  -0.0816 -0.7442 214 HOH A O     
504 O  O     . HOH D .  ? 0.3223 0.4011 0.4734 -0.0861 -0.0245 -0.0177 215 HOH A O     
505 O  O     . HOH D .  ? 0.4403 0.5411 0.6799 0.0709  0.0793  -0.1285 216 HOH A O     
506 O  O     . HOH D .  ? 0.4228 0.7507 0.2903 -0.2218 -0.0521 0.0526  217 HOH A O     
507 O  O     . HOH D .  ? 0.6567 0.8595 0.8200 0.4226  -0.1189 0.0399  218 HOH A O     
508 O  O     . HOH D .  ? 0.3444 0.5215 0.3974 -0.1354 -0.1003 0.0256  219 HOH A O     
509 O  O     . HOH D .  ? 0.5405 0.4722 0.6842 -0.0763 -0.2512 0.0195  220 HOH A O     
510 O  O     . HOH D .  ? 0.5676 0.2936 0.5740 0.0256  0.1092  0.1158  221 HOH A O     
511 O  O     . HOH D .  ? 0.3163 1.9089 3.3405 -0.0925 -0.2244 1.6946  222 HOH A O     
512 O  O     . HOH D .  ? 0.3436 0.3242 0.3595 -0.0781 0.0141  0.0450  223 HOH A O     
513 O  O     . HOH D .  ? 0.3721 0.6363 0.5791 -0.0708 0.0756  0.0205  224 HOH A O     
514 O  O     . HOH D .  ? 0.5617 0.4276 0.6121 0.0371  0.2010  0.0907  225 HOH A O     
515 O  O     . HOH D .  ? 0.5570 0.5438 0.5153 -0.1328 -0.2990 0.1080  226 HOH A O     
516 O  O     . HOH D .  ? 0.6703 0.4695 0.3876 -0.1817 -0.1090 0.0709  227 HOH A O     
517 O  O     . HOH D .  ? 0.7680 0.6352 0.7297 -0.0155 0.2521  0.0913  228 HOH A O     
518 O  O     . HOH D .  ? 0.6746 0.4378 0.3054 -0.0960 -0.0899 0.0690  229 HOH A O     
519 O  O     . HOH D .  ? 0.3428 0.4660 0.3774 -0.1367 -0.0181 0.0900  230 HOH A O     
520 O  O     . HOH D .  ? 0.2495 0.5093 0.6802 -0.1274 -0.0785 0.1862  231 HOH A O     
521 O  O     . HOH D .  ? 0.4091 0.3500 0.3576 -0.1459 -0.0315 0.0435  232 HOH A O     
522 O  O     . HOH D .  ? 0.3434 0.3485 0.3222 -0.1065 -0.1562 0.0300  233 HOH A O     
523 O  O     . HOH D .  ? 0.2516 0.3919 0.2625 -0.0762 -0.0473 0.0568  234 HOH A O     
524 O  O     . HOH D .  ? 0.4147 0.7920 0.5972 -0.3690 -0.0303 0.0934  235 HOH A O     
525 O  O     . HOH D .  ? 0.3358 0.5945 1.0821 -0.2389 -0.0815 0.3398  236 HOH A O     
526 O  O     . HOH D .  ? 0.6750 0.6830 0.4680 -0.1058 0.0975  -0.0408 237 HOH A O     
527 O  O     . HOH D .  ? 0.3181 0.6885 0.4576 -0.1817 -0.0527 -0.0697 238 HOH A O     
528 O  O     . HOH D .  ? 0.5312 0.3059 0.3132 -0.0705 -0.0737 0.0109  239 HOH A O     
529 O  O     . HOH D .  ? 0.5539 0.7584 0.6800 -0.1008 -0.2558 0.2349  240 HOH A O     
530 O  O     . HOH D .  ? 0.5502 0.4949 0.4592 0.0831  0.0274  0.0623  241 HOH A O     
531 O  O     . HOH D .  ? 0.3402 0.4707 0.4383 -0.0578 -0.1242 0.0312  242 HOH A O     
532 O  O     . HOH D .  ? 0.5698 0.6741 0.4788 -0.0526 -0.0931 0.1440  243 HOH A O     
533 O  O     . HOH D .  ? 0.4223 0.7167 0.3942 -0.1961 -0.0588 0.0358  244 HOH A O     
534 O  O     . HOH D .  ? 0.5672 0.5976 0.4942 -0.1248 -0.1502 0.0947  245 HOH A O     
535 O  O     . HOH D .  ? 0.4852 0.5276 0.4480 -0.0140 0.0088  -0.0018 246 HOH A O     
536 O  O     . HOH E .  ? 0.3796 0.4275 0.2269 -0.0333 0.0256  0.0496  101 HOH B O     
537 O  O     . HOH E .  ? 0.4303 0.6530 0.5990 -0.2855 -0.0029 0.1031  102 HOH B O     
538 O  O     . HOH E .  ? 0.2902 0.3612 0.3505 -0.1154 0.0036  0.0553  103 HOH B O     
539 O  O     . HOH E .  ? 0.5159 0.4975 0.3875 -0.1224 0.0899  -0.1105 104 HOH B O     
540 O  O     . HOH E .  ? 0.4386 0.5237 0.3156 -0.0766 0.0178  0.0170  105 HOH B O     
541 O  O     . HOH E .  ? 0.4989 0.4000 0.3287 -0.0619 0.0732  0.0613  106 HOH B O     
542 O  O     . HOH E .  ? 0.3225 0.5392 0.4182 -0.0032 -0.1661 -0.0202 107 HOH B O     
543 O  O     . HOH E .  ? 0.4422 0.3046 1.0596 -0.0553 0.0433  -0.0204 108 HOH B O     
544 O  O     . HOH E .  ? 0.6037 0.5851 0.4181 -0.1389 0.0876  -0.0376 109 HOH B O     
545 O  O     . HOH E .  ? 0.3978 0.4862 0.5337 -0.0501 0.0005  0.1219  110 HOH B O     
546 O  O     . HOH E .  ? 1.3879 1.0900 0.5889 -0.0905 -0.1965 0.2300  111 HOH B O     
547 O  O     . HOH E .  ? 0.3929 0.4960 0.4531 -0.1469 -0.0602 0.0148  112 HOH B O     
548 O  O     . HOH E .  ? 0.3634 0.4120 0.3580 -0.1199 -0.1271 0.0585  113 HOH B O     
549 O  O     . HOH E .  ? 0.7208 0.4229 0.4207 -0.1706 -0.0237 -0.0220 114 HOH B O     
550 O  O     . HOH E .  ? 0.2859 0.4067 0.3702 -0.1054 -0.0140 0.0122  115 HOH B O     
551 O  O     . HOH E .  ? 0.3046 0.4763 0.4716 -0.0915 -0.0378 0.0822  116 HOH B O     
552 O  O     . HOH E .  ? 0.5867 0.9946 0.6318 -0.3030 -0.0542 0.2578  117 HOH B O     
553 O  O     . HOH E .  ? 0.5258 0.5197 0.4524 -0.2796 0.0529  -0.0084 118 HOH B O     
554 O  O     . HOH E .  ? 0.2900 0.4481 0.3977 -0.0141 -0.0013 0.0680  119 HOH B O     
555 O  O     . HOH E .  ? 0.5761 0.9311 0.5563 -0.0406 0.0007  0.1902  120 HOH B O     
556 O  O     . HOH E .  ? 0.3492 0.5544 0.4982 -0.2306 -0.0319 -0.1058 121 HOH B O     
557 O  O     . HOH E .  ? 0.3596 0.5459 0.4921 0.0623  0.0169  -0.0571 122 HOH B O     
558 O  O     . HOH E .  ? 0.5602 0.6051 0.4361 -0.1097 -0.0191 -0.1552 123 HOH B O     
559 O  O     . HOH E .  ? 0.3159 0.7051 0.6787 -0.1907 -0.0636 0.2482  124 HOH B O     
560 O  O     . HOH E .  ? 1.3819 1.2307 2.0469 0.1892  -0.9646 -0.7915 125 HOH B O     
561 O  O     . HOH E .  ? 0.3354 0.7076 0.5493 -0.2521 -0.0140 -0.0001 126 HOH B O     
562 O  O     . HOH E .  ? 0.9538 0.7714 0.4937 -0.3700 -0.2357 0.1820  127 HOH B O     
563 O  O     . HOH E .  ? 0.4223 0.8842 0.4496 -0.2238 -0.1460 0.1401  128 HOH B O     
564 O  O     . HOH E .  ? 0.2724 0.5210 0.2952 -0.0421 -0.0174 0.1387  129 HOH B O     
565 O  O     . HOH E .  ? 0.2711 0.3649 0.2687 -0.0725 -0.0611 0.0320  130 HOH B O     
566 O  O     . HOH E .  ? 0.2215 0.4576 0.2992 -0.0870 -0.1068 0.0352  131 HOH B O     
567 O  O     . HOH E .  ? 0.7052 0.6854 0.8715 -0.3069 -0.1525 -0.0365 132 HOH B O     
568 O  O     . HOH E .  ? 0.6293 0.4810 0.4599 -0.2701 -0.0680 -0.1026 133 HOH B O     
569 O  O     . HOH E .  ? 0.6698 0.6937 0.4506 0.2089  -0.0279 -0.1178 134 HOH B O     
570 O  O     . HOH E .  ? 0.5329 0.5888 0.5001 -0.1930 -0.1056 0.1731  135 HOH B O     
571 O  O     . HOH E .  ? 0.3212 0.6238 0.4951 -0.1051 -0.0625 0.1707  136 HOH B O     
572 O  O     . HOH E .  ? 0.5753 0.7570 0.4393 -0.2455 -0.0404 -0.0054 137 HOH B O     
573 O  O     . HOH E .  ? 0.6607 1.1354 0.5885 0.3876  0.1123  0.0980  138 HOH B O     
574 O  O     . HOH E .  ? 0.6225 0.9745 0.5391 -0.0068 0.0907  0.1439  139 HOH B O     
575 O  O     . HOH E .  ? 0.5662 0.5494 0.8195 -0.1232 0.2044  -0.2250 140 HOH B O     
576 O  O     . HOH E .  ? 0.4109 0.6721 0.7794 -0.2013 -0.2070 0.2387  141 HOH B O     
577 O  O     . HOH E .  ? 0.5145 0.6875 0.4151 0.0022  -0.1298 -0.1229 142 HOH B O     
578 O  O     . HOH E .  ? 0.5949 0.3513 0.4903 0.0814  0.0251  0.0524  143 HOH B O     
579 O  O     . HOH E .  ? 0.3944 0.5663 0.3553 -0.1786 -0.0598 0.0648  144 HOH B O     
580 O  O     . HOH E .  ? 0.4427 0.5008 0.6527 -0.1074 -0.0732 -0.0500 145 HOH B O     
581 O  O     . HOH E .  ? 0.3857 0.4991 0.7339 -0.1266 0.1108  0.1144  146 HOH B O     
582 O  O     . HOH E .  ? 0.2783 0.5869 0.6148 -0.2244 -0.0268 -0.1546 147 HOH B O     
583 O  O     . HOH E .  ? 0.5131 0.5334 0.5415 0.0125  -0.0285 -0.0100 148 HOH B O     
# 
loop_
_pdbx_poly_seq_scheme.asym_id 
_pdbx_poly_seq_scheme.entity_id 
_pdbx_poly_seq_scheme.seq_id 
_pdbx_poly_seq_scheme.mon_id 
_pdbx_poly_seq_scheme.ndb_seq_num 
_pdbx_poly_seq_scheme.pdb_seq_num 
_pdbx_poly_seq_scheme.auth_seq_num 
_pdbx_poly_seq_scheme.pdb_mon_id 
_pdbx_poly_seq_scheme.auth_mon_id 
_pdbx_poly_seq_scheme.pdb_strand_id 
_pdbx_poly_seq_scheme.pdb_ins_code 
_pdbx_poly_seq_scheme.hetero 
A 1 1  DC  1  1  1  DC  DC  A . n 
A 1 2  DG  2  2  2  DG  DG  A . n 
A 1 3  DC  3  3  3  DC  DC  A . n 
A 1 4  DG  4  4  4  DG  DG  A . n 
A 1 5  DA  5  5  5  DA  DA  A . n 
A 1 6  DA  6  6  6  DA  DA  A . n 
A 1 7  DT  7  7  7  DT  DT  A . n 
A 1 8  DT  8  8  8  DT  DT  A . n 
A 1 9  5OC 9  9  9  5OC 5OC A . n 
A 1 10 DG  10 10 10 DG  DG  A . n 
A 1 11 DC  11 11 11 DC  DC  A . n 
A 1 12 DG  12 12 12 DG  DG  A . n 
B 1 1  DC  1  13 13 DC  DC  B . n 
B 1 2  DG  2  14 14 DG  DG  B . n 
B 1 3  DC  3  15 15 DC  DC  B . n 
B 1 4  DG  4  16 16 DG  DG  B . n 
B 1 5  DA  5  17 17 DA  DA  B . n 
B 1 6  DA  6  18 18 DA  DA  B . n 
B 1 7  DT  7  19 19 DT  DT  B . n 
B 1 8  DT  8  20 20 DT  DT  B . n 
B 1 9  5OC 9  21 21 5OC 5OC B . n 
B 1 10 DG  10 22 22 DG  DG  B . n 
B 1 11 DC  11 23 23 DC  DC  B . n 
B 1 12 DG  12 24 24 DG  DG  B . n 
# 
loop_
_pdbx_nonpoly_scheme.asym_id 
_pdbx_nonpoly_scheme.entity_id 
_pdbx_nonpoly_scheme.mon_id 
_pdbx_nonpoly_scheme.ndb_seq_num 
_pdbx_nonpoly_scheme.pdb_seq_num 
_pdbx_nonpoly_scheme.auth_seq_num 
_pdbx_nonpoly_scheme.pdb_mon_id 
_pdbx_nonpoly_scheme.auth_mon_id 
_pdbx_nonpoly_scheme.pdb_strand_id 
_pdbx_nonpoly_scheme.pdb_ins_code 
C 2 MG  1  101 45 MG  MG  A . 
D 3 HOH 1  201 1  HOH HOH A . 
D 3 HOH 2  202 3  HOH HOH A . 
D 3 HOH 3  203 4  HOH HOH A . 
D 3 HOH 4  204 6  HOH HOH A . 
D 3 HOH 5  205 7  HOH HOH A . 
D 3 HOH 6  206 11 HOH HOH A . 
D 3 HOH 7  207 12 HOH HOH A . 
D 3 HOH 8  208 14 HOH HOH A . 
D 3 HOH 9  209 15 HOH HOH A . 
D 3 HOH 10 210 20 HOH HOH A . 
D 3 HOH 11 211 23 HOH HOH A . 
D 3 HOH 12 212 24 HOH HOH A . 
D 3 HOH 13 213 26 HOH HOH A . 
D 3 HOH 14 214 27 HOH HOH A . 
D 3 HOH 15 215 29 HOH HOH A . 
D 3 HOH 16 216 30 HOH HOH A . 
D 3 HOH 17 217 33 HOH HOH A . 
D 3 HOH 18 218 35 HOH HOH A . 
D 3 HOH 19 219 36 HOH HOH A . 
D 3 HOH 20 220 40 HOH HOH A . 
D 3 HOH 21 221 42 HOH HOH A . 
D 3 HOH 22 222 43 HOH HOH A . 
D 3 HOH 23 223 44 HOH HOH A . 
D 3 HOH 24 224 45 HOH HOH A . 
D 3 HOH 25 225 47 HOH HOH A . 
D 3 HOH 26 226 50 HOH HOH A . 
D 3 HOH 27 227 51 HOH HOH A . 
D 3 HOH 28 228 54 HOH HOH A . 
D 3 HOH 29 229 57 HOH HOH A . 
D 3 HOH 30 230 58 HOH HOH A . 
D 3 HOH 31 231 59 HOH HOH A . 
D 3 HOH 32 232 61 HOH HOH A . 
D 3 HOH 33 233 63 HOH HOH A . 
D 3 HOH 34 234 64 HOH HOH A . 
D 3 HOH 35 235 68 HOH HOH A . 
D 3 HOH 36 236 69 HOH HOH A . 
D 3 HOH 37 237 70 HOH HOH A . 
D 3 HOH 38 238 71 HOH HOH A . 
D 3 HOH 39 239 72 HOH HOH A . 
D 3 HOH 40 240 73 HOH HOH A . 
D 3 HOH 41 241 74 HOH HOH A . 
D 3 HOH 42 242 83 HOH HOH A . 
D 3 HOH 43 243 90 HOH HOH A . 
D 3 HOH 44 244 92 HOH HOH A . 
D 3 HOH 45 245 93 HOH HOH A . 
D 3 HOH 46 246 97 HOH HOH A . 
E 3 HOH 1  101 2  HOH HOH B . 
E 3 HOH 2  102 5  HOH HOH B . 
E 3 HOH 3  103 9  HOH HOH B . 
E 3 HOH 4  104 10 HOH HOH B . 
E 3 HOH 5  105 13 HOH HOH B . 
E 3 HOH 6  106 16 HOH HOH B . 
E 3 HOH 7  107 17 HOH HOH B . 
E 3 HOH 8  108 18 HOH HOH B . 
E 3 HOH 9  109 19 HOH HOH B . 
E 3 HOH 10 110 21 HOH HOH B . 
E 3 HOH 11 111 22 HOH HOH B . 
E 3 HOH 12 112 25 HOH HOH B . 
E 3 HOH 13 113 28 HOH HOH B . 
E 3 HOH 14 114 31 HOH HOH B . 
E 3 HOH 15 115 32 HOH HOH B . 
E 3 HOH 16 116 34 HOH HOH B . 
E 3 HOH 17 117 37 HOH HOH B . 
E 3 HOH 18 118 38 HOH HOH B . 
E 3 HOH 19 119 39 HOH HOH B . 
E 3 HOH 20 120 41 HOH HOH B . 
E 3 HOH 21 121 46 HOH HOH B . 
E 3 HOH 22 122 48 HOH HOH B . 
E 3 HOH 23 123 49 HOH HOH B . 
E 3 HOH 24 124 52 HOH HOH B . 
E 3 HOH 25 125 53 HOH HOH B . 
E 3 HOH 26 126 55 HOH HOH B . 
E 3 HOH 27 127 56 HOH HOH B . 
E 3 HOH 28 128 60 HOH HOH B . 
E 3 HOH 29 129 65 HOH HOH B . 
E 3 HOH 30 130 66 HOH HOH B . 
E 3 HOH 31 131 67 HOH HOH B . 
E 3 HOH 32 132 77 HOH HOH B . 
E 3 HOH 33 133 78 HOH HOH B . 
E 3 HOH 34 134 79 HOH HOH B . 
E 3 HOH 35 135 80 HOH HOH B . 
E 3 HOH 36 136 81 HOH HOH B . 
E 3 HOH 37 137 82 HOH HOH B . 
E 3 HOH 38 138 84 HOH HOH B . 
E 3 HOH 39 139 85 HOH HOH B . 
E 3 HOH 40 140 86 HOH HOH B . 
E 3 HOH 41 141 87 HOH HOH B . 
E 3 HOH 42 142 88 HOH HOH B . 
E 3 HOH 43 143 89 HOH HOH B . 
E 3 HOH 44 144 91 HOH HOH B . 
E 3 HOH 45 145 94 HOH HOH B . 
E 3 HOH 46 146 95 HOH HOH B . 
E 3 HOH 47 147 96 HOH HOH B . 
E 3 HOH 48 148 98 HOH HOH B . 
# 
_pdbx_struct_assembly.id                   1 
_pdbx_struct_assembly.details              author_and_software_defined_assembly 
_pdbx_struct_assembly.method_details       PISA 
_pdbx_struct_assembly.oligomeric_details   dimeric 
_pdbx_struct_assembly.oligomeric_count     2 
# 
_pdbx_struct_assembly_gen.assembly_id       1 
_pdbx_struct_assembly_gen.oper_expression   1 
_pdbx_struct_assembly_gen.asym_id_list      A,B,C,D,E 
# 
loop_
_pdbx_struct_assembly_prop.biol_id 
_pdbx_struct_assembly_prop.type 
_pdbx_struct_assembly_prop.value 
_pdbx_struct_assembly_prop.details 
1 'ABSA (A^2)' 1190 ? 
1 MORE         -7   ? 
1 'SSA (A^2)'  4570 ? 
# 
_pdbx_struct_oper_list.id                   1 
_pdbx_struct_oper_list.type                 'identity operation' 
_pdbx_struct_oper_list.name                 1_555 
_pdbx_struct_oper_list.symmetry_operation   x,y,z 
_pdbx_struct_oper_list.matrix[1][1]         1.0000000000 
_pdbx_struct_oper_list.matrix[1][2]         0.0000000000 
_pdbx_struct_oper_list.matrix[1][3]         0.0000000000 
_pdbx_struct_oper_list.vector[1]            0.0000000000 
_pdbx_struct_oper_list.matrix[2][1]         0.0000000000 
_pdbx_struct_oper_list.matrix[2][2]         1.0000000000 
_pdbx_struct_oper_list.matrix[2][3]         0.0000000000 
_pdbx_struct_oper_list.vector[2]            0.0000000000 
_pdbx_struct_oper_list.matrix[3][1]         0.0000000000 
_pdbx_struct_oper_list.matrix[3][2]         0.0000000000 
_pdbx_struct_oper_list.matrix[3][3]         1.0000000000 
_pdbx_struct_oper_list.vector[3]            0.0000000000 
# 
loop_
_pdbx_struct_conn_angle.id 
_pdbx_struct_conn_angle.ptnr1_label_atom_id 
_pdbx_struct_conn_angle.ptnr1_label_alt_id 
_pdbx_struct_conn_angle.ptnr1_label_asym_id 
_pdbx_struct_conn_angle.ptnr1_label_comp_id 
_pdbx_struct_conn_angle.ptnr1_label_seq_id 
_pdbx_struct_conn_angle.ptnr1_auth_atom_id 
_pdbx_struct_conn_angle.ptnr1_auth_asym_id 
_pdbx_struct_conn_angle.ptnr1_auth_comp_id 
_pdbx_struct_conn_angle.ptnr1_auth_seq_id 
_pdbx_struct_conn_angle.ptnr1_PDB_ins_code 
_pdbx_struct_conn_angle.ptnr1_symmetry 
_pdbx_struct_conn_angle.ptnr2_label_atom_id 
_pdbx_struct_conn_angle.ptnr2_label_alt_id 
_pdbx_struct_conn_angle.ptnr2_label_asym_id 
_pdbx_struct_conn_angle.ptnr2_label_comp_id 
_pdbx_struct_conn_angle.ptnr2_label_seq_id 
_pdbx_struct_conn_angle.ptnr2_auth_atom_id 
_pdbx_struct_conn_angle.ptnr2_auth_asym_id 
_pdbx_struct_conn_angle.ptnr2_auth_comp_id 
_pdbx_struct_conn_angle.ptnr2_auth_seq_id 
_pdbx_struct_conn_angle.ptnr2_PDB_ins_code 
_pdbx_struct_conn_angle.ptnr2_symmetry 
_pdbx_struct_conn_angle.ptnr3_label_atom_id 
_pdbx_struct_conn_angle.ptnr3_label_alt_id 
_pdbx_struct_conn_angle.ptnr3_label_asym_id 
_pdbx_struct_conn_angle.ptnr3_label_comp_id 
_pdbx_struct_conn_angle.ptnr3_label_seq_id 
_pdbx_struct_conn_angle.ptnr3_auth_atom_id 
_pdbx_struct_conn_angle.ptnr3_auth_asym_id 
_pdbx_struct_conn_angle.ptnr3_auth_comp_id 
_pdbx_struct_conn_angle.ptnr3_auth_seq_id 
_pdbx_struct_conn_angle.ptnr3_PDB_ins_code 
_pdbx_struct_conn_angle.ptnr3_symmetry 
_pdbx_struct_conn_angle.value 
_pdbx_struct_conn_angle.value_esd 
1  O ? D HOH . ? A HOH 233 ? 1_555 MG ? C MG . ? A MG 101 ? 1_555 O ? D HOH . ? A HOH 234 ? 1_555 89.4  ? 
2  O ? D HOH . ? A HOH 233 ? 1_555 MG ? C MG . ? A MG 101 ? 1_555 O ? E HOH . ? B HOH 101 ? 1_555 94.2  ? 
3  O ? D HOH . ? A HOH 234 ? 1_555 MG ? C MG . ? A MG 101 ? 1_555 O ? E HOH . ? B HOH 101 ? 1_555 83.0  ? 
4  O ? D HOH . ? A HOH 233 ? 1_555 MG ? C MG . ? A MG 101 ? 1_555 O ? E HOH . ? B HOH 129 ? 1_555 92.7  ? 
5  O ? D HOH . ? A HOH 234 ? 1_555 MG ? C MG . ? A MG 101 ? 1_555 O ? E HOH . ? B HOH 129 ? 1_555 169.8 ? 
6  O ? E HOH . ? B HOH 101 ? 1_555 MG ? C MG . ? A MG 101 ? 1_555 O ? E HOH . ? B HOH 129 ? 1_555 87.0  ? 
7  O ? D HOH . ? A HOH 233 ? 1_555 MG ? C MG . ? A MG 101 ? 1_555 O ? E HOH . ? B HOH 130 ? 1_555 90.0  ? 
8  O ? D HOH . ? A HOH 234 ? 1_555 MG ? C MG . ? A MG 101 ? 1_555 O ? E HOH . ? B HOH 130 ? 1_555 92.2  ? 
9  O ? E HOH . ? B HOH 101 ? 1_555 MG ? C MG . ? A MG 101 ? 1_555 O ? E HOH . ? B HOH 130 ? 1_555 173.5 ? 
10 O ? E HOH . ? B HOH 129 ? 1_555 MG ? C MG . ? A MG 101 ? 1_555 O ? E HOH . ? B HOH 130 ? 1_555 97.7  ? 
11 O ? D HOH . ? A HOH 233 ? 1_555 MG ? C MG . ? A MG 101 ? 1_555 O ? E HOH . ? B HOH 131 ? 1_555 175.4 ? 
12 O ? D HOH . ? A HOH 234 ? 1_555 MG ? C MG . ? A MG 101 ? 1_555 O ? E HOH . ? B HOH 131 ? 1_555 86.0  ? 
13 O ? E HOH . ? B HOH 101 ? 1_555 MG ? C MG . ? A MG 101 ? 1_555 O ? E HOH . ? B HOH 131 ? 1_555 86.0  ? 
14 O ? E HOH . ? B HOH 129 ? 1_555 MG ? C MG . ? A MG 101 ? 1_555 O ? E HOH . ? B HOH 131 ? 1_555 91.9  ? 
15 O ? E HOH . ? B HOH 130 ? 1_555 MG ? C MG . ? A MG 101 ? 1_555 O ? E HOH . ? B HOH 131 ? 1_555 89.3  ? 
# 
loop_
_pdbx_audit_revision_history.ordinal 
_pdbx_audit_revision_history.data_content_type 
_pdbx_audit_revision_history.major_revision 
_pdbx_audit_revision_history.minor_revision 
_pdbx_audit_revision_history.revision_date 
1 'Structure model' 1 0 2013-06-05 
2 'Structure model' 1 1 2017-11-15 
3 'Structure model' 1 2 2023-09-13 
# 
_pdbx_audit_revision_details.ordinal             1 
_pdbx_audit_revision_details.revision_ordinal    1 
_pdbx_audit_revision_details.data_content_type   'Structure model' 
_pdbx_audit_revision_details.provider            repository 
_pdbx_audit_revision_details.type                'Initial release' 
_pdbx_audit_revision_details.description         ? 
_pdbx_audit_revision_details.details             ? 
# 
loop_
_pdbx_audit_revision_group.ordinal 
_pdbx_audit_revision_group.revision_ordinal 
_pdbx_audit_revision_group.data_content_type 
_pdbx_audit_revision_group.group 
1 2 'Structure model' 'Refinement description' 
2 3 'Structure model' Advisory                 
3 3 'Structure model' 'Data collection'        
4 3 'Structure model' 'Database references'    
5 3 'Structure model' 'Derived calculations'   
6 3 'Structure model' 'Refinement description' 
# 
loop_
_pdbx_audit_revision_category.ordinal 
_pdbx_audit_revision_category.revision_ordinal 
_pdbx_audit_revision_category.data_content_type 
_pdbx_audit_revision_category.category 
1 2 'Structure model' software                      
2 3 'Structure model' chem_comp_atom                
3 3 'Structure model' chem_comp_bond                
4 3 'Structure model' database_2                    
5 3 'Structure model' pdbx_initial_refinement_model 
6 3 'Structure model' pdbx_struct_conn_angle        
7 3 'Structure model' pdbx_validate_polymer_linkage 
8 3 'Structure model' struct_conn                   
9 3 'Structure model' struct_site                   
# 
loop_
_pdbx_audit_revision_item.ordinal 
_pdbx_audit_revision_item.revision_ordinal 
_pdbx_audit_revision_item.data_content_type 
_pdbx_audit_revision_item.item 
1  3 'Structure model' '_database_2.pdbx_DOI'                        
2  3 'Structure model' '_database_2.pdbx_database_accession'         
3  3 'Structure model' '_pdbx_struct_conn_angle.ptnr1_auth_asym_id'  
4  3 'Structure model' '_pdbx_struct_conn_angle.ptnr1_auth_seq_id'   
5  3 'Structure model' '_pdbx_struct_conn_angle.ptnr1_label_asym_id' 
6  3 'Structure model' '_pdbx_struct_conn_angle.ptnr3_auth_asym_id'  
7  3 'Structure model' '_pdbx_struct_conn_angle.ptnr3_auth_seq_id'   
8  3 'Structure model' '_pdbx_struct_conn_angle.ptnr3_label_asym_id' 
9  3 'Structure model' '_pdbx_struct_conn_angle.value'               
10 3 'Structure model' '_struct_conn.pdbx_dist_value'                
11 3 'Structure model' '_struct_conn.pdbx_leaving_atom_flag'         
12 3 'Structure model' '_struct_conn.ptnr2_auth_asym_id'             
13 3 'Structure model' '_struct_conn.ptnr2_auth_seq_id'              
14 3 'Structure model' '_struct_conn.ptnr2_label_asym_id'            
15 3 'Structure model' '_struct_site.pdbx_auth_asym_id'              
16 3 'Structure model' '_struct_site.pdbx_auth_comp_id'              
17 3 'Structure model' '_struct_site.pdbx_auth_seq_id'               
# 
loop_
_software.name 
_software.classification 
_software.version 
_software.citation_id 
_software.pdbx_ordinal 
SBC-Collect 'data collection' Collect  ? 1 
MOLREP      phasing           .        ? 2 
REFMAC      refinement        5.6.0117 ? 3 
HKL-3000    'data reduction'  .        ? 4 
HKL-3000    'data scaling'    .        ? 5 
# 
loop_
_pdbx_validate_rmsd_angle.id 
_pdbx_validate_rmsd_angle.PDB_model_num 
_pdbx_validate_rmsd_angle.auth_atom_id_1 
_pdbx_validate_rmsd_angle.auth_asym_id_1 
_pdbx_validate_rmsd_angle.auth_comp_id_1 
_pdbx_validate_rmsd_angle.auth_seq_id_1 
_pdbx_validate_rmsd_angle.PDB_ins_code_1 
_pdbx_validate_rmsd_angle.label_alt_id_1 
_pdbx_validate_rmsd_angle.auth_atom_id_2 
_pdbx_validate_rmsd_angle.auth_asym_id_2 
_pdbx_validate_rmsd_angle.auth_comp_id_2 
_pdbx_validate_rmsd_angle.auth_seq_id_2 
_pdbx_validate_rmsd_angle.PDB_ins_code_2 
_pdbx_validate_rmsd_angle.label_alt_id_2 
_pdbx_validate_rmsd_angle.auth_atom_id_3 
_pdbx_validate_rmsd_angle.auth_asym_id_3 
_pdbx_validate_rmsd_angle.auth_comp_id_3 
_pdbx_validate_rmsd_angle.auth_seq_id_3 
_pdbx_validate_rmsd_angle.PDB_ins_code_3 
_pdbx_validate_rmsd_angle.label_alt_id_3 
_pdbx_validate_rmsd_angle.angle_value 
_pdbx_validate_rmsd_angle.angle_target_value 
_pdbx_validate_rmsd_angle.angle_deviation 
_pdbx_validate_rmsd_angle.angle_standard_deviation 
_pdbx_validate_rmsd_angle.linker_flag 
1 1 "O5'" A DC 3  ? ? P     A DC  3  ? ? OP2   A DC  3  ? ? 99.91  105.70 -5.79  0.90 N 
2 1 "O5'" A DA 6  ? ? P     A DA  6  ? ? OP2   A DA  6  ? ? 97.52  105.70 -8.18  0.90 N 
3 1 "C3'" A DG 10 ? ? "C2'" A DG  10 ? ? "C1'" A DG  10 ? ? 97.57  102.40 -4.83  0.80 N 
4 1 "O5'" A DG 12 ? ? P     A DG  12 ? ? OP2   A DG  12 ? ? 100.20 105.70 -5.50  0.90 N 
5 1 "C3'" B DT 20 ? ? "O3'" B DT  20 ? ? P     B 5OC 21 ? ? 127.89 119.70 8.19   1.20 Y 
6 1 "O3'" B DT 20 ? ? P     B 5OC 21 ? ? "O5'" B 5OC 21 ? ? 91.93  104.00 -12.07 1.90 Y 
# 
loop_
_pdbx_validate_polymer_linkage.id 
_pdbx_validate_polymer_linkage.PDB_model_num 
_pdbx_validate_polymer_linkage.auth_atom_id_1 
_pdbx_validate_polymer_linkage.auth_asym_id_1 
_pdbx_validate_polymer_linkage.auth_comp_id_1 
_pdbx_validate_polymer_linkage.auth_seq_id_1 
_pdbx_validate_polymer_linkage.PDB_ins_code_1 
_pdbx_validate_polymer_linkage.label_alt_id_1 
_pdbx_validate_polymer_linkage.auth_atom_id_2 
_pdbx_validate_polymer_linkage.auth_asym_id_2 
_pdbx_validate_polymer_linkage.auth_comp_id_2 
_pdbx_validate_polymer_linkage.auth_seq_id_2 
_pdbx_validate_polymer_linkage.PDB_ins_code_2 
_pdbx_validate_polymer_linkage.label_alt_id_2 
_pdbx_validate_polymer_linkage.dist 
1 1 OP2 A 5OC 9  ? ? P A DG 10 ? ? 7.31 
2 1 OP2 B 5OC 21 ? ? P B DG 22 ? ? 7.03 
# 
loop_
_chem_comp_atom.comp_id 
_chem_comp_atom.atom_id 
_chem_comp_atom.type_symbol 
_chem_comp_atom.pdbx_aromatic_flag 
_chem_comp_atom.pdbx_stereo_config 
_chem_comp_atom.pdbx_ordinal 
5OC P      P  N N 1   
5OC N1     N  N N 2   
5OC C2     C  N N 3   
5OC O2     O  N N 4   
5OC N3     N  N N 5   
5OC C4     C  N N 6   
5OC N4     N  N N 7   
5OC C5     C  N N 8   
5OC O5     O  N N 9   
5OC C6     C  N N 10  
5OC "C1'"  C  N R 11  
5OC "C2'"  C  N N 12  
5OC "C3'"  C  N S 13  
5OC "O3'"  O  N N 14  
5OC "C4'"  C  N R 15  
5OC "O4'"  O  N N 16  
5OC "C5'"  C  N N 17  
5OC "O5'"  O  N N 18  
5OC OP1    O  N N 19  
5OC OP3    O  N N 20  
5OC HN4    H  N N 21  
5OC HN4A   H  N N 22  
5OC H6     H  N N 23  
5OC "H1'"  H  N N 24  
5OC "H2'"  H  N N 25  
5OC "H2'A" H  N N 26  
5OC "H3'"  H  N N 27  
5OC "HO3'" H  N N 28  
5OC "H4'"  H  N N 29  
5OC "H5'"  H  N N 30  
5OC "H5'A" H  N N 31  
5OC HOP1   H  N N 32  
5OC OP2    O  N N 33  
5OC H13    H  N N 34  
5OC HOP2   H  N N 35  
DA  OP3    O  N N 36  
DA  P      P  N N 37  
DA  OP1    O  N N 38  
DA  OP2    O  N N 39  
DA  "O5'"  O  N N 40  
DA  "C5'"  C  N N 41  
DA  "C4'"  C  N R 42  
DA  "O4'"  O  N N 43  
DA  "C3'"  C  N S 44  
DA  "O3'"  O  N N 45  
DA  "C2'"  C  N N 46  
DA  "C1'"  C  N R 47  
DA  N9     N  Y N 48  
DA  C8     C  Y N 49  
DA  N7     N  Y N 50  
DA  C5     C  Y N 51  
DA  C6     C  Y N 52  
DA  N6     N  N N 53  
DA  N1     N  Y N 54  
DA  C2     C  Y N 55  
DA  N3     N  Y N 56  
DA  C4     C  Y N 57  
DA  HOP3   H  N N 58  
DA  HOP2   H  N N 59  
DA  "H5'"  H  N N 60  
DA  "H5''" H  N N 61  
DA  "H4'"  H  N N 62  
DA  "H3'"  H  N N 63  
DA  "HO3'" H  N N 64  
DA  "H2'"  H  N N 65  
DA  "H2''" H  N N 66  
DA  "H1'"  H  N N 67  
DA  H8     H  N N 68  
DA  H61    H  N N 69  
DA  H62    H  N N 70  
DA  H2     H  N N 71  
DC  OP3    O  N N 72  
DC  P      P  N N 73  
DC  OP1    O  N N 74  
DC  OP2    O  N N 75  
DC  "O5'"  O  N N 76  
DC  "C5'"  C  N N 77  
DC  "C4'"  C  N R 78  
DC  "O4'"  O  N N 79  
DC  "C3'"  C  N S 80  
DC  "O3'"  O  N N 81  
DC  "C2'"  C  N N 82  
DC  "C1'"  C  N R 83  
DC  N1     N  N N 84  
DC  C2     C  N N 85  
DC  O2     O  N N 86  
DC  N3     N  N N 87  
DC  C4     C  N N 88  
DC  N4     N  N N 89  
DC  C5     C  N N 90  
DC  C6     C  N N 91  
DC  HOP3   H  N N 92  
DC  HOP2   H  N N 93  
DC  "H5'"  H  N N 94  
DC  "H5''" H  N N 95  
DC  "H4'"  H  N N 96  
DC  "H3'"  H  N N 97  
DC  "HO3'" H  N N 98  
DC  "H2'"  H  N N 99  
DC  "H2''" H  N N 100 
DC  "H1'"  H  N N 101 
DC  H41    H  N N 102 
DC  H42    H  N N 103 
DC  H5     H  N N 104 
DC  H6     H  N N 105 
DG  OP3    O  N N 106 
DG  P      P  N N 107 
DG  OP1    O  N N 108 
DG  OP2    O  N N 109 
DG  "O5'"  O  N N 110 
DG  "C5'"  C  N N 111 
DG  "C4'"  C  N R 112 
DG  "O4'"  O  N N 113 
DG  "C3'"  C  N S 114 
DG  "O3'"  O  N N 115 
DG  "C2'"  C  N N 116 
DG  "C1'"  C  N R 117 
DG  N9     N  Y N 118 
DG  C8     C  Y N 119 
DG  N7     N  Y N 120 
DG  C5     C  Y N 121 
DG  C6     C  N N 122 
DG  O6     O  N N 123 
DG  N1     N  N N 124 
DG  C2     C  N N 125 
DG  N2     N  N N 126 
DG  N3     N  N N 127 
DG  C4     C  Y N 128 
DG  HOP3   H  N N 129 
DG  HOP2   H  N N 130 
DG  "H5'"  H  N N 131 
DG  "H5''" H  N N 132 
DG  "H4'"  H  N N 133 
DG  "H3'"  H  N N 134 
DG  "HO3'" H  N N 135 
DG  "H2'"  H  N N 136 
DG  "H2''" H  N N 137 
DG  "H1'"  H  N N 138 
DG  H8     H  N N 139 
DG  H1     H  N N 140 
DG  H21    H  N N 141 
DG  H22    H  N N 142 
DT  OP3    O  N N 143 
DT  P      P  N N 144 
DT  OP1    O  N N 145 
DT  OP2    O  N N 146 
DT  "O5'"  O  N N 147 
DT  "C5'"  C  N N 148 
DT  "C4'"  C  N R 149 
DT  "O4'"  O  N N 150 
DT  "C3'"  C  N S 151 
DT  "O3'"  O  N N 152 
DT  "C2'"  C  N N 153 
DT  "C1'"  C  N R 154 
DT  N1     N  N N 155 
DT  C2     C  N N 156 
DT  O2     O  N N 157 
DT  N3     N  N N 158 
DT  C4     C  N N 159 
DT  O4     O  N N 160 
DT  C5     C  N N 161 
DT  C7     C  N N 162 
DT  C6     C  N N 163 
DT  HOP3   H  N N 164 
DT  HOP2   H  N N 165 
DT  "H5'"  H  N N 166 
DT  "H5''" H  N N 167 
DT  "H4'"  H  N N 168 
DT  "H3'"  H  N N 169 
DT  "HO3'" H  N N 170 
DT  "H2'"  H  N N 171 
DT  "H2''" H  N N 172 
DT  "H1'"  H  N N 173 
DT  H3     H  N N 174 
DT  H71    H  N N 175 
DT  H72    H  N N 176 
DT  H73    H  N N 177 
DT  H6     H  N N 178 
HOH O      O  N N 179 
HOH H1     H  N N 180 
HOH H2     H  N N 181 
MG  MG     MG N N 182 
# 
loop_
_chem_comp_bond.comp_id 
_chem_comp_bond.atom_id_1 
_chem_comp_bond.atom_id_2 
_chem_comp_bond.value_order 
_chem_comp_bond.pdbx_aromatic_flag 
_chem_comp_bond.pdbx_stereo_config 
_chem_comp_bond.pdbx_ordinal 
5OC P     "O5'"  sing N N 1   
5OC P     OP3    doub N N 2   
5OC N1    C6     sing N N 3   
5OC N1    C2     sing N N 4   
5OC C2    N3     sing N N 5   
5OC O2    C2     doub N N 6   
5OC N3    C4     doub N N 7   
5OC C4    N4     sing N N 8   
5OC N4    HN4    sing N N 9   
5OC N4    HN4A   sing N N 10  
5OC C5    C4     sing N N 11  
5OC C5    O5     sing N N 12  
5OC C6    C5     doub N N 13  
5OC C6    H6     sing N N 14  
5OC "C1'" N1     sing N N 15  
5OC "C1'" "C2'"  sing N N 16  
5OC "C1'" "H1'"  sing N N 17  
5OC "C2'" "H2'"  sing N N 18  
5OC "C2'" "H2'A" sing N N 19  
5OC "C3'" "C2'"  sing N N 20  
5OC "C3'" "O3'"  sing N N 21  
5OC "C3'" "H3'"  sing N N 22  
5OC "O3'" "HO3'" sing N N 23  
5OC "C4'" "C3'"  sing N N 24  
5OC "C4'" "H4'"  sing N N 25  
5OC "O4'" "C1'"  sing N N 26  
5OC "O4'" "C4'"  sing N N 27  
5OC "C5'" "C4'"  sing N N 28  
5OC "C5'" "O5'"  sing N N 29  
5OC "C5'" "H5'"  sing N N 30  
5OC "C5'" "H5'A" sing N N 31  
5OC OP1   P      sing N N 32  
5OC OP1   HOP1   sing N N 33  
5OC P     OP2    sing N N 34  
5OC O5    H13    sing N N 35  
5OC OP2   HOP2   sing N N 36  
DA  OP3   P      sing N N 37  
DA  OP3   HOP3   sing N N 38  
DA  P     OP1    doub N N 39  
DA  P     OP2    sing N N 40  
DA  P     "O5'"  sing N N 41  
DA  OP2   HOP2   sing N N 42  
DA  "O5'" "C5'"  sing N N 43  
DA  "C5'" "C4'"  sing N N 44  
DA  "C5'" "H5'"  sing N N 45  
DA  "C5'" "H5''" sing N N 46  
DA  "C4'" "O4'"  sing N N 47  
DA  "C4'" "C3'"  sing N N 48  
DA  "C4'" "H4'"  sing N N 49  
DA  "O4'" "C1'"  sing N N 50  
DA  "C3'" "O3'"  sing N N 51  
DA  "C3'" "C2'"  sing N N 52  
DA  "C3'" "H3'"  sing N N 53  
DA  "O3'" "HO3'" sing N N 54  
DA  "C2'" "C1'"  sing N N 55  
DA  "C2'" "H2'"  sing N N 56  
DA  "C2'" "H2''" sing N N 57  
DA  "C1'" N9     sing N N 58  
DA  "C1'" "H1'"  sing N N 59  
DA  N9    C8     sing Y N 60  
DA  N9    C4     sing Y N 61  
DA  C8    N7     doub Y N 62  
DA  C8    H8     sing N N 63  
DA  N7    C5     sing Y N 64  
DA  C5    C6     sing Y N 65  
DA  C5    C4     doub Y N 66  
DA  C6    N6     sing N N 67  
DA  C6    N1     doub Y N 68  
DA  N6    H61    sing N N 69  
DA  N6    H62    sing N N 70  
DA  N1    C2     sing Y N 71  
DA  C2    N3     doub Y N 72  
DA  C2    H2     sing N N 73  
DA  N3    C4     sing Y N 74  
DC  OP3   P      sing N N 75  
DC  OP3   HOP3   sing N N 76  
DC  P     OP1    doub N N 77  
DC  P     OP2    sing N N 78  
DC  P     "O5'"  sing N N 79  
DC  OP2   HOP2   sing N N 80  
DC  "O5'" "C5'"  sing N N 81  
DC  "C5'" "C4'"  sing N N 82  
DC  "C5'" "H5'"  sing N N 83  
DC  "C5'" "H5''" sing N N 84  
DC  "C4'" "O4'"  sing N N 85  
DC  "C4'" "C3'"  sing N N 86  
DC  "C4'" "H4'"  sing N N 87  
DC  "O4'" "C1'"  sing N N 88  
DC  "C3'" "O3'"  sing N N 89  
DC  "C3'" "C2'"  sing N N 90  
DC  "C3'" "H3'"  sing N N 91  
DC  "O3'" "HO3'" sing N N 92  
DC  "C2'" "C1'"  sing N N 93  
DC  "C2'" "H2'"  sing N N 94  
DC  "C2'" "H2''" sing N N 95  
DC  "C1'" N1     sing N N 96  
DC  "C1'" "H1'"  sing N N 97  
DC  N1    C2     sing N N 98  
DC  N1    C6     sing N N 99  
DC  C2    O2     doub N N 100 
DC  C2    N3     sing N N 101 
DC  N3    C4     doub N N 102 
DC  C4    N4     sing N N 103 
DC  C4    C5     sing N N 104 
DC  N4    H41    sing N N 105 
DC  N4    H42    sing N N 106 
DC  C5    C6     doub N N 107 
DC  C5    H5     sing N N 108 
DC  C6    H6     sing N N 109 
DG  OP3   P      sing N N 110 
DG  OP3   HOP3   sing N N 111 
DG  P     OP1    doub N N 112 
DG  P     OP2    sing N N 113 
DG  P     "O5'"  sing N N 114 
DG  OP2   HOP2   sing N N 115 
DG  "O5'" "C5'"  sing N N 116 
DG  "C5'" "C4'"  sing N N 117 
DG  "C5'" "H5'"  sing N N 118 
DG  "C5'" "H5''" sing N N 119 
DG  "C4'" "O4'"  sing N N 120 
DG  "C4'" "C3'"  sing N N 121 
DG  "C4'" "H4'"  sing N N 122 
DG  "O4'" "C1'"  sing N N 123 
DG  "C3'" "O3'"  sing N N 124 
DG  "C3'" "C2'"  sing N N 125 
DG  "C3'" "H3'"  sing N N 126 
DG  "O3'" "HO3'" sing N N 127 
DG  "C2'" "C1'"  sing N N 128 
DG  "C2'" "H2'"  sing N N 129 
DG  "C2'" "H2''" sing N N 130 
DG  "C1'" N9     sing N N 131 
DG  "C1'" "H1'"  sing N N 132 
DG  N9    C8     sing Y N 133 
DG  N9    C4     sing Y N 134 
DG  C8    N7     doub Y N 135 
DG  C8    H8     sing N N 136 
DG  N7    C5     sing Y N 137 
DG  C5    C6     sing N N 138 
DG  C5    C4     doub Y N 139 
DG  C6    O6     doub N N 140 
DG  C6    N1     sing N N 141 
DG  N1    C2     sing N N 142 
DG  N1    H1     sing N N 143 
DG  C2    N2     sing N N 144 
DG  C2    N3     doub N N 145 
DG  N2    H21    sing N N 146 
DG  N2    H22    sing N N 147 
DG  N3    C4     sing N N 148 
DT  OP3   P      sing N N 149 
DT  OP3   HOP3   sing N N 150 
DT  P     OP1    doub N N 151 
DT  P     OP2    sing N N 152 
DT  P     "O5'"  sing N N 153 
DT  OP2   HOP2   sing N N 154 
DT  "O5'" "C5'"  sing N N 155 
DT  "C5'" "C4'"  sing N N 156 
DT  "C5'" "H5'"  sing N N 157 
DT  "C5'" "H5''" sing N N 158 
DT  "C4'" "O4'"  sing N N 159 
DT  "C4'" "C3'"  sing N N 160 
DT  "C4'" "H4'"  sing N N 161 
DT  "O4'" "C1'"  sing N N 162 
DT  "C3'" "O3'"  sing N N 163 
DT  "C3'" "C2'"  sing N N 164 
DT  "C3'" "H3'"  sing N N 165 
DT  "O3'" "HO3'" sing N N 166 
DT  "C2'" "C1'"  sing N N 167 
DT  "C2'" "H2'"  sing N N 168 
DT  "C2'" "H2''" sing N N 169 
DT  "C1'" N1     sing N N 170 
DT  "C1'" "H1'"  sing N N 171 
DT  N1    C2     sing N N 172 
DT  N1    C6     sing N N 173 
DT  C2    O2     doub N N 174 
DT  C2    N3     sing N N 175 
DT  N3    C4     sing N N 176 
DT  N3    H3     sing N N 177 
DT  C4    O4     doub N N 178 
DT  C4    C5     sing N N 179 
DT  C5    C7     sing N N 180 
DT  C5    C6     doub N N 181 
DT  C7    H71    sing N N 182 
DT  C7    H72    sing N N 183 
DT  C7    H73    sing N N 184 
DT  C6    H6     sing N N 185 
HOH O     H1     sing N N 186 
HOH O     H2     sing N N 187 
# 
loop_
_ndb_struct_conf_na.entry_id 
_ndb_struct_conf_na.feature 
4F3U 'double helix'         
4F3U 'b-form double helix'  
4F3U 'mismatched base pair' 
# 
loop_
_ndb_struct_na_base_pair.model_number 
_ndb_struct_na_base_pair.i_label_asym_id 
_ndb_struct_na_base_pair.i_label_comp_id 
_ndb_struct_na_base_pair.i_label_seq_id 
_ndb_struct_na_base_pair.i_symmetry 
_ndb_struct_na_base_pair.j_label_asym_id 
_ndb_struct_na_base_pair.j_label_comp_id 
_ndb_struct_na_base_pair.j_label_seq_id 
_ndb_struct_na_base_pair.j_symmetry 
_ndb_struct_na_base_pair.shear 
_ndb_struct_na_base_pair.stretch 
_ndb_struct_na_base_pair.stagger 
_ndb_struct_na_base_pair.buckle 
_ndb_struct_na_base_pair.propeller 
_ndb_struct_na_base_pair.opening 
_ndb_struct_na_base_pair.pair_number 
_ndb_struct_na_base_pair.pair_name 
_ndb_struct_na_base_pair.i_auth_asym_id 
_ndb_struct_na_base_pair.i_auth_seq_id 
_ndb_struct_na_base_pair.i_PDB_ins_code 
_ndb_struct_na_base_pair.j_auth_asym_id 
_ndb_struct_na_base_pair.j_auth_seq_id 
_ndb_struct_na_base_pair.j_PDB_ins_code 
_ndb_struct_na_base_pair.hbond_type_28 
_ndb_struct_na_base_pair.hbond_type_12 
1 A DC 1  1_555 B DG 12 1_555 0.190  -0.121 0.133  5.508  -15.184 0.176  1  A_DC1:DG24_B  A 1  ? B 24 ? 19 1 
1 A DG 2  1_555 B DC 11 1_555 -0.234 -0.197 0.399  7.215  -11.875 -1.769 2  A_DG2:DC23_B  A 2  ? B 23 ? 19 1 
1 A DC 3  1_555 B DG 10 1_555 0.124  -0.164 0.097  -0.562 -5.860  -1.193 3  A_DC3:DG22_B  A 3  ? B 22 ? 19 1 
1 A DA 5  1_555 B DT 8  1_555 -0.020 -0.084 -0.071 5.862  -16.356 3.888  4  A_DA5:DT20_B  A 5  ? B 20 ? 20 1 
1 A DA 6  1_555 B DT 7  1_555 0.051  -0.103 0.142  2.175  -15.357 4.404  5  A_DA6:DT19_B  A 6  ? B 19 ? 20 1 
1 A DT 7  1_555 B DA 6  1_555 -0.046 -0.141 0.094  -1.242 -16.394 3.716  6  A_DT7:DA18_B  A 7  ? B 18 ? 20 1 
1 A DT 8  1_555 B DA 5  1_555 -0.073 -0.154 -0.112 -0.613 -13.579 3.819  7  A_DT8:DA17_B  A 8  ? B 17 ? 20 1 
1 A DG 10 1_555 B DC 3  1_555 -0.113 -0.088 0.254  4.802  -9.236  2.717  8  A_DG10:DC15_B A 10 ? B 15 ? 19 1 
1 A DC 11 1_555 B DG 2  1_555 0.112  -0.180 0.173  3.262  -16.058 -3.576 9  A_DC11:DG14_B A 11 ? B 14 ? 19 1 
1 A DG 12 1_555 B DC 1  1_555 -0.182 -0.095 0.207  6.240  -6.562  -1.687 10 A_DG12:DC13_B A 12 ? B 13 ? 19 1 
# 
loop_
_ndb_struct_na_base_pair_step.model_number 
_ndb_struct_na_base_pair_step.i_label_asym_id_1 
_ndb_struct_na_base_pair_step.i_label_comp_id_1 
_ndb_struct_na_base_pair_step.i_label_seq_id_1 
_ndb_struct_na_base_pair_step.i_symmetry_1 
_ndb_struct_na_base_pair_step.j_label_asym_id_1 
_ndb_struct_na_base_pair_step.j_label_comp_id_1 
_ndb_struct_na_base_pair_step.j_label_seq_id_1 
_ndb_struct_na_base_pair_step.j_symmetry_1 
_ndb_struct_na_base_pair_step.i_label_asym_id_2 
_ndb_struct_na_base_pair_step.i_label_comp_id_2 
_ndb_struct_na_base_pair_step.i_label_seq_id_2 
_ndb_struct_na_base_pair_step.i_symmetry_2 
_ndb_struct_na_base_pair_step.j_label_asym_id_2 
_ndb_struct_na_base_pair_step.j_label_comp_id_2 
_ndb_struct_na_base_pair_step.j_label_seq_id_2 
_ndb_struct_na_base_pair_step.j_symmetry_2 
_ndb_struct_na_base_pair_step.shift 
_ndb_struct_na_base_pair_step.slide 
_ndb_struct_na_base_pair_step.rise 
_ndb_struct_na_base_pair_step.tilt 
_ndb_struct_na_base_pair_step.roll 
_ndb_struct_na_base_pair_step.twist 
_ndb_struct_na_base_pair_step.x_displacement 
_ndb_struct_na_base_pair_step.y_displacement 
_ndb_struct_na_base_pair_step.helical_rise 
_ndb_struct_na_base_pair_step.inclination 
_ndb_struct_na_base_pair_step.tip 
_ndb_struct_na_base_pair_step.helical_twist 
_ndb_struct_na_base_pair_step.step_number 
_ndb_struct_na_base_pair_step.step_name 
_ndb_struct_na_base_pair_step.i_auth_asym_id_1 
_ndb_struct_na_base_pair_step.i_auth_seq_id_1 
_ndb_struct_na_base_pair_step.i_PDB_ins_code_1 
_ndb_struct_na_base_pair_step.j_auth_asym_id_1 
_ndb_struct_na_base_pair_step.j_auth_seq_id_1 
_ndb_struct_na_base_pair_step.j_PDB_ins_code_1 
_ndb_struct_na_base_pair_step.i_auth_asym_id_2 
_ndb_struct_na_base_pair_step.i_auth_seq_id_2 
_ndb_struct_na_base_pair_step.i_PDB_ins_code_2 
_ndb_struct_na_base_pair_step.j_auth_asym_id_2 
_ndb_struct_na_base_pair_step.j_auth_seq_id_2 
_ndb_struct_na_base_pair_step.j_PDB_ins_code_2 
1 A DC 1  1_555 B DG 12 1_555 A DG 2  1_555 B DC 11 1_555 -0.063 0.042  3.222 -2.175 6.088  34.384 -0.837 -0.220 3.181 10.186  
3.638  34.969 1 AA_DC1DG2:DC23DG24_BB   A 1  ? B 24 ? A 2  ? B 23 ? 
1 A DG 2  1_555 B DC 11 1_555 A DC 3  1_555 B DG 10 1_555 0.540  0.509  3.521 2.349  -6.084 41.646 1.380  -0.492 3.441 -8.495  
-3.280 42.132 2 AA_DG2DC3:DG22DC23_BB   A 2  ? B 23 ? A 3  ? B 22 ? 
1 A DC 3  1_555 B DG 10 1_555 A DA 5  1_555 B DT 8  1_555 0.014  0.423  6.488 3.423  11.012 64.142 -0.524 0.272  6.471 10.282  
-3.196 65.062 3 AA_DC3DA5:DT20DG22_BB   A 3  ? B 22 ? A 5  ? B 20 ? 
1 A DA 5  1_555 B DT 8  1_555 A DA 6  1_555 B DT 7  1_555 0.014  -0.292 3.260 -2.393 0.260  36.691 -0.498 -0.347 3.251 0.413   
3.796  36.767 4 AA_DA5DA6:DT19DT20_BB   A 5  ? B 20 ? A 6  ? B 19 ? 
1 A DA 6  1_555 B DT 7  1_555 A DT 7  1_555 B DA 6  1_555 0.015  -0.579 3.257 0.709  -1.125 32.324 -0.841 0.098  3.275 -2.020  
-1.273 32.350 5 AA_DA6DT7:DA18DT19_BB   A 6  ? B 19 ? A 7  ? B 18 ? 
1 A DT 7  1_555 B DA 6  1_555 A DT 8  1_555 B DA 5  1_555 -0.078 -0.358 3.185 1.787  -1.392 34.253 -0.394 0.406  3.189 -2.361  
-3.030 34.326 6 AA_DT7DT8:DA17DA18_BB   A 7  ? B 18 ? A 8  ? B 17 ? 
1 A DT 8  1_555 B DA 5  1_555 A DG 10 1_555 B DC 3  1_555 -0.058 0.675  6.476 -4.700 1.560  68.939 0.482  -0.290 6.480 1.376   
4.146  69.095 7 AA_DT8DG10:DC15DA17_BB  A 8  ? B 17 ? A 10 ? B 15 ? 
1 A DG 10 1_555 B DC 3  1_555 A DC 11 1_555 B DG 2  1_555 -1.308 0.514  3.348 -2.790 -8.861 42.050 1.596  1.502  3.256 -12.171 
3.831  43.019 8 AA_DG10DC11:DG14DC15_BB A 10 ? B 15 ? A 11 ? B 14 ? 
1 A DC 11 1_555 B DG 2  1_555 A DG 12 1_555 B DC 1  1_555 -0.032 0.338  3.225 -0.294 5.633  33.553 -0.317 0.009  3.237 9.673   
0.505  34.010 9 AA_DC11DG12:DC13DG14_BB A 11 ? B 14 ? A 12 ? B 13 ? 
# 
loop_
_pdbx_entity_nonpoly.entity_id 
_pdbx_entity_nonpoly.name 
_pdbx_entity_nonpoly.comp_id 
2 'MAGNESIUM ION' MG  
3 water           HOH 
# 
_pdbx_initial_refinement_model.id               1 
_pdbx_initial_refinement_model.entity_id_list   ? 
_pdbx_initial_refinement_model.type             'experimental model' 
_pdbx_initial_refinement_model.source_name      PDB 
_pdbx_initial_refinement_model.accession_code   436D 
_pdbx_initial_refinement_model.details          'PDB ENTRY 436D' 
# 
